data_4MJS
#
_entry.id   4MJS
#
_cell.length_a   85.715
_cell.length_b   135.681
_cell.length_c   259.559
_cell.angle_alpha   90.00
_cell.angle_beta   90.00
_cell.angle_gamma   90.00
#
_symmetry.space_group_name_H-M   'P 21 21 21'
#
loop_
_entity.id
_entity.type
_entity.pdbx_description
1 polymer 'Protein kinase C zeta type'
2 polymer Sequestosome-1
3 non-polymer 1,2-ETHANEDIOL
4 water water
#
loop_
_entity_poly.entity_id
_entity_poly.type
_entity_poly.pdbx_seq_one_letter_code
_entity_poly.pdbx_strand_id
1 'polypeptide(L)'
;GPHMRVRLKAHYGGDILITSVDPTTTFQDLCEEVRDMCGLHQQHPLTLKWVDSEGDPCTVSSQMELEEAFRLACQGRDEV
LIIHVFPSIPE
;
A,C,E,G,I,K,M,O,Q,S,U,W
2 'polypeptide(L)'
;GPHMSLTVKAYLLGKEDAAREIRRFSFCCSPEPEAEAEAAAGPGPCERLLSRVAALFPALRPGGFQAHYRAERGDLVAFS
SDEELTMAMSYVKDDIFRIYIKEK
;
B,D,F,H,J,L,N,P,R,T,V,X
#
loop_
_chem_comp.id
_chem_comp.type
_chem_comp.name
_chem_comp.formula
EDO non-polymer 1,2-ETHANEDIOL 'C2 H6 O2'
#
# COMPACT_ATOMS: atom_id res chain seq x y z
N PRO A 2 12.89 39.11 20.76
CA PRO A 2 13.31 38.28 19.62
C PRO A 2 12.67 36.90 19.70
N HIS A 3 13.32 35.96 20.39
CA HIS A 3 12.70 34.66 20.63
C HIS A 3 11.76 34.70 21.86
N MET A 4 10.85 33.75 21.95
CA MET A 4 9.97 33.66 23.12
C MET A 4 9.83 32.20 23.54
N ARG A 5 9.27 31.97 24.72
CA ARG A 5 9.07 30.60 25.22
C ARG A 5 8.31 29.75 24.19
N VAL A 6 8.68 28.48 24.07
CA VAL A 6 7.95 27.54 23.20
C VAL A 6 7.18 26.47 23.99
N ARG A 7 5.87 26.43 23.77
CA ARG A 7 5.05 25.36 24.32
C ARG A 7 4.97 24.21 23.32
N LEU A 8 5.64 23.12 23.71
CA LEU A 8 5.77 21.92 22.91
C LEU A 8 4.59 20.98 23.20
N LYS A 9 3.81 20.70 22.17
CA LYS A 9 2.70 19.78 22.30
C LYS A 9 2.88 18.65 21.31
N ALA A 10 3.14 17.49 21.87
CA ALA A 10 3.49 16.30 21.11
C ALA A 10 2.28 15.39 21.11
N HIS A 11 1.79 15.08 19.92
CA HIS A 11 0.65 14.17 19.82
C HIS A 11 1.18 12.79 19.53
N TYR A 12 1.26 11.97 20.57
CA TYR A 12 1.94 10.69 20.45
C TYR A 12 1.28 9.62 21.28
N GLY A 13 1.08 8.47 20.65
CA GLY A 13 0.52 7.29 21.30
C GLY A 13 -0.81 7.56 21.97
N GLY A 14 -1.64 8.38 21.31
CA GLY A 14 -2.92 8.78 21.87
C GLY A 14 -2.86 9.81 22.98
N ASP A 15 -1.66 10.27 23.34
CA ASP A 15 -1.52 11.29 24.39
C ASP A 15 -1.15 12.65 23.82
N ILE A 16 -1.32 13.67 24.65
CA ILE A 16 -0.87 14.99 24.31
C ILE A 16 0.17 15.40 25.35
N LEU A 17 1.44 15.20 25.02
CA LEU A 17 2.52 15.50 25.95
C LEU A 17 2.96 16.94 25.80
N ILE A 18 3.11 17.64 26.93
CA ILE A 18 3.39 19.08 26.90
C ILE A 18 4.62 19.45 27.74
N THR A 19 5.53 20.24 27.16
CA THR A 19 6.59 20.88 27.97
C THR A 19 6.92 22.25 27.42
N SER A 20 7.53 23.07 28.25
CA SER A 20 7.96 24.38 27.81
C SER A 20 9.47 24.41 27.65
N VAL A 21 9.95 25.20 26.70
CA VAL A 21 11.37 25.35 26.46
C VAL A 21 11.74 26.82 26.30
N ASP A 22 12.65 27.30 27.14
CA ASP A 22 13.08 28.69 27.09
C ASP A 22 14.41 28.85 26.38
N THR A 24 18.70 31.84 23.02
CA THR A 24 17.85 31.60 21.86
C THR A 24 17.37 30.15 21.80
N THR A 25 16.38 29.89 20.95
CA THR A 25 15.85 28.54 20.79
C THR A 25 16.08 28.04 19.36
N THR A 26 16.61 26.83 19.26
CA THR A 26 16.91 26.25 17.95
C THR A 26 16.01 25.07 17.60
N PHE A 27 15.72 24.92 16.31
CA PHE A 27 14.93 23.82 15.82
C PHE A 27 15.37 22.43 16.33
N GLN A 28 16.68 22.26 16.47
CA GLN A 28 17.27 20.98 16.89
C GLN A 28 17.01 20.68 18.38
N ASP A 29 17.08 21.71 19.22
CA ASP A 29 16.80 21.60 20.66
C ASP A 29 15.34 21.21 20.91
N LEU A 30 14.44 21.81 20.15
CA LEU A 30 13.03 21.47 20.18
C LEU A 30 12.82 20.00 19.82
N CYS A 31 13.46 19.56 18.72
CA CYS A 31 13.39 18.15 18.36
C CYS A 31 13.90 17.18 19.44
N GLU A 32 15.01 17.54 20.08
CA GLU A 32 15.61 16.73 21.13
C GLU A 32 14.73 16.68 22.38
N GLU A 33 14.17 17.83 22.74
CA GLU A 33 13.19 17.93 23.81
C GLU A 33 11.94 17.05 23.55
N VAL A 34 11.42 17.08 22.34
CA VAL A 34 10.29 16.21 22.01
C VAL A 34 10.65 14.73 22.11
N ARG A 35 11.80 14.35 21.57
CA ARG A 35 12.23 12.95 21.62
C ARG A 35 12.50 12.44 23.04
N ASP A 36 13.06 13.31 23.89
CA ASP A 36 13.29 12.96 25.28
C ASP A 36 11.96 12.83 26.01
N MET A 37 11.07 13.81 25.82
CA MET A 37 9.73 13.75 26.41
C MET A 37 8.95 12.50 26.03
N CYS A 38 9.01 12.12 24.74
CA CYS A 38 8.23 10.96 24.30
C CYS A 38 8.95 9.62 24.42
N GLY A 39 10.17 9.61 24.97
CA GLY A 39 10.96 8.40 24.99
C GLY A 39 11.22 7.84 23.60
N LEU A 40 11.59 8.72 22.66
CA LEU A 40 11.88 8.31 21.30
C LEU A 40 13.39 8.17 21.06
N HIS A 41 13.72 7.26 20.13
CA HIS A 41 15.07 7.07 19.59
C HIS A 41 15.56 8.39 18.96
N GLN A 42 16.85 8.68 19.07
CA GLN A 42 17.43 9.95 18.57
C GLN A 42 17.01 10.31 17.14
N GLN A 43 16.78 9.29 16.30
CA GLN A 43 16.48 9.47 14.89
C GLN A 43 15.01 9.43 14.51
N HIS A 44 14.12 9.38 15.49
CA HIS A 44 12.68 9.23 15.22
C HIS A 44 12.19 10.44 14.44
N PRO A 45 11.69 10.23 13.21
CA PRO A 45 11.31 11.41 12.44
C PRO A 45 10.07 12.09 13.05
N LEU A 46 10.08 13.42 13.03
CA LEU A 46 9.03 14.23 13.62
C LEU A 46 8.46 15.16 12.55
N THR A 47 7.23 15.61 12.75
CA THR A 47 6.72 16.74 11.98
C THR A 47 6.28 17.79 12.96
N LEU A 48 6.82 18.98 12.82
CA LEU A 48 6.51 20.09 13.72
C LEU A 48 5.71 21.15 12.95
N LYS A 49 4.66 21.66 13.57
CA LYS A 49 3.84 22.69 12.93
C LYS A 49 3.47 23.77 13.92
N TRP A 50 3.44 25.02 13.47
CA TRP A 50 2.84 26.08 14.29
C TRP A 50 1.63 26.63 13.53
N VAL A 51 0.55 26.91 14.24
CA VAL A 51 -0.62 27.47 13.59
C VAL A 51 -0.55 29.00 13.60
N ASP A 52 -0.74 29.61 12.44
CA ASP A 52 -0.61 31.06 12.33
C ASP A 52 -1.92 31.84 12.59
N SER A 53 -1.84 33.15 12.39
CA SER A 53 -2.98 34.06 12.64
C SER A 53 -4.21 33.74 11.81
N GLU A 54 -4.02 33.05 10.69
CA GLU A 54 -5.15 32.68 9.85
C GLU A 54 -5.61 31.25 10.15
N GLY A 55 -5.01 30.65 11.18
CA GLY A 55 -5.38 29.31 11.58
C GLY A 55 -4.86 28.20 10.70
N ASP A 56 -3.82 28.49 9.92
CA ASP A 56 -3.16 27.48 9.10
C ASP A 56 -2.00 26.82 9.86
N PRO A 57 -1.98 25.49 9.85
CA PRO A 57 -0.77 24.83 10.34
C PRO A 57 0.35 25.04 9.32
N CYS A 58 1.48 25.49 9.83
CA CYS A 58 2.66 25.78 9.05
C CYS A 58 3.78 24.87 9.49
N THR A 59 4.28 24.06 8.55
CA THR A 59 5.30 23.09 8.89
C THR A 59 6.67 23.76 9.06
N VAL A 60 7.34 23.47 10.18
CA VAL A 60 8.68 23.97 10.39
C VAL A 60 9.63 22.78 10.48
N SER A 61 10.56 22.72 9.55
CA SER A 61 11.56 21.67 9.57
C SER A 61 12.93 22.28 9.45
N SER A 62 13.10 23.49 9.97
CA SER A 62 14.39 24.19 9.90
C SER A 62 14.47 25.37 10.85
N GLN A 63 15.69 25.85 11.06
CA GLN A 63 15.89 27.06 11.85
C GLN A 63 15.23 28.30 11.21
N MET A 64 15.34 28.42 9.89
CA MET A 64 14.77 29.56 9.18
C MET A 64 13.25 29.67 9.38
N GLU A 65 12.55 28.54 9.27
CA GLU A 65 11.11 28.50 9.50
C GLU A 65 10.77 28.81 10.97
N LEU A 66 11.59 28.31 11.89
CA LEU A 66 11.35 28.55 13.31
C LEU A 66 11.49 30.05 13.57
N GLU A 67 12.43 30.64 12.86
CA GLU A 67 12.78 32.05 12.99
C GLU A 67 11.61 32.89 12.53
N GLU A 68 11.01 32.50 11.40
CA GLU A 68 9.84 33.17 10.87
C GLU A 68 8.61 33.06 11.79
N ALA A 69 8.40 31.89 12.36
CA ALA A 69 7.35 31.73 13.36
C ALA A 69 7.62 32.66 14.58
N PHE A 70 8.87 32.82 14.97
CA PHE A 70 9.20 33.71 16.08
C PHE A 70 8.91 35.17 15.74
N ARG A 71 9.39 35.60 14.58
CA ARG A 71 9.12 36.96 14.08
C ARG A 71 7.62 37.22 14.10
N LEU A 72 6.86 36.33 13.46
CA LEU A 72 5.41 36.52 13.36
C LEU A 72 4.72 36.43 14.72
N ALA A 73 5.33 35.75 15.67
CA ALA A 73 4.81 35.67 17.02
C ALA A 73 5.04 36.98 17.77
N CYS A 74 6.20 37.58 17.60
CA CYS A 74 6.49 38.90 18.16
C CYS A 74 5.56 39.99 17.61
N GLN A 75 5.35 39.97 16.28
CA GLN A 75 4.46 40.94 15.64
C GLN A 75 3.06 40.90 16.27
N GLY A 76 2.62 39.69 16.60
CA GLY A 76 1.32 39.48 17.20
C GLY A 76 1.30 39.72 18.70
N ARG A 77 2.46 40.09 19.25
CA ARG A 77 2.59 40.28 20.70
C ARG A 77 2.06 39.07 21.47
N ASP A 78 2.42 37.87 21.01
CA ASP A 78 2.11 36.66 21.74
C ASP A 78 3.20 36.45 22.77
N GLU A 79 2.92 35.63 23.77
CA GLU A 79 3.87 35.46 24.87
C GLU A 79 4.56 34.11 24.84
N VAL A 80 3.91 33.14 24.21
CA VAL A 80 4.52 31.84 24.01
C VAL A 80 4.20 31.40 22.59
N LEU A 81 5.13 30.68 21.97
CA LEU A 81 4.89 30.12 20.66
C LEU A 81 4.49 28.66 20.87
N ILE A 82 3.32 28.30 20.36
CA ILE A 82 2.85 26.93 20.48
C ILE A 82 3.33 26.11 19.30
N ILE A 83 4.10 25.08 19.58
CA ILE A 83 4.48 24.16 18.52
C ILE A 83 3.93 22.74 18.66
N HIS A 84 3.11 22.36 17.70
CA HIS A 84 2.51 21.03 17.65
C HIS A 84 3.43 20.02 17.01
N VAL A 85 3.54 18.85 17.60
CA VAL A 85 4.53 17.89 17.11
C VAL A 85 3.91 16.51 16.95
N PHE A 86 4.20 15.88 15.82
CA PHE A 86 3.64 14.59 15.43
C PHE A 86 4.75 13.63 15.02
N PRO A 87 5.20 12.81 15.98
CA PRO A 87 6.14 11.75 15.67
C PRO A 87 5.56 10.82 14.62
N SER A 88 6.42 10.27 13.77
CA SER A 88 5.93 9.38 12.75
C SER A 88 5.54 8.04 13.39
N ILE A 89 4.55 7.43 12.76
CA ILE A 89 4.01 6.18 13.20
C ILE A 89 4.56 5.11 12.27
N PRO A 90 5.35 4.19 12.84
CA PRO A 90 5.99 3.10 12.09
C PRO A 90 4.97 2.11 11.52
N LEU B 6 8.08 41.68 2.96
CA LEU B 6 8.85 40.60 2.37
C LEU B 6 8.36 39.26 2.95
N THR B 7 7.12 39.25 3.42
CA THR B 7 6.56 38.15 4.19
C THR B 7 5.86 37.16 3.30
N VAL B 8 6.41 35.94 3.23
CA VAL B 8 5.94 34.94 2.27
C VAL B 8 5.24 33.74 2.92
N LYS B 9 4.11 33.35 2.34
CA LYS B 9 3.39 32.16 2.76
C LYS B 9 3.13 31.26 1.56
N ALA B 10 3.84 30.13 1.57
CA ALA B 10 3.90 29.19 0.47
C ALA B 10 3.04 27.96 0.70
N TYR B 11 2.01 27.85 -0.14
CA TYR B 11 1.03 26.76 -0.15
C TYR B 11 1.38 25.71 -1.19
N LEU B 12 1.74 24.50 -0.76
CA LEU B 12 1.92 23.38 -1.68
C LEU B 12 0.57 22.67 -1.95
N LEU B 13 0.20 22.58 -3.23
CA LEU B 13 -1.12 22.05 -3.60
C LEU B 13 -1.05 20.60 -4.07
N ASP B 17 -6.17 21.23 -6.54
CA ASP B 17 -7.03 21.13 -5.37
C ASP B 17 -6.41 21.78 -4.12
N ALA B 18 -6.84 21.33 -2.94
CA ALA B 18 -6.56 22.03 -1.67
C ALA B 18 -5.09 22.13 -1.24
N ALA B 19 -4.89 22.77 -0.09
CA ALA B 19 -3.56 22.95 0.49
C ALA B 19 -3.10 21.69 1.25
N ARG B 20 -1.91 21.20 0.90
CA ARG B 20 -1.38 19.95 1.46
C ARG B 20 -0.23 20.18 2.45
N GLU B 21 0.49 21.28 2.30
CA GLU B 21 1.58 21.62 3.20
C GLU B 21 1.82 23.13 3.08
N ILE B 22 1.96 23.82 4.21
CA ILE B 22 2.14 25.27 4.17
C ILE B 22 3.43 25.65 4.90
N ARG B 23 4.26 26.44 4.22
CA ARG B 23 5.53 26.85 4.81
C ARG B 23 5.68 28.37 4.70
N ARG B 24 6.20 28.99 5.76
CA ARG B 24 6.27 30.45 5.81
C ARG B 24 7.70 30.88 6.00
N PHE B 25 8.09 31.95 5.31
CA PHE B 25 9.45 32.48 5.38
C PHE B 25 9.57 33.94 4.92
N SER B 26 10.70 34.56 5.22
CA SER B 26 10.99 35.90 4.71
C SER B 26 11.88 35.86 3.47
N PHE B 27 11.76 36.89 2.64
CA PHE B 27 12.42 36.96 1.33
C PHE B 27 12.28 38.35 0.72
N CYS B 28 13.41 38.95 0.33
CA CYS B 28 13.42 40.31 -0.19
C CYS B 28 13.13 40.41 -1.70
N PRO B 43 21.68 35.33 -10.14
CA PRO B 43 21.01 35.69 -8.89
C PRO B 43 19.74 36.51 -9.13
N GLY B 44 18.85 36.01 -9.98
CA GLY B 44 17.56 36.65 -10.20
C GLY B 44 16.57 36.45 -9.07
N PRO B 45 15.67 37.43 -8.87
CA PRO B 45 14.61 37.38 -7.85
C PRO B 45 13.83 36.08 -7.92
N CYS B 46 13.24 35.82 -9.08
CA CYS B 46 12.44 34.62 -9.29
C CYS B 46 13.26 33.37 -9.02
N GLU B 47 14.50 33.35 -9.51
CA GLU B 47 15.42 32.25 -9.27
C GLU B 47 15.73 32.07 -7.76
N ARG B 48 16.06 33.16 -7.07
CA ARG B 48 16.31 33.14 -5.62
C ARG B 48 15.10 32.64 -4.80
N LEU B 49 13.91 33.07 -5.18
CA LEU B 49 12.69 32.64 -4.52
C LEU B 49 12.40 31.17 -4.78
N LEU B 50 12.54 30.74 -6.03
CA LEU B 50 12.25 29.35 -6.36
C LEU B 50 13.27 28.42 -5.72
N SER B 51 14.46 28.96 -5.44
CA SER B 51 15.50 28.21 -4.73
C SER B 51 15.21 28.16 -3.24
N ARG B 52 14.66 29.25 -2.71
CA ARG B 52 14.17 29.26 -1.33
C ARG B 52 13.08 28.19 -1.16
N VAL B 53 12.12 28.17 -2.07
CA VAL B 53 11.02 27.20 -2.05
C VAL B 53 11.52 25.76 -2.22
N ALA B 54 12.47 25.55 -3.14
CA ALA B 54 13.08 24.23 -3.33
C ALA B 54 13.90 23.73 -2.10
N ALA B 55 14.56 24.65 -1.41
CA ALA B 55 15.28 24.29 -0.20
C ALA B 55 14.33 24.02 1.00
N LEU B 56 13.21 24.77 1.09
CA LEU B 56 12.32 24.63 2.25
C LEU B 56 11.35 23.45 2.25
N PHE B 57 10.86 23.04 1.07
CA PHE B 57 9.98 21.88 0.99
C PHE B 57 10.79 20.60 0.68
N PRO B 58 10.92 19.69 1.67
CA PRO B 58 11.62 18.40 1.54
C PRO B 58 11.29 17.65 0.26
N ALA B 59 10.01 17.54 -0.11
CA ALA B 59 9.61 16.81 -1.32
C ALA B 59 9.90 17.54 -2.64
N LEU B 60 10.30 18.80 -2.54
CA LEU B 60 10.57 19.57 -3.73
C LEU B 60 12.08 19.55 -4.10
N ARG B 61 12.35 19.32 -5.38
CA ARG B 61 13.66 19.56 -5.97
C ARG B 61 13.55 20.55 -7.14
N PRO B 62 14.63 21.29 -7.44
CA PRO B 62 14.63 22.27 -8.56
C PRO B 62 14.06 21.75 -9.88
N GLY B 63 13.44 22.64 -10.66
CA GLY B 63 12.83 22.24 -11.92
C GLY B 63 11.64 21.31 -11.78
N GLY B 64 11.35 20.87 -10.56
CA GLY B 64 10.30 19.88 -10.36
C GLY B 64 8.97 20.46 -9.97
N PHE B 65 8.84 21.78 -10.01
CA PHE B 65 7.59 22.40 -9.56
C PHE B 65 7.21 23.68 -10.29
N GLN B 66 5.93 24.02 -10.20
CA GLN B 66 5.40 25.22 -10.81
C GLN B 66 4.84 26.22 -9.78
N ALA B 67 5.40 27.43 -9.81
CA ALA B 67 4.93 28.54 -8.99
C ALA B 67 3.62 29.15 -9.49
N HIS B 68 2.83 29.68 -8.58
CA HIS B 68 1.60 30.38 -8.93
C HIS B 68 1.34 31.50 -7.95
N TYR B 69 0.50 32.45 -8.36
CA TYR B 69 -0.09 33.40 -7.44
C TYR B 69 -1.58 33.44 -7.75
N ARG B 70 -2.35 34.17 -6.95
CA ARG B 70 -3.78 34.34 -7.25
C ARG B 70 -4.10 35.75 -7.71
N ALA B 71 -4.91 35.85 -8.76
CA ALA B 71 -5.40 37.14 -9.24
C ALA B 71 -6.63 37.57 -8.44
N GLU B 72 -6.93 38.87 -8.48
CA GLU B 72 -7.97 39.52 -7.67
C GLU B 72 -9.33 38.88 -7.91
N ARG B 73 -9.42 38.12 -8.99
CA ARG B 73 -10.64 37.43 -9.34
C ARG B 73 -10.64 36.07 -8.64
N GLY B 74 -9.48 35.70 -8.11
CA GLY B 74 -9.34 34.45 -7.38
C GLY B 74 -8.56 33.39 -8.12
N ASP B 75 -8.52 33.50 -9.45
CA ASP B 75 -7.91 32.46 -10.29
C ASP B 75 -6.41 32.28 -10.09
N LEU B 76 -5.98 31.03 -10.14
CA LEU B 76 -4.58 30.70 -10.04
C LEU B 76 -3.89 31.06 -11.33
N VAL B 77 -2.67 31.58 -11.22
CA VAL B 77 -1.89 31.84 -12.41
C VAL B 77 -0.40 31.60 -12.19
N ALA B 78 0.16 30.76 -13.04
CA ALA B 78 1.59 30.45 -13.07
C ALA B 78 2.48 31.67 -13.34
N PHE B 79 3.50 31.86 -12.51
CA PHE B 79 4.65 32.70 -12.86
C PHE B 79 5.91 31.85 -12.91
N SER B 80 6.87 32.26 -13.73
CA SER B 80 8.03 31.43 -14.03
C SER B 80 9.23 32.27 -14.43
N SER B 81 9.08 33.59 -14.36
CA SER B 81 10.15 34.52 -14.69
C SER B 81 10.11 35.70 -13.74
N ASP B 82 11.17 36.52 -13.76
CA ASP B 82 11.21 37.76 -12.96
C ASP B 82 10.03 38.68 -13.25
N GLU B 83 9.67 38.73 -14.53
CA GLU B 83 8.54 39.52 -15.05
C GLU B 83 7.22 39.12 -14.43
N GLU B 84 6.87 37.85 -14.60
CA GLU B 84 5.62 37.31 -14.11
C GLU B 84 5.59 37.31 -12.60
N LEU B 85 6.77 37.43 -12.01
CA LEU B 85 6.96 37.53 -10.57
C LEU B 85 6.55 38.92 -10.05
N THR B 86 7.08 40.00 -10.64
CA THR B 86 6.59 41.32 -10.21
C THR B 86 5.12 41.49 -10.57
N MET B 87 4.73 40.93 -11.71
CA MET B 87 3.31 40.79 -12.06
C MET B 87 2.53 40.24 -10.84
N ALA B 88 2.96 39.08 -10.35
CA ALA B 88 2.38 38.44 -9.17
C ALA B 88 2.37 39.32 -7.91
N MET B 89 3.47 40.02 -7.67
CA MET B 89 3.61 40.88 -6.50
C MET B 89 2.62 42.04 -6.48
N SER B 90 2.40 42.66 -7.62
CA SER B 90 1.45 43.77 -7.70
C SER B 90 0.09 43.26 -7.24
N TYR B 91 -0.15 42.00 -7.53
CA TYR B 91 -1.44 41.40 -7.32
C TYR B 91 -1.61 40.96 -5.87
N VAL B 92 -0.59 41.21 -5.05
CA VAL B 92 -0.62 40.76 -3.65
C VAL B 92 -0.54 41.96 -2.73
N LYS B 93 -1.63 42.20 -1.99
CA LYS B 93 -1.79 43.48 -1.28
C LYS B 93 -1.98 43.30 0.22
N ASP B 94 -2.10 42.05 0.63
CA ASP B 94 -2.25 41.72 2.05
C ASP B 94 -1.26 42.40 3.02
N ASP B 95 -0.03 42.59 2.56
CA ASP B 95 1.14 42.71 3.40
C ASP B 95 1.72 41.31 3.59
N ILE B 96 1.10 40.33 2.93
CA ILE B 96 1.59 38.97 2.88
C ILE B 96 1.54 38.42 1.45
N PHE B 97 2.70 38.04 0.94
CA PHE B 97 2.79 37.50 -0.40
C PHE B 97 2.47 36.00 -0.39
N ARG B 98 1.47 35.61 -1.18
CA ARG B 98 1.04 34.21 -1.19
C ARG B 98 1.46 33.47 -2.44
N ILE B 99 1.87 32.21 -2.26
CA ILE B 99 2.48 31.44 -3.35
C ILE B 99 1.78 30.10 -3.42
N TYR B 100 1.57 29.59 -4.63
CA TYR B 100 0.89 28.30 -4.78
C TYR B 100 1.68 27.34 -5.68
N ILE B 101 2.18 26.26 -5.11
CA ILE B 101 3.05 25.35 -5.83
C ILE B 101 2.33 24.09 -6.26
N LYS B 102 2.47 23.76 -7.53
CA LYS B 102 1.99 22.49 -8.07
C LYS B 102 3.22 21.66 -8.41
N GLU B 103 3.08 20.35 -8.31
CA GLU B 103 4.17 19.48 -8.74
C GLU B 103 4.00 18.97 -10.16
N LYS B 104 4.99 19.27 -10.99
CA LYS B 104 5.07 18.70 -12.34
C LYS B 104 5.11 17.16 -12.31
N PRO C 2 5.50 -16.59 -31.24
CA PRO C 2 6.09 -16.60 -29.90
C PRO C 2 6.04 -17.98 -29.23
N HIS C 3 5.25 -18.92 -29.75
CA HIS C 3 5.36 -20.30 -29.31
C HIS C 3 5.93 -21.11 -30.44
N MET C 4 6.51 -22.27 -30.13
CA MET C 4 7.21 -23.02 -31.16
C MET C 4 6.96 -24.49 -30.92
N ARG C 5 7.44 -25.33 -31.83
CA ARG C 5 7.34 -26.77 -31.64
C ARG C 5 8.00 -27.13 -30.32
N VAL C 6 7.43 -28.12 -29.63
CA VAL C 6 8.06 -28.71 -28.45
C VAL C 6 8.36 -30.16 -28.79
N ARG C 7 9.61 -30.57 -28.62
CA ARG C 7 9.92 -31.99 -28.68
C ARG C 7 9.89 -32.56 -27.27
N LEU C 8 8.95 -33.46 -27.04
CA LEU C 8 8.71 -34.07 -25.75
C LEU C 8 9.53 -35.34 -25.66
N LYS C 9 10.40 -35.42 -24.66
CA LYS C 9 11.14 -36.62 -24.42
C LYS C 9 10.78 -37.18 -23.05
N ALA C 10 10.01 -38.26 -23.04
CA ALA C 10 9.56 -38.85 -21.80
C ALA C 10 10.53 -39.96 -21.43
N HIS C 11 11.07 -39.86 -20.22
CA HIS C 11 11.97 -40.88 -19.71
C HIS C 11 11.19 -41.84 -18.86
N TYR C 12 10.75 -42.94 -19.47
CA TYR C 12 9.80 -43.81 -18.80
C TYR C 12 10.12 -45.31 -18.98
N GLY C 13 10.15 -46.03 -17.85
CA GLY C 13 10.51 -47.45 -17.85
C GLY C 13 11.90 -47.73 -18.41
N GLY C 14 12.84 -46.80 -18.20
CA GLY C 14 14.17 -46.93 -18.75
C GLY C 14 14.24 -46.58 -20.24
N ASP C 15 13.10 -46.24 -20.83
CA ASP C 15 13.07 -45.90 -22.24
C ASP C 15 12.99 -44.39 -22.45
N ILE C 16 13.26 -43.94 -23.65
CA ILE C 16 13.07 -42.53 -23.98
C ILE C 16 12.12 -42.42 -25.17
N LEU C 17 10.87 -42.07 -24.87
CA LEU C 17 9.85 -41.98 -25.88
C LEU C 17 9.75 -40.53 -26.33
N ILE C 18 9.74 -40.31 -27.64
CA ILE C 18 9.79 -38.96 -28.19
C ILE C 18 8.56 -38.61 -29.03
N THR C 19 8.05 -37.38 -28.88
CA THR C 19 6.95 -36.90 -29.74
C THR C 19 6.95 -35.40 -29.91
N SER C 20 6.50 -34.93 -31.06
CA SER C 20 6.49 -33.50 -31.35
C SER C 20 5.10 -32.90 -31.19
N VAL C 21 5.04 -31.76 -30.51
CA VAL C 21 3.78 -31.06 -30.30
C VAL C 21 3.80 -29.67 -30.90
N ASP C 22 2.82 -29.38 -31.76
CA ASP C 22 2.72 -28.09 -32.41
C ASP C 22 1.63 -27.23 -31.78
N THR C 24 -1.10 -21.68 -30.10
CA THR C 24 -0.36 -21.72 -28.84
C THR C 24 -0.37 -23.11 -28.22
N THR C 25 0.56 -23.36 -27.30
CA THR C 25 0.65 -24.64 -26.63
C THR C 25 0.42 -24.48 -25.13
N THR C 26 -0.45 -25.32 -24.57
CA THR C 26 -0.76 -25.25 -23.15
C THR C 26 -0.05 -26.34 -22.36
N PHE C 27 0.16 -26.09 -21.08
CA PHE C 27 0.81 -27.04 -20.21
C PHE C 27 0.04 -28.36 -20.21
N GLN C 28 -1.29 -28.27 -20.11
CA GLN C 28 -2.16 -29.46 -20.09
C GLN C 28 -2.08 -30.33 -21.34
N ASP C 29 -1.99 -29.69 -22.52
CA ASP C 29 -1.80 -30.43 -23.78
C ASP C 29 -0.55 -31.29 -23.70
N LEU C 30 0.54 -30.68 -23.23
CA LEU C 30 1.79 -31.39 -23.07
C LEU C 30 1.62 -32.59 -22.15
N CYS C 31 1.08 -32.34 -20.97
CA CYS C 31 0.88 -33.43 -20.01
C CYS C 31 0.10 -34.60 -20.60
N GLU C 32 -0.99 -34.31 -21.30
CA GLU C 32 -1.81 -35.38 -21.80
C GLU C 32 -1.17 -36.10 -22.98
N GLU C 33 -0.39 -35.37 -23.77
CA GLU C 33 0.38 -35.99 -24.84
C GLU C 33 1.37 -37.00 -24.24
N VAL C 34 1.96 -36.64 -23.11
CA VAL C 34 2.88 -37.55 -22.44
C VAL C 34 2.13 -38.76 -21.87
N ARG C 35 0.99 -38.54 -21.23
CA ARG C 35 0.24 -39.67 -20.67
C ARG C 35 -0.28 -40.64 -21.75
N ASP C 36 -0.66 -40.08 -22.88
CA ASP C 36 -1.08 -40.85 -24.03
C ASP C 36 0.09 -41.64 -24.61
N MET C 37 1.24 -40.96 -24.77
CA MET C 37 2.39 -41.60 -25.39
C MET C 37 2.87 -42.75 -24.54
N CYS C 38 2.82 -42.58 -23.22
CA CYS C 38 3.35 -43.60 -22.31
C CYS C 38 2.30 -44.60 -21.83
N GLY C 39 1.03 -44.39 -22.20
CA GLY C 39 -0.05 -45.25 -21.73
C GLY C 39 -0.19 -45.18 -20.23
N LEU C 40 -0.24 -43.95 -19.72
CA LEU C 40 -0.34 -43.73 -18.29
C LEU C 40 -1.77 -43.48 -17.83
N HIS C 41 -2.02 -43.80 -16.57
CA HIS C 41 -3.25 -43.40 -15.90
C HIS C 41 -3.41 -41.88 -16.04
N GLN C 42 -4.65 -41.42 -16.09
CA GLN C 42 -4.94 -40.01 -16.31
C GLN C 42 -4.32 -39.06 -15.25
N GLN C 43 -4.16 -39.59 -14.03
CA GLN C 43 -3.64 -38.81 -12.89
C GLN C 43 -2.21 -39.16 -12.54
N HIS C 44 -1.46 -39.68 -13.50
CA HIS C 44 -0.06 -40.04 -13.25
C HIS C 44 0.78 -38.75 -13.12
N PRO C 45 1.38 -38.53 -11.96
CA PRO C 45 2.16 -37.30 -11.72
C PRO C 45 3.39 -37.18 -12.62
N LEU C 46 3.60 -35.99 -13.20
CA LEU C 46 4.71 -35.81 -14.14
C LEU C 46 5.64 -34.71 -13.67
N THR C 47 6.93 -34.86 -13.97
CA THR C 47 7.85 -33.76 -13.78
C THR C 47 8.34 -33.35 -15.16
N LEU C 48 8.08 -32.11 -15.58
CA LEU C 48 8.64 -31.67 -16.85
C LEU C 48 9.74 -30.64 -16.63
N LYS C 49 10.72 -30.62 -17.54
CA LYS C 49 11.91 -29.81 -17.35
C LYS C 49 12.46 -29.36 -18.70
N TRP C 50 12.83 -28.09 -18.81
CA TRP C 50 13.56 -27.68 -20.00
C TRP C 50 14.98 -27.27 -19.59
N VAL C 51 15.93 -27.35 -20.53
CA VAL C 51 17.31 -26.99 -20.22
C VAL C 51 17.63 -25.59 -20.71
N ASP C 52 17.96 -24.69 -19.78
CA ASP C 52 18.22 -23.29 -20.14
C ASP C 52 19.61 -23.04 -20.72
N SER C 53 19.92 -21.78 -20.98
CA SER C 53 21.21 -21.34 -21.50
C SER C 53 22.47 -21.83 -20.74
N GLU C 54 22.32 -22.08 -19.45
CA GLU C 54 23.43 -22.39 -18.58
C GLU C 54 23.50 -23.90 -18.28
N GLY C 55 22.70 -24.67 -18.99
CA GLY C 55 22.62 -26.10 -18.71
C GLY C 55 21.65 -26.45 -17.60
N ASP C 56 21.12 -25.44 -16.90
CA ASP C 56 20.24 -25.73 -15.78
C ASP C 56 18.87 -26.30 -16.21
N PRO C 57 18.49 -27.45 -15.65
CA PRO C 57 17.15 -27.97 -15.89
C PRO C 57 16.09 -27.26 -15.02
N CYS C 58 15.18 -26.55 -15.69
CA CYS C 58 14.15 -25.78 -15.05
C CYS C 58 12.82 -26.51 -15.12
N THR C 59 12.24 -26.77 -13.94
CA THR C 59 11.01 -27.53 -13.88
C THR C 59 9.84 -26.65 -14.27
N VAL C 60 8.94 -27.18 -15.09
CA VAL C 60 7.79 -26.42 -15.50
C VAL C 60 6.56 -27.19 -15.08
N SER C 61 5.71 -26.53 -14.30
CA SER C 61 4.54 -27.15 -13.69
C SER C 61 3.29 -26.32 -13.91
N SER C 62 3.31 -25.48 -14.95
CA SER C 62 2.28 -24.47 -15.08
C SER C 62 2.45 -23.70 -16.37
N GLN C 63 1.36 -23.14 -16.86
CA GLN C 63 1.37 -22.34 -18.07
C GLN C 63 2.34 -21.17 -17.98
N MET C 64 2.38 -20.53 -16.81
CA MET C 64 3.29 -19.41 -16.57
C MET C 64 4.74 -19.76 -16.91
N GLU C 65 5.20 -20.89 -16.37
CA GLU C 65 6.55 -21.41 -16.61
C GLU C 65 6.83 -21.83 -18.07
N LEU C 66 5.87 -22.48 -18.71
CA LEU C 66 6.01 -22.82 -20.11
C LEU C 66 6.18 -21.53 -20.91
N GLU C 67 5.35 -20.56 -20.58
CA GLU C 67 5.35 -19.29 -21.27
C GLU C 67 6.74 -18.68 -21.14
N GLU C 68 7.32 -18.79 -19.95
CA GLU C 68 8.67 -18.27 -19.74
C GLU C 68 9.72 -19.00 -20.57
N ALA C 69 9.61 -20.32 -20.66
CA ALA C 69 10.55 -21.12 -21.44
C ALA C 69 10.43 -20.81 -22.92
N PHE C 70 9.21 -20.59 -23.40
CA PHE C 70 8.98 -20.14 -24.77
C PHE C 70 9.66 -18.80 -25.02
N ARG C 71 9.44 -17.85 -24.12
CA ARG C 71 9.99 -16.49 -24.27
C ARG C 71 11.49 -16.61 -24.43
N LEU C 72 12.11 -17.31 -23.48
CA LEU C 72 13.55 -17.53 -23.52
C LEU C 72 14.04 -18.25 -24.79
N ALA C 73 13.33 -19.29 -25.20
CA ALA C 73 13.60 -20.02 -26.44
C ALA C 73 13.53 -19.17 -27.71
N CYS C 74 12.58 -18.23 -27.77
CA CYS C 74 12.41 -17.37 -28.93
C CYS C 74 13.48 -16.29 -28.94
N GLN C 75 13.97 -15.94 -27.76
CA GLN C 75 14.98 -14.90 -27.69
C GLN C 75 16.37 -15.51 -27.97
N GLY C 76 16.47 -16.83 -27.89
CA GLY C 76 17.71 -17.50 -28.20
C GLY C 76 17.65 -18.08 -29.60
N ARG C 77 16.61 -17.69 -30.31
CA ARG C 77 16.39 -18.10 -31.70
C ARG C 77 16.38 -19.61 -31.89
N ASP C 78 15.98 -20.35 -30.85
CA ASP C 78 15.81 -21.80 -30.97
C ASP C 78 14.58 -22.10 -31.82
N GLU C 79 14.66 -23.15 -32.62
CA GLU C 79 13.57 -23.50 -33.52
C GLU C 79 12.58 -24.46 -32.84
N VAL C 80 13.08 -25.29 -31.94
CA VAL C 80 12.20 -26.15 -31.16
C VAL C 80 12.61 -26.20 -29.69
N LEU C 81 11.63 -26.25 -28.81
CA LEU C 81 11.90 -26.28 -27.39
C LEU C 81 11.88 -27.73 -26.87
N ILE C 82 13.01 -28.23 -26.36
CA ILE C 82 13.06 -29.61 -25.86
C ILE C 82 12.59 -29.71 -24.42
N ILE C 83 11.63 -30.58 -24.15
CA ILE C 83 11.18 -30.77 -22.79
C ILE C 83 11.26 -32.24 -22.33
N HIS C 84 12.08 -32.48 -21.29
CA HIS C 84 12.20 -33.81 -20.72
C HIS C 84 11.06 -34.03 -19.74
N VAL C 85 10.44 -35.21 -19.80
CA VAL C 85 9.38 -35.54 -18.87
C VAL C 85 9.66 -36.84 -18.12
N PHE C 86 9.50 -36.77 -16.81
CA PHE C 86 9.78 -37.87 -15.92
C PHE C 86 8.49 -38.20 -15.20
N PRO C 87 7.78 -39.22 -15.69
CA PRO C 87 6.64 -39.74 -14.95
C PRO C 87 7.18 -40.27 -13.64
N SER C 88 6.45 -40.11 -12.56
CA SER C 88 6.95 -40.53 -11.26
C SER C 88 6.90 -42.06 -11.12
N ILE C 89 7.56 -42.56 -10.09
CA ILE C 89 7.68 -43.99 -9.86
C ILE C 89 7.23 -44.38 -8.44
N PRO C 90 6.49 -45.50 -8.31
CA PRO C 90 6.18 -46.03 -6.98
C PRO C 90 7.35 -46.83 -6.40
N SER D 5 10.24 -5.30 -16.94
CA SER D 5 9.98 -6.64 -16.44
C SER D 5 11.25 -7.34 -15.95
N LEU D 6 11.12 -8.17 -14.93
CA LEU D 6 12.27 -8.89 -14.37
C LEU D 6 12.32 -10.35 -14.84
N THR D 7 13.47 -10.74 -15.36
CA THR D 7 13.72 -12.14 -15.70
C THR D 7 14.26 -12.86 -14.47
N VAL D 8 13.46 -13.75 -13.90
CA VAL D 8 13.77 -14.35 -12.61
C VAL D 8 14.11 -15.83 -12.77
N LYS D 9 15.18 -16.23 -12.07
CA LYS D 9 15.58 -17.62 -11.98
C LYS D 9 15.73 -18.00 -10.51
N ALA D 10 14.81 -18.83 -10.02
CA ALA D 10 14.74 -19.18 -8.60
C ALA D 10 15.18 -20.60 -8.32
N TYR D 11 16.10 -20.72 -7.38
CA TYR D 11 16.71 -21.99 -7.02
C TYR D 11 16.21 -22.35 -5.64
N LEU D 12 15.67 -23.56 -5.50
CA LEU D 12 15.34 -24.09 -4.19
C LEU D 12 16.55 -24.86 -3.69
N LEU D 13 16.98 -24.59 -2.47
CA LEU D 13 18.19 -25.22 -1.95
C LEU D 13 17.84 -26.34 -0.98
N ASP D 17 21.09 -27.58 0.77
CA ASP D 17 22.29 -26.74 0.65
C ASP D 17 22.75 -26.49 -0.80
N ALA D 18 22.42 -27.43 -1.69
CA ALA D 18 22.51 -27.20 -3.14
C ALA D 18 21.12 -27.25 -3.80
N ALA D 19 21.08 -27.11 -5.13
CA ALA D 19 19.80 -26.93 -5.84
C ALA D 19 18.98 -28.22 -6.08
N ARG D 20 17.82 -28.29 -5.42
CA ARG D 20 16.83 -29.35 -5.63
C ARG D 20 16.00 -29.12 -6.88
N GLU D 21 15.43 -27.93 -7.03
CA GLU D 21 14.78 -27.54 -8.29
C GLU D 21 14.96 -26.07 -8.64
N ILE D 22 14.82 -25.75 -9.92
CA ILE D 22 15.01 -24.42 -10.43
C ILE D 22 13.80 -24.04 -11.28
N ARG D 23 13.26 -22.84 -11.07
CA ARG D 23 12.09 -22.40 -11.81
C ARG D 23 12.31 -21.00 -12.37
N ARG D 24 11.84 -20.79 -13.59
CA ARG D 24 12.10 -19.54 -14.29
C ARG D 24 10.80 -18.85 -14.66
N PHE D 25 10.74 -17.54 -14.42
CA PHE D 25 9.52 -16.78 -14.68
C PHE D 25 9.78 -15.28 -14.83
N SER D 26 8.83 -14.56 -15.42
CA SER D 26 8.93 -13.09 -15.47
C SER D 26 8.20 -12.41 -14.29
N PHE D 27 8.69 -11.26 -13.86
CA PHE D 27 8.04 -10.54 -12.75
C PHE D 27 8.15 -9.04 -12.91
N CYS D 28 7.07 -8.34 -12.57
CA CYS D 28 7.09 -6.88 -12.56
C CYS D 28 6.44 -6.33 -11.28
N PRO D 43 -0.25 -4.51 -1.65
CA PRO D 43 0.66 -5.66 -1.61
C PRO D 43 2.15 -5.25 -1.54
N GLY D 44 2.70 -4.77 -2.66
CA GLY D 44 4.10 -4.37 -2.68
C GLY D 44 4.98 -5.43 -3.33
N PRO D 45 6.06 -5.00 -3.99
CA PRO D 45 6.92 -5.84 -4.84
C PRO D 45 7.44 -7.11 -4.15
N CYS D 46 7.94 -6.98 -2.92
CA CYS D 46 8.46 -8.14 -2.22
C CYS D 46 7.34 -9.12 -1.90
N GLU D 47 6.27 -8.60 -1.33
CA GLU D 47 5.03 -9.35 -1.10
C GLU D 47 4.59 -10.14 -2.36
N ARG D 48 4.46 -9.45 -3.47
CA ARG D 48 4.03 -10.12 -4.70
C ARG D 48 5.03 -11.17 -5.20
N LEU D 49 6.32 -10.84 -5.13
CA LEU D 49 7.38 -11.75 -5.53
C LEU D 49 7.33 -13.05 -4.73
N LEU D 50 7.27 -12.93 -3.41
CA LEU D 50 7.26 -14.12 -2.56
C LEU D 50 5.96 -14.91 -2.71
N SER D 51 4.86 -14.21 -2.97
CA SER D 51 3.59 -14.86 -3.24
C SER D 51 3.74 -15.72 -4.49
N ARG D 52 4.46 -15.18 -5.48
CA ARG D 52 4.67 -15.85 -6.77
C ARG D 52 5.57 -17.04 -6.62
N VAL D 53 6.62 -16.89 -5.82
CA VAL D 53 7.56 -17.97 -5.53
C VAL D 53 6.83 -19.11 -4.80
N ALA D 54 5.93 -18.75 -3.89
CA ALA D 54 5.17 -19.72 -3.11
C ALA D 54 4.21 -20.49 -4.00
N ALA D 55 3.58 -19.77 -4.92
CA ALA D 55 2.66 -20.39 -5.86
C ALA D 55 3.41 -21.34 -6.83
N LEU D 56 4.51 -20.87 -7.43
CA LEU D 56 5.26 -21.68 -8.40
C LEU D 56 5.88 -22.96 -7.85
N PHE D 57 6.49 -22.91 -6.67
CA PHE D 57 7.09 -24.12 -6.11
C PHE D 57 6.04 -24.85 -5.27
N PRO D 58 5.67 -26.06 -5.71
CA PRO D 58 4.66 -26.88 -5.02
C PRO D 58 4.95 -27.07 -3.53
N ALA D 59 6.21 -27.31 -3.16
CA ALA D 59 6.54 -27.62 -1.76
C ALA D 59 6.58 -26.41 -0.80
N LEU D 60 6.49 -25.21 -1.34
CA LEU D 60 6.63 -23.99 -0.55
C LEU D 60 5.29 -23.40 -0.14
N ARG D 61 5.18 -22.96 1.11
CA ARG D 61 4.01 -22.22 1.52
C ARG D 61 4.42 -20.83 2.02
N PRO D 62 3.57 -19.83 1.83
CA PRO D 62 3.90 -18.50 2.36
C PRO D 62 4.35 -18.55 3.81
N GLY D 63 5.48 -17.91 4.11
CA GLY D 63 6.00 -17.89 5.45
C GLY D 63 6.93 -19.06 5.75
N GLY D 64 7.04 -20.00 4.84
CA GLY D 64 7.83 -21.20 5.08
C GLY D 64 9.24 -21.19 4.51
N PHE D 65 9.66 -20.06 3.96
CA PHE D 65 10.99 -20.00 3.37
C PHE D 65 11.65 -18.62 3.44
N GLN D 66 12.96 -18.63 3.25
CA GLN D 66 13.75 -17.43 3.18
C GLN D 66 14.35 -17.31 1.76
N ALA D 67 14.03 -16.20 1.10
CA ALA D 67 14.61 -15.86 -0.19
C ALA D 67 15.94 -15.13 0.05
N HIS D 68 16.92 -15.38 -0.82
CA HIS D 68 18.23 -14.74 -0.73
C HIS D 68 18.64 -14.27 -2.11
N TYR D 69 19.55 -13.31 -2.16
CA TYR D 69 20.19 -12.96 -3.43
C TYR D 69 21.69 -13.20 -3.30
N ARG D 70 22.39 -13.26 -4.43
CA ARG D 70 23.86 -13.35 -4.38
C ARG D 70 24.48 -11.96 -4.52
N ALA D 71 25.23 -11.54 -3.51
CA ALA D 71 25.94 -10.27 -3.56
C ALA D 71 27.22 -10.39 -4.39
N GLU D 72 27.80 -9.26 -4.74
CA GLU D 72 28.98 -9.21 -5.61
C GLU D 72 30.09 -10.10 -5.08
N ARG D 73 30.35 -10.03 -3.79
CA ARG D 73 31.36 -10.86 -3.17
C ARG D 73 30.98 -12.35 -3.11
N GLY D 74 29.81 -12.69 -3.64
CA GLY D 74 29.37 -14.07 -3.69
C GLY D 74 28.65 -14.64 -2.48
N ASP D 75 28.46 -13.83 -1.43
CA ASP D 75 27.66 -14.28 -0.29
C ASP D 75 26.17 -14.34 -0.64
N LEU D 76 25.46 -15.20 0.07
CA LEU D 76 24.03 -15.25 -0.06
C LEU D 76 23.39 -14.43 1.04
N VAL D 77 22.69 -13.38 0.66
CA VAL D 77 22.09 -12.49 1.66
C VAL D 77 20.57 -12.53 1.63
N ALA D 78 19.98 -12.63 2.80
CA ALA D 78 18.55 -12.77 2.89
C ALA D 78 17.85 -11.46 2.53
N PHE D 79 16.63 -11.54 2.02
CA PHE D 79 15.81 -10.36 1.79
C PHE D 79 14.34 -10.65 2.11
N SER D 80 13.71 -9.73 2.82
CA SER D 80 12.38 -9.96 3.38
C SER D 80 11.48 -8.73 3.35
N SER D 81 11.89 -7.69 2.65
CA SER D 81 11.06 -6.49 2.52
C SER D 81 11.35 -5.78 1.21
N ASP D 82 10.55 -4.76 0.90
CA ASP D 82 10.75 -3.97 -0.31
C ASP D 82 12.17 -3.42 -0.46
N GLU D 83 12.72 -2.87 0.62
CA GLU D 83 14.03 -2.25 0.54
C GLU D 83 15.11 -3.29 0.33
N GLU D 84 15.05 -4.38 1.10
CA GLU D 84 16.02 -5.44 0.91
C GLU D 84 15.88 -6.03 -0.51
N LEU D 85 14.68 -5.94 -1.07
CA LEU D 85 14.48 -6.37 -2.44
C LEU D 85 15.15 -5.43 -3.45
N THR D 86 15.08 -4.11 -3.24
CA THR D 86 15.77 -3.21 -4.18
C THR D 86 17.30 -3.34 -4.05
N MET D 87 17.75 -3.53 -2.82
CA MET D 87 19.10 -3.99 -2.54
C MET D 87 19.45 -5.17 -3.45
N ALA D 88 18.69 -6.26 -3.34
CA ALA D 88 18.90 -7.48 -4.10
C ALA D 88 19.00 -7.20 -5.60
N MET D 89 18.06 -6.42 -6.12
CA MET D 89 18.01 -6.17 -7.55
C MET D 89 19.16 -5.34 -8.04
N SER D 90 19.80 -4.58 -7.14
CA SER D 90 20.94 -3.77 -7.56
C SER D 90 22.16 -4.60 -8.03
N TYR D 91 22.19 -5.88 -7.64
CA TYR D 91 23.30 -6.75 -8.02
C TYR D 91 23.02 -7.53 -9.31
N VAL D 92 21.91 -7.22 -9.98
CA VAL D 92 21.60 -7.90 -11.22
C VAL D 92 22.47 -7.38 -12.34
N LYS D 93 23.44 -8.18 -12.77
CA LYS D 93 24.40 -7.75 -13.79
C LYS D 93 24.04 -8.25 -15.19
N ASP D 94 24.07 -9.57 -15.39
CA ASP D 94 23.48 -10.15 -16.58
C ASP D 94 21.99 -9.91 -16.36
N ASP D 95 21.20 -9.84 -17.42
CA ASP D 95 19.78 -9.46 -17.25
C ASP D 95 18.93 -10.40 -16.34
N ILE D 96 19.57 -11.35 -15.68
CA ILE D 96 18.89 -12.36 -14.87
C ILE D 96 18.93 -12.05 -13.36
N PHE D 97 17.75 -11.88 -12.75
CA PHE D 97 17.60 -11.80 -11.30
C PHE D 97 17.51 -13.21 -10.69
N ARG D 98 18.61 -13.63 -10.04
CA ARG D 98 18.69 -14.95 -9.43
C ARG D 98 18.32 -14.91 -7.97
N ILE D 99 17.58 -15.92 -7.53
CA ILE D 99 16.98 -15.95 -6.21
C ILE D 99 17.25 -17.31 -5.61
N TYR D 100 17.62 -17.34 -4.33
CA TYR D 100 17.97 -18.60 -3.67
C TYR D 100 17.10 -18.86 -2.45
N ILE D 101 16.33 -19.95 -2.47
CA ILE D 101 15.34 -20.22 -1.43
C ILE D 101 15.79 -21.33 -0.48
N LYS D 102 15.53 -21.13 0.82
CA LYS D 102 15.81 -22.15 1.82
C LYS D 102 14.58 -22.26 2.67
N GLU D 103 14.06 -23.48 2.86
CA GLU D 103 12.88 -23.64 3.68
C GLU D 103 13.19 -23.39 5.15
N LYS D 104 12.25 -22.81 5.87
CA LYS D 104 12.45 -22.53 7.30
C LYS D 104 12.20 -23.81 8.10
N PRO E 2 40.51 -0.54 14.03
CA PRO E 2 39.77 0.70 14.30
C PRO E 2 38.58 0.83 13.37
N HIS E 3 38.52 1.98 12.69
CA HIS E 3 37.47 2.30 11.72
C HIS E 3 38.02 2.34 10.33
N MET E 4 37.26 1.85 9.36
CA MET E 4 37.76 1.64 8.02
C MET E 4 36.87 2.38 7.07
N ARG E 5 37.29 2.44 5.82
CA ARG E 5 36.49 3.01 4.74
C ARG E 5 35.06 2.43 4.65
N VAL E 6 34.08 3.31 4.45
CA VAL E 6 32.71 2.91 4.26
C VAL E 6 32.31 3.17 2.81
N ARG E 7 31.77 2.17 2.13
CA ARG E 7 31.23 2.39 0.81
C ARG E 7 29.72 2.56 0.95
N LEU E 8 29.25 3.76 0.63
CA LEU E 8 27.85 4.14 0.79
C LEU E 8 27.12 3.93 -0.52
N LYS E 9 26.11 3.07 -0.44
CA LYS E 9 25.30 2.74 -1.59
C LYS E 9 23.85 3.18 -1.38
N ALA E 10 23.49 4.32 -1.96
CA ALA E 10 22.16 4.86 -1.73
C ALA E 10 21.21 4.52 -2.87
N HIS E 11 20.09 3.87 -2.53
CA HIS E 11 19.07 3.53 -3.52
C HIS E 11 18.00 4.62 -3.58
N TYR E 12 18.15 5.53 -4.52
CA TYR E 12 17.33 6.73 -4.52
C TYR E 12 16.77 7.03 -5.89
N GLY E 13 15.46 7.17 -5.98
CA GLY E 13 14.80 7.58 -7.21
C GLY E 13 15.02 6.65 -8.39
N GLY E 14 15.11 5.35 -8.12
CA GLY E 14 15.39 4.38 -9.16
C GLY E 14 16.87 4.24 -9.49
N ASP E 15 17.69 5.14 -8.96
CA ASP E 15 19.12 5.07 -9.21
C ASP E 15 19.92 4.59 -8.01
N ILE E 16 21.19 4.32 -8.24
CA ILE E 16 22.09 3.90 -7.20
C ILE E 16 23.23 4.91 -7.16
N LEU E 17 23.48 5.44 -5.98
CA LEU E 17 24.47 6.51 -5.84
C LEU E 17 25.53 6.08 -4.85
N ILE E 18 26.78 6.12 -5.27
CA ILE E 18 27.85 5.51 -4.50
C ILE E 18 28.91 6.53 -4.15
N THR E 19 29.33 6.55 -2.89
CA THR E 19 30.54 7.31 -2.53
C THR E 19 31.14 6.63 -1.37
N SER E 20 32.42 6.89 -1.12
CA SER E 20 33.12 6.28 0.02
C SER E 20 33.49 7.34 1.06
N VAL E 21 33.42 6.97 2.32
CA VAL E 21 33.76 7.87 3.42
C VAL E 21 34.94 7.33 4.22
N ASP E 22 35.94 8.18 4.44
CA ASP E 22 37.12 7.79 5.20
C ASP E 22 37.08 8.35 6.62
N THR E 24 38.30 8.80 12.77
CA THR E 24 37.17 7.90 12.97
C THR E 24 35.98 8.29 12.10
N THR E 25 35.03 7.38 11.94
CA THR E 25 33.83 7.65 11.16
C THR E 25 32.59 7.57 12.04
N THR E 26 31.74 8.60 11.94
CA THR E 26 30.53 8.66 12.74
C THR E 26 29.27 8.42 11.92
N PHE E 27 28.21 7.99 12.59
CA PHE E 27 26.93 7.75 11.97
C PHE E 27 26.41 9.02 11.27
N GLN E 28 26.55 10.15 11.98
CA GLN E 28 26.16 11.46 11.43
C GLN E 28 26.91 11.81 10.15
N ASP E 29 28.22 11.60 10.13
CA ASP E 29 29.04 11.79 8.90
C ASP E 29 28.38 11.09 7.74
N LEU E 30 28.09 9.81 7.95
CA LEU E 30 27.45 8.95 6.97
C LEU E 30 26.12 9.53 6.47
N CYS E 31 25.24 9.89 7.40
CA CYS E 31 23.93 10.45 7.03
C CYS E 31 24.06 11.73 6.22
N GLU E 32 24.98 12.58 6.65
CA GLU E 32 25.25 13.84 5.97
C GLU E 32 25.72 13.58 4.56
N GLU E 33 26.60 12.59 4.39
CA GLU E 33 27.15 12.30 3.09
C GLU E 33 26.06 11.79 2.13
N VAL E 34 25.12 11.01 2.66
CA VAL E 34 24.03 10.50 1.85
C VAL E 34 23.10 11.63 1.42
N ARG E 35 22.79 12.51 2.36
CA ARG E 35 21.90 13.62 2.05
C ARG E 35 22.52 14.61 1.03
N ASP E 36 23.81 14.87 1.17
CA ASP E 36 24.53 15.66 0.18
C ASP E 36 24.50 15.00 -1.21
N MET E 37 24.86 13.72 -1.26
CA MET E 37 24.83 12.96 -2.50
C MET E 37 23.47 12.98 -3.21
N CYS E 38 22.38 12.79 -2.47
CA CYS E 38 21.07 12.62 -3.10
C CYS E 38 20.28 13.94 -3.19
N GLY E 39 20.92 15.05 -2.86
CA GLY E 39 20.23 16.33 -2.85
C GLY E 39 18.99 16.37 -1.98
N LEU E 40 19.14 15.98 -0.71
CA LEU E 40 18.03 15.81 0.23
C LEU E 40 18.01 16.87 1.31
N HIS E 41 16.81 17.21 1.76
CA HIS E 41 16.60 18.08 2.91
C HIS E 41 17.32 17.52 4.15
N GLN E 42 17.81 18.40 5.02
CA GLN E 42 18.68 17.99 6.14
C GLN E 42 18.06 17.03 7.18
N GLN E 43 16.72 16.99 7.24
CA GLN E 43 16.01 16.08 8.12
C GLN E 43 15.43 14.88 7.38
N HIS E 44 15.88 14.63 6.16
CA HIS E 44 15.28 13.56 5.36
C HIS E 44 15.57 12.21 6.02
N PRO E 45 14.52 11.50 6.45
CA PRO E 45 14.75 10.23 7.13
C PRO E 45 15.45 9.21 6.23
N LEU E 46 16.35 8.44 6.84
CA LEU E 46 17.20 7.48 6.15
C LEU E 46 17.15 6.13 6.88
N THR E 47 17.17 5.04 6.13
CA THR E 47 17.37 3.76 6.76
C THR E 47 18.70 3.20 6.29
N LEU E 48 19.53 2.77 7.24
CA LEU E 48 20.84 2.22 6.91
C LEU E 48 20.96 0.74 7.24
N LYS E 49 21.29 -0.05 6.22
CA LYS E 49 21.49 -1.47 6.38
C LYS E 49 22.91 -1.94 6.04
N TRP E 50 23.44 -2.83 6.86
CA TRP E 50 24.75 -3.42 6.66
C TRP E 50 24.66 -4.96 6.74
N VAL E 51 25.22 -5.65 5.76
CA VAL E 51 25.09 -7.09 5.70
C VAL E 51 26.16 -7.78 6.54
N ASP E 52 25.75 -8.58 7.53
CA ASP E 52 26.70 -9.27 8.42
C ASP E 52 27.29 -10.61 7.89
N SER E 53 28.07 -11.27 8.72
CA SER E 53 28.76 -12.53 8.36
C SER E 53 27.82 -13.59 7.84
N GLU E 54 26.58 -13.56 8.33
CA GLU E 54 25.62 -14.63 8.10
C GLU E 54 24.62 -14.27 7.00
N GLY E 55 24.82 -13.13 6.36
CA GLY E 55 23.98 -12.73 5.24
C GLY E 55 22.65 -12.13 5.64
N ASP E 56 22.57 -11.67 6.89
CA ASP E 56 21.44 -10.85 7.33
C ASP E 56 21.71 -9.35 7.21
N PRO E 57 20.86 -8.65 6.46
CA PRO E 57 20.91 -7.18 6.52
C PRO E 57 20.56 -6.70 7.91
N CYS E 58 21.50 -6.05 8.59
CA CYS E 58 21.25 -5.48 9.91
C CYS E 58 21.10 -3.96 9.85
N THR E 59 20.26 -3.42 10.71
CA THR E 59 19.98 -1.99 10.68
C THR E 59 20.94 -1.22 11.60
N VAL E 60 21.52 -0.14 11.09
CA VAL E 60 22.25 0.75 11.96
C VAL E 60 21.65 2.14 12.02
N SER E 61 21.36 2.57 13.25
CA SER E 61 20.64 3.81 13.53
C SER E 61 21.39 4.58 14.61
N SER E 62 22.63 4.21 14.86
CA SER E 62 23.37 4.78 15.96
C SER E 62 24.84 4.55 15.77
N GLN E 63 25.63 5.34 16.49
CA GLN E 63 27.07 5.20 16.51
C GLN E 63 27.46 3.85 17.06
N MET E 64 26.76 3.40 18.10
CA MET E 64 27.02 2.11 18.75
C MET E 64 26.97 0.92 17.78
N GLU E 65 25.95 0.92 16.91
CA GLU E 65 25.76 -0.14 15.91
C GLU E 65 26.76 -0.02 14.78
N LEU E 66 27.08 1.22 14.39
CA LEU E 66 28.16 1.44 13.43
C LEU E 66 29.48 0.88 13.94
N GLU E 67 29.77 1.10 15.21
CA GLU E 67 31.01 0.62 15.77
C GLU E 67 31.00 -0.88 15.86
N GLU E 68 29.87 -1.49 16.19
CA GLU E 68 29.83 -2.93 16.16
C GLU E 68 30.10 -3.45 14.74
N ALA E 69 29.62 -2.73 13.74
CA ALA E 69 29.80 -3.20 12.37
C ALA E 69 31.26 -3.07 11.98
N PHE E 70 31.90 -2.00 12.41
CA PHE E 70 33.32 -1.81 12.22
C PHE E 70 34.09 -2.95 12.89
N ARG E 71 33.73 -3.28 14.11
CA ARG E 71 34.40 -4.33 14.87
C ARG E 71 34.32 -5.67 14.15
N LEU E 72 33.10 -6.08 13.81
CA LEU E 72 32.87 -7.36 13.12
C LEU E 72 33.51 -7.38 11.74
N ALA E 73 33.58 -6.21 11.11
CA ALA E 73 34.24 -6.14 9.82
C ALA E 73 35.76 -6.33 9.95
N CYS E 74 36.37 -5.73 10.96
CA CYS E 74 37.81 -5.98 11.23
C CYS E 74 38.03 -7.46 11.55
N GLN E 75 37.11 -8.03 12.31
CA GLN E 75 37.18 -9.43 12.72
C GLN E 75 37.14 -10.32 11.48
N GLY E 76 36.45 -9.86 10.44
CA GLY E 76 36.42 -10.61 9.19
C GLY E 76 37.55 -10.22 8.25
N ARG E 77 38.43 -9.33 8.71
CA ARG E 77 39.51 -8.78 7.89
C ARG E 77 38.99 -8.08 6.63
N ASP E 78 38.04 -7.18 6.80
CA ASP E 78 37.53 -6.44 5.65
C ASP E 78 38.26 -5.12 5.46
N GLU E 79 38.06 -4.55 4.28
CA GLU E 79 38.89 -3.49 3.74
C GLU E 79 37.99 -2.31 3.54
N VAL E 80 36.70 -2.60 3.50
CA VAL E 80 35.68 -1.61 3.25
C VAL E 80 34.40 -2.16 3.87
N LEU E 81 33.71 -1.32 4.62
CA LEU E 81 32.44 -1.67 5.22
C LEU E 81 31.37 -1.19 4.27
N ILE E 82 30.44 -2.04 3.87
CA ILE E 82 29.51 -1.63 2.83
C ILE E 82 28.18 -1.34 3.45
N ILE E 83 27.61 -0.17 3.15
CA ILE E 83 26.33 0.19 3.74
C ILE E 83 25.32 0.68 2.74
N HIS E 84 24.16 0.02 2.73
CA HIS E 84 23.02 0.35 1.89
C HIS E 84 22.13 1.40 2.55
N VAL E 85 21.76 2.43 1.82
CA VAL E 85 20.98 3.51 2.38
C VAL E 85 19.69 3.75 1.60
N PHE E 86 18.59 3.91 2.33
CA PHE E 86 17.27 4.09 1.72
C PHE E 86 16.63 5.35 2.26
N PRO E 87 16.71 6.43 1.48
CA PRO E 87 15.99 7.64 1.87
C PRO E 87 14.51 7.28 1.80
N SER E 88 13.74 7.75 2.76
CA SER E 88 12.33 7.40 2.82
C SER E 88 11.59 8.05 1.67
N ILE E 89 10.54 7.39 1.19
CA ILE E 89 9.78 7.95 0.09
C ILE E 89 8.47 8.52 0.62
N PRO E 90 8.26 9.83 0.42
CA PRO E 90 7.10 10.57 0.90
C PRO E 90 6.07 10.83 -0.20
N SER F 5 31.23 -8.91 27.69
CA SER F 5 32.09 -9.43 26.64
C SER F 5 31.31 -10.11 25.51
N LEU F 6 30.00 -9.89 25.46
CA LEU F 6 29.13 -10.62 24.54
C LEU F 6 28.92 -10.00 23.15
N THR F 7 29.01 -10.84 22.13
CA THR F 7 28.62 -10.48 20.77
C THR F 7 27.15 -10.82 20.63
N VAL F 8 26.30 -9.79 20.57
CA VAL F 8 24.86 -9.97 20.54
C VAL F 8 24.26 -9.70 19.18
N LYS F 9 23.38 -10.60 18.75
CA LYS F 9 22.54 -10.39 17.58
C LYS F 9 21.07 -10.46 17.99
N ALA F 10 20.37 -9.36 17.82
CA ALA F 10 19.00 -9.25 18.26
C ALA F 10 18.06 -9.24 17.07
N TYR F 11 17.05 -10.12 17.14
CA TYR F 11 16.05 -10.26 16.10
C TYR F 11 14.71 -9.74 16.63
N LEU F 12 14.17 -8.69 16.01
CA LEU F 12 12.83 -8.22 16.31
C LEU F 12 11.84 -8.94 15.45
N LEU F 13 10.94 -9.66 16.13
CA LEU F 13 9.89 -10.44 15.50
C LEU F 13 8.58 -9.66 15.52
N ASP F 17 6.22 -13.56 14.33
CA ASP F 17 6.73 -14.85 13.86
C ASP F 17 8.13 -14.72 13.27
N ALA F 18 8.21 -14.10 12.09
CA ALA F 18 9.49 -13.98 11.38
C ALA F 18 10.17 -12.61 11.57
N ALA F 19 11.47 -12.57 11.29
CA ALA F 19 12.29 -11.40 11.59
C ALA F 19 11.84 -10.13 10.88
N ARG F 20 11.36 -9.21 11.60
CA ARG F 20 11.02 -7.87 11.15
C ARG F 20 12.29 -7.04 10.99
N GLU F 21 13.12 -7.02 12.07
CA GLU F 21 14.42 -6.34 11.91
C GLU F 21 15.55 -6.83 12.80
N ILE F 22 16.79 -6.64 12.36
CA ILE F 22 17.91 -7.19 13.08
C ILE F 22 18.94 -6.12 13.45
N ARG F 23 19.39 -6.13 14.69
CA ARG F 23 20.43 -5.19 15.15
C ARG F 23 21.50 -5.91 15.94
N ARG F 24 22.74 -5.48 15.78
CA ARG F 24 23.89 -6.15 16.37
C ARG F 24 24.65 -5.21 17.30
N PHE F 25 25.08 -5.72 18.44
CA PHE F 25 25.83 -4.90 19.41
C PHE F 25 26.66 -5.73 20.39
N SER F 26 27.57 -5.08 21.12
CA SER F 26 28.39 -5.76 22.13
C SER F 26 27.90 -5.47 23.55
N PHE F 27 28.25 -6.34 24.50
CA PHE F 27 27.68 -6.25 25.83
C PHE F 27 28.47 -6.96 26.94
N CYS F 28 28.49 -6.36 28.13
CA CYS F 28 29.18 -6.94 29.29
C CYS F 28 28.23 -7.60 30.31
N PRO F 43 22.14 -1.52 38.41
CA PRO F 43 21.36 -2.47 37.61
C PRO F 43 22.16 -3.74 37.29
N GLY F 44 21.52 -4.89 37.40
CA GLY F 44 22.18 -6.15 37.08
C GLY F 44 22.33 -6.33 35.58
N PRO F 45 22.95 -7.45 35.18
CA PRO F 45 23.22 -7.78 33.77
C PRO F 45 21.97 -7.81 32.89
N CYS F 46 20.98 -8.63 33.24
CA CYS F 46 19.77 -8.79 32.43
C CYS F 46 18.97 -7.49 32.24
N GLU F 47 18.77 -6.74 33.33
CA GLU F 47 18.06 -5.46 33.28
C GLU F 47 18.73 -4.52 32.29
N ARG F 48 20.07 -4.46 32.37
CA ARG F 48 20.89 -3.62 31.48
C ARG F 48 20.79 -4.06 30.03
N LEU F 49 20.86 -5.38 29.79
CA LEU F 49 20.69 -5.93 28.45
C LEU F 49 19.34 -5.54 27.83
N LEU F 50 18.26 -5.77 28.58
CA LEU F 50 16.95 -5.39 28.08
C LEU F 50 16.88 -3.89 27.82
N SER F 51 17.54 -3.09 28.65
CA SER F 51 17.55 -1.64 28.46
C SER F 51 18.31 -1.20 27.20
N ARG F 52 19.41 -1.90 26.89
CA ARG F 52 20.10 -1.70 25.62
C ARG F 52 19.18 -2.03 24.45
N VAL F 53 18.52 -3.19 24.51
CA VAL F 53 17.55 -3.57 23.49
C VAL F 53 16.49 -2.48 23.28
N ALA F 54 15.91 -1.98 24.36
CA ALA F 54 14.91 -0.91 24.22
C ALA F 54 15.50 0.38 23.61
N ALA F 55 16.75 0.68 23.90
CA ALA F 55 17.38 1.86 23.33
C ALA F 55 17.65 1.69 21.82
N LEU F 56 18.10 0.52 21.41
CA LEU F 56 18.55 0.32 20.03
C LEU F 56 17.44 0.19 19.00
N PHE F 57 16.30 -0.36 19.40
CA PHE F 57 15.13 -0.49 18.52
C PHE F 57 14.13 0.67 18.69
N PRO F 58 13.96 1.50 17.65
CA PRO F 58 13.08 2.66 17.73
C PRO F 58 11.67 2.28 18.14
N ALA F 59 11.19 1.15 17.63
CA ALA F 59 9.81 0.76 17.83
C ALA F 59 9.55 0.16 19.21
N LEU F 60 10.62 -0.10 19.95
CA LEU F 60 10.51 -0.70 21.29
C LEU F 60 10.69 0.28 22.45
N ARG F 61 9.94 0.08 23.53
CA ARG F 61 10.09 0.86 24.76
C ARG F 61 10.23 -0.08 25.94
N PRO F 62 10.91 0.36 27.02
CA PRO F 62 11.12 -0.59 28.13
C PRO F 62 9.79 -1.11 28.67
N GLY F 63 9.73 -2.41 28.94
CA GLY F 63 8.51 -3.04 29.41
C GLY F 63 7.66 -3.71 28.33
N GLY F 64 7.42 -2.99 27.23
CA GLY F 64 6.49 -3.45 26.20
C GLY F 64 6.99 -4.53 25.26
N PHE F 65 7.90 -5.39 25.74
CA PHE F 65 8.37 -6.49 24.91
C PHE F 65 8.88 -7.64 25.76
N GLN F 66 8.99 -8.81 25.14
CA GLN F 66 9.50 -10.00 25.80
C GLN F 66 10.70 -10.59 25.06
N ALA F 67 11.83 -10.71 25.74
CA ALA F 67 13.02 -11.27 25.14
C ALA F 67 13.05 -12.77 25.34
N HIS F 68 13.45 -13.50 24.29
CA HIS F 68 13.58 -14.95 24.33
C HIS F 68 14.96 -15.33 23.84
N TYR F 69 15.37 -16.56 24.15
CA TYR F 69 16.57 -17.12 23.58
C TYR F 69 16.23 -18.44 22.91
N ARG F 70 17.24 -19.04 22.29
CA ARG F 70 17.04 -20.26 21.51
C ARG F 70 17.83 -21.44 22.07
N ALA F 71 17.13 -22.30 22.80
CA ALA F 71 17.65 -23.63 23.15
C ALA F 71 17.58 -24.47 21.88
N GLU F 72 18.67 -25.16 21.55
CA GLU F 72 18.81 -25.85 20.25
C GLU F 72 17.66 -26.84 19.94
N ARG F 73 16.84 -27.11 20.95
CA ARG F 73 15.60 -27.86 20.79
C ARG F 73 14.79 -27.32 19.60
N GLY F 74 14.91 -26.01 19.37
CA GLY F 74 14.25 -25.36 18.25
C GLY F 74 13.38 -24.22 18.73
N ASP F 75 12.58 -24.48 19.75
CA ASP F 75 11.66 -23.48 20.26
C ASP F 75 12.35 -22.38 21.07
N LEU F 76 11.76 -21.19 21.07
CA LEU F 76 12.32 -20.05 21.79
C LEU F 76 11.70 -19.99 23.17
N VAL F 77 12.53 -19.83 24.19
CA VAL F 77 11.99 -19.62 25.54
C VAL F 77 12.34 -18.23 26.08
N ALA F 78 11.33 -17.56 26.64
CA ALA F 78 11.51 -16.22 27.17
C ALA F 78 12.49 -16.20 28.34
N PHE F 79 13.22 -15.10 28.49
CA PHE F 79 14.12 -14.92 29.63
C PHE F 79 14.04 -13.49 30.17
N SER F 80 13.86 -13.36 31.49
CA SER F 80 13.50 -12.06 32.07
C SER F 80 14.25 -11.68 33.34
N SER F 81 15.29 -12.44 33.69
CA SER F 81 16.11 -12.14 34.86
C SER F 81 17.49 -12.78 34.72
N ASP F 82 18.44 -12.31 35.51
CA ASP F 82 19.85 -12.66 35.34
C ASP F 82 20.04 -14.18 35.42
N GLU F 83 19.17 -14.82 36.18
CA GLU F 83 19.09 -16.28 36.28
C GLU F 83 18.79 -16.86 34.90
N GLU F 84 17.61 -16.54 34.39
CA GLU F 84 17.19 -16.96 33.05
C GLU F 84 18.21 -16.57 31.97
N LEU F 85 18.90 -15.44 32.17
CA LEU F 85 19.94 -14.97 31.27
C LEU F 85 21.13 -15.93 31.22
N THR F 86 21.70 -16.23 32.38
CA THR F 86 22.83 -17.15 32.42
C THR F 86 22.40 -18.51 31.89
N MET F 87 21.13 -18.89 32.11
CA MET F 87 20.64 -20.10 31.47
C MET F 87 20.67 -19.94 29.94
N ALA F 88 20.32 -18.76 29.46
CA ALA F 88 20.33 -18.48 28.02
C ALA F 88 21.71 -18.72 27.41
N MET F 89 22.76 -18.09 27.94
CA MET F 89 24.08 -18.22 27.32
C MET F 89 24.61 -19.66 27.15
N SER F 90 23.95 -20.62 27.78
CA SER F 90 24.45 -22.00 27.79
C SER F 90 24.11 -22.75 26.51
N TYR F 91 23.25 -22.15 25.70
CA TYR F 91 22.77 -22.81 24.49
C TYR F 91 23.49 -22.35 23.21
N VAL F 92 24.26 -21.28 23.30
CA VAL F 92 25.03 -20.86 22.14
C VAL F 92 26.50 -21.24 22.23
N LYS F 93 26.94 -22.08 21.31
CA LYS F 93 28.33 -22.50 21.25
C LYS F 93 28.98 -21.93 19.98
N ASP F 94 28.35 -20.89 19.44
CA ASP F 94 28.83 -20.26 18.22
C ASP F 94 29.43 -18.89 18.48
N ASP F 95 29.61 -18.56 19.76
CA ASP F 95 30.20 -17.29 20.20
C ASP F 95 29.34 -16.08 19.78
N ILE F 96 28.06 -16.34 19.55
CA ILE F 96 27.15 -15.28 19.17
C ILE F 96 25.83 -15.45 19.90
N PHE F 97 25.57 -14.58 20.88
CA PHE F 97 24.34 -14.70 21.64
C PHE F 97 23.17 -14.11 20.86
N ARG F 98 22.24 -15.00 20.49
CA ARG F 98 21.07 -14.59 19.72
C ARG F 98 19.88 -14.35 20.64
N ILE F 99 19.26 -13.18 20.48
CA ILE F 99 18.08 -12.82 21.26
C ILE F 99 16.92 -12.62 20.30
N TYR F 100 15.72 -12.99 20.72
CA TYR F 100 14.56 -12.86 19.84
C TYR F 100 13.45 -12.16 20.60
N ILE F 101 13.02 -11.02 20.09
CA ILE F 101 12.14 -10.12 20.82
C ILE F 101 10.73 -10.12 20.26
N LYS F 102 9.75 -10.31 21.13
CA LYS F 102 8.36 -10.21 20.68
C LYS F 102 7.67 -9.04 21.35
N GLU F 103 6.86 -8.31 20.60
CA GLU F 103 6.19 -7.12 21.12
C GLU F 103 4.95 -7.49 21.94
N LYS F 104 5.00 -7.26 23.25
CA LYS F 104 3.83 -7.44 24.13
C LYS F 104 2.70 -6.53 23.68
N PRO G 2 44.47 9.83 2.87
CA PRO G 2 43.47 10.36 3.80
C PRO G 2 44.13 10.87 5.08
N HIS G 3 43.62 10.44 6.23
CA HIS G 3 44.15 10.84 7.54
C HIS G 3 44.66 9.64 8.28
N MET G 4 45.70 9.84 9.10
CA MET G 4 46.38 8.72 9.72
C MET G 4 46.38 8.90 11.23
N ARG G 5 46.84 7.88 11.94
CA ARG G 5 47.12 7.99 13.37
C ARG G 5 47.90 9.28 13.75
N VAL G 6 47.47 9.95 14.80
CA VAL G 6 48.22 11.06 15.37
C VAL G 6 48.76 10.67 16.74
N ARG G 7 50.07 10.77 16.90
CA ARG G 7 50.70 10.67 18.20
C ARG G 7 50.73 12.07 18.81
N LEU G 8 50.16 12.21 19.99
CA LEU G 8 50.07 13.47 20.69
C LEU G 8 51.04 13.40 21.86
N LYS G 9 51.96 14.36 21.89
CA LYS G 9 52.99 14.41 22.92
C LYS G 9 52.93 15.77 23.61
N ALA G 10 52.28 15.81 24.77
CA ALA G 10 52.05 17.05 25.51
C ALA G 10 53.14 17.29 26.54
N HIS G 11 53.78 18.45 26.44
CA HIS G 11 54.85 18.81 27.37
C HIS G 11 54.26 19.59 28.51
N TYR G 12 53.75 18.90 29.51
CA TYR G 12 53.12 19.59 30.62
C TYR G 12 53.62 19.16 32.01
N GLY G 13 53.84 20.15 32.86
CA GLY G 13 54.25 19.90 34.22
C GLY G 13 55.61 19.24 34.30
N GLY G 14 56.48 19.56 33.34
CA GLY G 14 57.82 19.00 33.30
C GLY G 14 57.84 17.59 32.76
N ASP G 15 56.63 17.04 32.52
CA ASP G 15 56.48 15.70 31.99
C ASP G 15 56.09 15.75 30.52
N ILE G 16 56.09 14.57 29.89
CA ILE G 16 55.70 14.41 28.51
C ILE G 16 54.66 13.29 28.43
N LEU G 17 53.42 13.68 28.22
CA LEU G 17 52.31 12.73 28.21
C LEU G 17 52.00 12.36 26.78
N ILE G 18 51.82 11.08 26.51
CA ILE G 18 51.64 10.60 25.16
C ILE G 18 50.35 9.80 24.97
N THR G 19 49.65 10.04 23.86
CA THR G 19 48.54 9.17 23.46
C THR G 19 48.39 9.21 21.95
N SER G 20 47.70 8.21 21.40
CA SER G 20 47.47 8.15 19.96
C SER G 20 45.99 8.32 19.64
N VAL G 21 45.71 9.12 18.61
CA VAL G 21 44.34 9.35 18.17
C VAL G 21 44.14 8.86 16.75
N ASP G 22 43.08 8.09 16.53
CA ASP G 22 42.75 7.57 15.20
C ASP G 22 41.50 8.22 14.64
N THR G 24 38.31 10.13 9.95
CA THR G 24 39.05 11.40 9.91
C THR G 24 39.29 11.93 11.31
N THR G 25 40.32 12.77 11.45
CA THR G 25 40.66 13.36 12.74
C THR G 25 40.54 14.88 12.67
N THR G 26 39.87 15.47 13.67
CA THR G 26 39.67 16.91 13.70
C THR G 26 40.54 17.60 14.75
N PHE G 27 41.01 18.80 14.41
CA PHE G 27 41.78 19.62 15.30
C PHE G 27 41.16 19.71 16.70
N GLN G 28 39.84 19.85 16.74
CA GLN G 28 39.11 19.96 18.00
C GLN G 28 39.18 18.69 18.87
N ASP G 29 39.01 17.54 18.25
CA ASP G 29 39.16 16.25 18.90
C ASP G 29 40.52 16.21 19.57
N LEU G 30 41.56 16.51 18.79
CA LEU G 30 42.95 16.53 19.27
C LEU G 30 43.12 17.44 20.50
N CYS G 31 42.55 18.65 20.43
CA CYS G 31 42.65 19.57 21.55
C CYS G 31 41.99 18.98 22.80
N GLU G 32 40.83 18.38 22.62
CA GLU G 32 40.11 17.83 23.76
C GLU G 32 40.82 16.61 24.35
N GLU G 33 41.39 15.78 23.47
CA GLU G 33 42.18 14.63 23.88
C GLU G 33 43.38 15.03 24.71
N VAL G 34 44.07 16.10 24.27
CA VAL G 34 45.16 16.65 25.06
C VAL G 34 44.66 17.12 26.43
N ARG G 35 43.62 17.97 26.44
CA ARG G 35 43.04 18.48 27.69
C ARG G 35 42.56 17.42 28.68
N ASP G 36 42.02 16.33 28.15
CA ASP G 36 41.65 15.18 28.92
C ASP G 36 42.91 14.56 29.53
N MET G 37 43.86 14.21 28.67
CA MET G 37 45.08 13.52 29.09
C MET G 37 45.83 14.25 30.20
N CYS G 38 45.95 15.57 30.08
CA CYS G 38 46.70 16.36 31.06
C CYS G 38 45.78 16.87 32.17
N GLY G 39 44.50 16.56 32.07
CA GLY G 39 43.52 17.08 33.00
C GLY G 39 43.47 18.59 33.09
N LEU G 40 43.32 19.26 31.94
CA LEU G 40 43.27 20.72 31.90
C LEU G 40 41.84 21.21 31.83
N HIS G 41 41.63 22.48 32.17
CA HIS G 41 40.31 23.11 32.04
C HIS G 41 39.93 23.17 30.56
N GLN G 42 38.65 23.02 30.24
CA GLN G 42 38.14 22.96 28.85
C GLN G 42 38.62 24.10 27.93
N GLN G 43 39.00 25.23 28.51
CA GLN G 43 39.42 26.38 27.74
C GLN G 43 40.92 26.67 27.87
N HIS G 44 41.67 25.71 28.40
CA HIS G 44 43.11 25.87 28.56
C HIS G 44 43.77 25.99 27.19
N PRO G 45 44.41 27.13 26.94
CA PRO G 45 44.99 27.37 25.62
C PRO G 45 46.17 26.42 25.30
N LEU G 46 46.17 25.93 24.07
CA LEU G 46 47.17 24.98 23.60
C LEU G 46 47.95 25.58 22.44
N THR G 47 49.19 25.14 22.29
CA THR G 47 49.97 25.45 21.10
C THR G 47 50.42 24.10 20.56
N LEU G 48 50.05 23.80 19.31
CA LEU G 48 50.42 22.52 18.70
C LEU G 48 51.39 22.72 17.53
N LYS G 49 52.46 21.94 17.50
CA LYS G 49 53.45 21.98 16.41
C LYS G 49 53.75 20.59 15.87
N TRP G 50 54.03 20.49 14.59
CA TRP G 50 54.61 19.26 14.06
C TRP G 50 55.87 19.60 13.25
N VAL G 51 56.88 18.74 13.34
CA VAL G 51 58.13 18.95 12.66
C VAL G 51 58.03 18.45 11.23
N ASP G 52 58.31 19.33 10.27
CA ASP G 52 58.18 18.94 8.87
C ASP G 52 59.44 18.34 8.32
N SER G 53 59.45 18.15 7.02
CA SER G 53 60.53 17.43 6.37
C SER G 53 61.77 18.32 6.22
N GLU G 54 61.72 19.48 6.87
CA GLU G 54 62.81 20.44 6.86
C GLU G 54 63.27 20.73 8.29
N GLY G 55 62.84 19.89 9.23
CA GLY G 55 63.15 20.09 10.64
C GLY G 55 62.55 21.33 11.30
N ASP G 56 61.57 21.96 10.65
CA ASP G 56 60.92 23.13 11.24
C ASP G 56 59.70 22.75 12.08
N PRO G 57 59.62 23.32 13.27
CA PRO G 57 58.36 23.18 14.00
C PRO G 57 57.28 24.05 13.39
N CYS G 58 56.27 23.43 12.78
CA CYS G 58 55.17 24.14 12.16
C CYS G 58 53.93 24.13 13.05
N THR G 59 53.40 25.31 13.33
CA THR G 59 52.27 25.44 14.24
C THR G 59 50.95 25.15 13.51
N VAL G 60 50.07 24.39 14.16
CA VAL G 60 48.73 24.15 13.64
C VAL G 60 47.68 24.59 14.67
N SER G 61 46.71 25.35 14.20
CA SER G 61 45.72 25.95 15.07
C SER G 61 44.35 25.87 14.42
N SER G 62 44.13 24.83 13.62
CA SER G 62 42.96 24.81 12.74
C SER G 62 42.87 23.52 11.96
N GLN G 63 41.70 23.23 11.43
CA GLN G 63 41.50 22.02 10.64
C GLN G 63 42.28 22.10 9.32
N MET G 64 42.34 23.30 8.74
CA MET G 64 43.10 23.53 7.51
C MET G 64 44.59 23.16 7.64
N GLU G 65 45.20 23.60 8.73
CA GLU G 65 46.61 23.29 8.99
C GLU G 65 46.86 21.82 9.29
N LEU G 66 45.94 21.21 10.00
CA LEU G 66 46.05 19.80 10.28
C LEU G 66 45.90 19.00 8.99
N GLU G 67 45.03 19.46 8.11
CA GLU G 67 44.84 18.79 6.84
C GLU G 67 46.11 18.89 6.03
N GLU G 68 46.76 20.05 6.08
CA GLU G 68 47.95 20.20 5.28
C GLU G 68 49.03 19.26 5.82
N ALA G 69 49.11 19.17 7.16
CA ALA G 69 50.02 18.24 7.82
C ALA G 69 49.78 16.78 7.41
N PHE G 70 48.53 16.35 7.48
CA PHE G 70 48.12 15.01 7.01
C PHE G 70 48.55 14.76 5.56
N ARG G 71 48.29 15.76 4.70
CA ARG G 71 48.62 15.63 3.28
C ARG G 71 50.14 15.43 3.10
N LEU G 72 50.94 16.36 3.62
CA LEU G 72 52.40 16.21 3.61
C LEU G 72 52.89 14.88 4.21
N ALA G 73 52.18 14.38 5.21
CA ALA G 73 52.52 13.11 5.85
C ALA G 73 52.29 11.89 4.94
N CYS G 74 51.19 11.87 4.21
CA CYS G 74 50.99 10.88 3.14
C CYS G 74 52.09 11.01 2.10
N GLN G 75 52.32 12.23 1.63
CA GLN G 75 53.34 12.49 0.62
C GLN G 75 54.70 11.85 0.95
N GLY G 76 55.04 11.81 2.23
CA GLY G 76 56.26 11.18 2.68
C GLY G 76 56.05 9.79 3.22
N ARG G 77 54.87 9.22 2.96
CA ARG G 77 54.60 7.82 3.29
C ARG G 77 54.79 7.51 4.78
N ASP G 78 54.58 8.52 5.62
CA ASP G 78 54.64 8.39 7.06
C ASP G 78 53.47 7.57 7.58
N GLU G 79 53.71 6.77 8.60
CA GLU G 79 52.67 5.93 9.17
C GLU G 79 51.96 6.63 10.32
N VAL G 80 52.59 7.64 10.89
CA VAL G 80 52.01 8.37 12.00
C VAL G 80 52.40 9.83 11.86
N LEU G 81 51.54 10.73 12.33
CA LEU G 81 51.84 12.15 12.37
C LEU G 81 52.11 12.49 13.81
N ILE G 82 53.27 13.06 14.08
CA ILE G 82 53.63 13.37 15.45
C ILE G 82 53.41 14.82 15.76
N ILE G 83 52.52 15.08 16.71
CA ILE G 83 52.19 16.43 17.11
C ILE G 83 52.57 16.73 18.56
N HIS G 84 53.46 17.70 18.71
CA HIS G 84 53.92 18.21 20.00
C HIS G 84 52.98 19.29 20.53
N VAL G 85 52.53 19.11 21.76
CA VAL G 85 51.56 20.04 22.33
C VAL G 85 52.13 20.72 23.56
N PHE G 86 51.98 22.05 23.61
CA PHE G 86 52.43 22.86 24.73
C PHE G 86 51.22 23.61 25.31
N PRO G 87 50.66 23.08 26.40
CA PRO G 87 49.59 23.83 27.09
C PRO G 87 50.20 25.10 27.64
N SER G 88 49.47 26.19 27.66
CA SER G 88 50.06 27.43 28.17
C SER G 88 50.21 27.42 29.69
N ILE G 89 51.10 28.28 30.18
CA ILE G 89 51.52 28.32 31.57
C ILE G 89 51.06 29.58 32.27
N PRO G 90 50.25 29.43 33.32
CA PRO G 90 50.05 30.51 34.30
C PRO G 90 51.27 30.75 35.21
N SER H 5 46.82 23.20 -4.31
CA SER H 5 47.58 23.00 -5.54
C SER H 5 48.97 23.66 -5.46
N LEU H 6 49.05 24.80 -4.78
CA LEU H 6 50.34 25.39 -4.40
C LEU H 6 50.67 25.10 -2.93
N THR H 7 51.72 24.32 -2.71
CA THR H 7 52.20 23.99 -1.38
C THR H 7 52.92 25.19 -0.77
N VAL H 8 52.33 25.78 0.28
CA VAL H 8 52.84 27.03 0.85
C VAL H 8 53.37 26.86 2.27
N LYS H 9 54.56 27.40 2.51
CA LYS H 9 55.12 27.47 3.83
C LYS H 9 55.34 28.94 4.24
N ALA H 10 54.68 29.37 5.31
CA ALA H 10 54.66 30.76 5.71
C ALA H 10 55.46 31.01 6.98
N TYR H 11 56.40 31.96 6.88
CA TYR H 11 57.28 32.28 7.98
C TYR H 11 56.97 33.66 8.52
N LEU H 12 56.69 33.74 9.82
CA LEU H 12 56.45 35.02 10.45
C LEU H 12 57.73 35.50 11.10
N LEU H 13 58.17 36.68 10.68
CA LEU H 13 59.46 37.19 11.11
C LEU H 13 59.32 38.04 12.36
N GLY H 14 60.34 38.01 13.21
CA GLY H 14 60.35 38.79 14.44
C GLY H 14 61.50 39.79 14.52
N ASP H 17 63.94 39.89 10.88
CA ASP H 17 65.04 38.97 10.66
C ASP H 17 64.64 37.48 10.72
N ALA H 18 64.54 36.93 11.94
CA ALA H 18 64.33 35.49 12.11
C ALA H 18 62.85 35.08 12.25
N ALA H 19 62.59 33.78 12.10
CA ALA H 19 61.23 33.24 12.13
C ALA H 19 60.74 33.03 13.55
N ARG H 20 59.52 33.49 13.83
CA ARG H 20 58.93 33.36 15.16
C ARG H 20 57.99 32.16 15.19
N GLU H 21 57.38 31.92 14.05
CA GLU H 21 56.23 31.04 13.94
C GLU H 21 56.18 30.66 12.47
N ILE H 22 55.98 29.39 12.19
CA ILE H 22 55.85 28.91 10.83
C ILE H 22 54.57 28.11 10.69
N ARG H 23 53.80 28.40 9.64
CA ARG H 23 52.51 27.73 9.40
C ARG H 23 52.43 27.26 7.96
N ARG H 24 51.97 26.03 7.76
CA ARG H 24 51.95 25.46 6.41
C ARG H 24 50.54 25.19 5.93
N PHE H 25 50.26 25.51 4.66
CA PHE H 25 48.94 25.30 4.09
C PHE H 25 49.07 25.17 2.57
N SER H 26 48.06 24.66 1.90
CA SER H 26 48.05 24.77 0.44
C SER H 26 47.09 25.86 -0.06
N PHE H 27 47.11 26.14 -1.36
CA PHE H 27 46.43 27.32 -1.89
C PHE H 27 46.20 27.17 -3.39
N CYS H 28 44.96 27.31 -3.83
CA CYS H 28 44.69 27.25 -5.27
C CYS H 28 44.87 28.60 -5.95
N PRO H 43 38.69 37.53 -4.32
CA PRO H 43 38.52 37.04 -5.69
C PRO H 43 39.86 37.05 -6.43
N GLY H 44 40.69 38.03 -6.12
CA GLY H 44 42.03 38.08 -6.66
C GLY H 44 42.97 37.19 -5.85
N PRO H 45 43.88 36.50 -6.57
CA PRO H 45 44.91 35.61 -6.01
C PRO H 45 45.66 36.20 -4.81
N CYS H 46 46.30 37.35 -5.00
CA CYS H 46 47.04 38.00 -3.92
C CYS H 46 46.14 38.34 -2.73
N GLU H 47 44.95 38.89 -3.02
CA GLU H 47 43.96 39.14 -1.97
C GLU H 47 43.58 37.85 -1.22
N ARG H 48 43.30 36.78 -1.96
CA ARG H 48 42.93 35.51 -1.35
C ARG H 48 44.05 34.99 -0.44
N LEU H 49 45.28 35.00 -0.94
CA LEU H 49 46.46 34.60 -0.17
C LEU H 49 46.65 35.41 1.10
N LEU H 50 46.66 36.74 0.99
CA LEU H 50 46.76 37.59 2.17
C LEU H 50 45.60 37.34 3.16
N SER H 51 44.43 36.97 2.66
CA SER H 51 43.29 36.63 3.51
C SER H 51 43.57 35.35 4.29
N ARG H 52 44.07 34.35 3.57
CA ARG H 52 44.47 33.07 4.16
C ARG H 52 45.51 33.30 5.26
N VAL H 53 46.52 34.10 4.95
CA VAL H 53 47.59 34.41 5.88
C VAL H 53 47.03 35.10 7.14
N ALA H 54 46.20 36.12 6.92
CA ALA H 54 45.61 36.86 8.02
C ALA H 54 44.76 35.96 8.91
N ALA H 55 44.09 35.01 8.29
CA ALA H 55 43.24 34.11 9.05
C ALA H 55 44.05 33.08 9.87
N LEU H 56 45.10 32.52 9.26
CA LEU H 56 45.86 31.42 9.89
C LEU H 56 46.76 31.85 11.03
N PHE H 57 47.29 33.07 10.93
CA PHE H 57 48.18 33.60 11.96
C PHE H 57 47.39 34.47 12.94
N PRO H 58 47.25 33.98 14.19
CA PRO H 58 46.44 34.67 15.20
C PRO H 58 46.87 36.10 15.47
N ALA H 59 48.16 36.42 15.34
CA ALA H 59 48.62 37.75 15.69
C ALA H 59 48.33 38.78 14.60
N LEU H 60 48.06 38.32 13.39
CA LEU H 60 47.94 39.18 12.22
C LEU H 60 46.52 39.61 11.96
N ARG H 61 46.37 40.83 11.46
CA ARG H 61 45.06 41.30 11.08
C ARG H 61 45.16 41.79 9.64
N PRO H 62 44.06 41.76 8.88
CA PRO H 62 44.12 42.20 7.49
C PRO H 62 44.67 43.63 7.35
N GLY H 63 45.52 43.82 6.34
CA GLY H 63 46.17 45.09 6.10
C GLY H 63 47.25 45.42 7.11
N GLY H 64 47.43 44.58 8.12
CA GLY H 64 48.39 44.89 9.18
C GLY H 64 49.80 44.34 8.99
N PHE H 65 50.09 43.84 7.79
CA PHE H 65 51.34 43.13 7.57
C PHE H 65 51.80 43.16 6.12
N GLN H 66 53.10 42.93 5.92
CA GLN H 66 53.66 42.82 4.56
C GLN H 66 54.32 41.46 4.29
N ALA H 67 53.98 40.93 3.11
CA ALA H 67 54.40 39.64 2.61
C ALA H 67 55.50 39.71 1.56
N HIS H 68 56.45 38.79 1.64
CA HIS H 68 57.60 38.78 0.76
C HIS H 68 57.83 37.39 0.23
N TYR H 69 58.63 37.31 -0.83
CA TYR H 69 59.28 36.07 -1.15
C TYR H 69 60.76 36.35 -0.95
N ARG H 70 61.61 35.35 -1.12
CA ARG H 70 63.05 35.64 -1.08
C ARG H 70 63.63 35.36 -2.45
N ALA H 71 64.57 36.23 -2.84
CA ALA H 71 65.23 36.21 -4.14
C ALA H 71 66.42 35.26 -4.17
N GLU H 72 67.12 35.25 -5.30
CA GLU H 72 68.22 34.32 -5.52
C GLU H 72 69.34 34.49 -4.49
N ARG H 73 69.69 35.72 -4.14
CA ARG H 73 70.71 35.91 -3.12
C ARG H 73 70.12 35.77 -1.71
N GLY H 74 68.88 35.28 -1.66
CA GLY H 74 68.18 35.08 -0.41
C GLY H 74 67.62 36.36 0.15
N ASP H 75 67.54 37.41 -0.67
CA ASP H 75 67.08 38.70 -0.12
C ASP H 75 65.55 38.91 -0.16
N LEU H 76 65.04 39.67 0.80
CA LEU H 76 63.60 39.85 0.93
C LEU H 76 62.99 40.73 -0.18
N VAL H 77 61.87 40.30 -0.75
CA VAL H 77 61.23 41.12 -1.78
C VAL H 77 59.71 41.10 -1.67
N ALA H 78 59.18 42.30 -1.41
CA ALA H 78 57.76 42.50 -1.24
C ALA H 78 56.92 42.03 -2.43
N PHE H 79 55.76 41.46 -2.15
CA PHE H 79 54.71 41.36 -3.16
C PHE H 79 53.41 41.88 -2.58
N SER H 80 52.60 42.50 -3.42
CA SER H 80 51.39 43.19 -2.96
C SER H 80 50.26 43.16 -4.01
N SER H 81 50.52 42.54 -5.15
CA SER H 81 49.53 42.46 -6.21
C SER H 81 49.70 41.17 -6.98
N ASP H 82 48.72 40.86 -7.82
CA ASP H 82 48.73 39.62 -8.59
C ASP H 82 49.99 39.47 -9.43
N GLU H 83 50.47 40.58 -9.97
CA GLU H 83 51.65 40.57 -10.83
C GLU H 83 52.90 40.20 -10.02
N GLU H 84 53.07 40.88 -8.88
CA GLU H 84 54.16 40.59 -7.95
C GLU H 84 54.02 39.20 -7.30
N LEU H 85 52.80 38.70 -7.21
CA LEU H 85 52.59 37.33 -6.79
C LEU H 85 53.09 36.37 -7.87
N THR H 86 52.82 36.70 -9.13
CA THR H 86 53.30 35.90 -10.24
C THR H 86 54.84 35.90 -10.25
N MET H 87 55.41 37.07 -9.98
CA MET H 87 56.85 37.19 -9.80
C MET H 87 57.33 36.19 -8.75
N ALA H 88 56.79 36.32 -7.53
CA ALA H 88 57.10 35.45 -6.41
C ALA H 88 57.03 33.99 -6.82
N MET H 89 55.92 33.58 -7.38
CA MET H 89 55.70 32.18 -7.72
C MET H 89 56.70 31.69 -8.76
N SER H 90 57.29 32.61 -9.50
CA SER H 90 58.33 32.22 -10.45
C SER H 90 59.51 31.52 -9.77
N TYR H 91 59.78 31.90 -8.52
CA TYR H 91 61.02 31.48 -7.84
C TYR H 91 60.93 30.16 -7.07
N VAL H 92 59.72 29.58 -7.00
CA VAL H 92 59.52 28.30 -6.34
C VAL H 92 60.47 27.21 -6.81
N LYS H 93 61.27 26.68 -5.87
CA LYS H 93 62.35 25.76 -6.18
C LYS H 93 61.92 24.30 -6.26
N ASP H 94 61.42 23.75 -5.15
CA ASP H 94 61.01 22.34 -5.12
C ASP H 94 59.55 22.22 -4.76
N ASP H 95 58.70 22.90 -5.53
CA ASP H 95 57.25 22.83 -5.39
C ASP H 95 56.74 23.27 -4.00
N ILE H 96 57.46 24.23 -3.41
CA ILE H 96 57.16 24.74 -2.09
C ILE H 96 57.27 26.24 -2.15
N PHE H 97 56.16 26.92 -1.96
CA PHE H 97 56.18 28.36 -2.04
C PHE H 97 56.47 28.91 -0.66
N ARG H 98 57.56 29.66 -0.53
CA ARG H 98 57.95 30.19 0.77
C ARG H 98 57.67 31.68 0.85
N ILE H 99 56.96 32.06 1.90
CA ILE H 99 56.45 33.41 2.06
C ILE H 99 56.92 33.94 3.40
N TYR H 100 57.28 35.22 3.44
CA TYR H 100 57.88 35.78 4.64
C TYR H 100 57.13 37.02 5.09
N ILE H 101 56.79 37.08 6.36
CA ILE H 101 55.90 38.13 6.83
C ILE H 101 56.54 38.98 7.93
N LYS H 102 56.42 40.31 7.76
CA LYS H 102 56.73 41.23 8.84
C LYS H 102 55.51 42.11 9.10
N GLU H 103 55.22 42.38 10.37
CA GLU H 103 54.06 43.19 10.72
C GLU H 103 54.36 44.67 10.42
N LYS H 104 53.40 45.37 9.79
CA LYS H 104 53.53 46.82 9.58
C LYS H 104 53.36 47.54 10.91
N PRO I 2 3.39 -40.92 39.19
CA PRO I 2 3.96 -42.15 39.76
C PRO I 2 2.85 -43.14 40.17
N HIS I 3 3.19 -44.03 41.10
CA HIS I 3 2.32 -45.12 41.47
C HIS I 3 1.50 -44.84 42.73
N MET I 4 0.65 -45.78 43.08
CA MET I 4 -0.23 -45.63 44.24
C MET I 4 -0.56 -47.00 44.78
N ARG I 5 -1.27 -47.02 45.90
CA ARG I 5 -1.65 -48.26 46.55
C ARG I 5 -2.53 -49.11 45.63
N VAL I 6 -2.30 -50.41 45.62
CA VAL I 6 -3.14 -51.30 44.86
C VAL I 6 -3.92 -52.20 45.79
N ARG I 7 -5.24 -52.17 45.67
CA ARG I 7 -6.08 -53.08 46.44
C ARG I 7 -6.40 -54.30 45.61
N LEU I 8 -5.82 -55.42 45.98
CA LEU I 8 -6.00 -56.68 45.27
C LEU I 8 -7.23 -57.38 45.84
N LYS I 9 -8.15 -57.77 44.94
CA LYS I 9 -9.41 -58.46 45.30
C LYS I 9 -9.53 -59.73 44.46
N ALA I 10 -9.09 -60.83 45.04
CA ALA I 10 -9.00 -62.09 44.32
C ALA I 10 -10.21 -62.97 44.61
N HIS I 11 -10.74 -63.57 43.56
CA HIS I 11 -11.86 -64.50 43.65
C HIS I 11 -11.33 -65.89 43.97
N TYR I 12 -11.29 -66.26 45.26
CA TYR I 12 -10.80 -67.59 45.59
C TYR I 12 -11.50 -68.30 46.74
N GLY I 13 -11.71 -69.60 46.55
CA GLY I 13 -12.41 -70.44 47.52
C GLY I 13 -13.71 -69.80 48.01
N GLY I 14 -14.54 -69.35 47.06
CA GLY I 14 -15.84 -68.78 47.37
C GLY I 14 -15.78 -67.57 48.27
N ASP I 15 -14.60 -66.98 48.37
CA ASP I 15 -14.45 -65.73 49.06
C ASP I 15 -13.85 -64.69 48.11
N ILE I 16 -13.95 -63.42 48.50
CA ILE I 16 -13.14 -62.37 47.91
C ILE I 16 -11.97 -62.08 48.85
N LEU I 17 -10.81 -62.67 48.58
CA LEU I 17 -9.63 -62.45 49.41
C LEU I 17 -9.01 -61.12 49.05
N ILE I 18 -8.80 -60.29 50.05
CA ILE I 18 -8.42 -58.90 49.80
C ILE I 18 -7.13 -58.52 50.51
N THR I 19 -6.20 -57.91 49.77
CA THR I 19 -4.99 -57.36 50.41
C THR I 19 -4.47 -56.11 49.70
N SER I 20 -3.39 -55.53 50.22
CA SER I 20 -2.87 -54.28 49.68
C SER I 20 -1.37 -54.32 49.42
N VAL I 21 -0.95 -53.76 48.30
CA VAL I 21 0.46 -53.67 47.95
C VAL I 21 0.87 -52.21 47.82
N ASP I 22 1.97 -51.84 48.48
CA ASP I 22 2.46 -50.47 48.44
C ASP I 22 3.77 -50.38 47.66
N THR I 24 7.93 -48.05 43.80
CA THR I 24 7.16 -48.42 42.62
C THR I 24 6.58 -49.83 42.76
N THR I 25 5.52 -50.11 42.01
CA THR I 25 4.88 -51.42 42.05
C THR I 25 4.95 -52.09 40.68
N THR I 26 5.38 -53.34 40.66
CA THR I 26 5.49 -54.10 39.41
C THR I 26 4.36 -55.10 39.26
N PHE I 27 4.11 -55.51 38.02
CA PHE I 27 3.06 -56.47 37.74
C PHE I 27 3.39 -57.77 38.46
N GLN I 28 4.69 -58.03 38.54
CA GLN I 28 5.17 -59.23 39.21
C GLN I 28 4.86 -59.18 40.70
N ASP I 29 5.12 -58.03 41.34
CA ASP I 29 4.76 -57.82 42.75
C ASP I 29 3.33 -58.29 43.02
N LEU I 30 2.42 -57.78 42.21
CA LEU I 30 1.00 -58.06 42.31
C LEU I 30 0.72 -59.54 42.21
N CYS I 31 1.31 -60.17 41.19
CA CYS I 31 1.10 -61.60 40.99
C CYS I 31 1.55 -62.44 42.17
N GLU I 32 2.74 -62.11 42.70
CA GLU I 32 3.30 -62.85 43.82
C GLU I 32 2.45 -62.68 45.07
N GLU I 33 2.02 -61.45 45.36
CA GLU I 33 1.11 -61.19 46.47
C GLU I 33 -0.19 -62.00 46.35
N VAL I 34 -0.73 -62.09 45.14
CA VAL I 34 -1.91 -62.91 44.92
C VAL I 34 -1.66 -64.40 45.20
N ARG I 35 -0.57 -64.94 44.66
CA ARG I 35 -0.30 -66.35 44.86
C ARG I 35 0.02 -66.69 46.32
N ASP I 36 0.66 -65.76 47.03
CA ASP I 36 0.94 -65.96 48.45
C ASP I 36 -0.36 -65.94 49.25
N MET I 37 -1.16 -64.90 49.02
CA MET I 37 -2.47 -64.78 49.67
C MET I 37 -3.41 -65.97 49.45
N CYS I 38 -3.43 -66.53 48.25
CA CYS I 38 -4.35 -67.65 48.02
C CYS I 38 -3.74 -69.05 48.23
N GLY I 39 -2.46 -69.12 48.60
CA GLY I 39 -1.77 -70.38 48.69
C GLY I 39 -1.65 -71.11 47.35
N LEU I 40 -1.28 -70.38 46.30
CA LEU I 40 -1.21 -70.97 44.97
C LEU I 40 0.20 -71.40 44.60
N HIS I 41 0.27 -72.40 43.72
CA HIS I 41 1.50 -72.75 43.03
C HIS I 41 2.11 -71.52 42.32
N GLN I 42 3.43 -71.47 42.23
CA GLN I 42 4.13 -70.33 41.65
C GLN I 42 3.83 -70.10 40.15
N GLN I 43 3.37 -71.13 39.44
CA GLN I 43 3.03 -71.02 38.02
C GLN I 43 1.52 -70.96 37.75
N HIS I 44 0.73 -70.70 38.79
CA HIS I 44 -0.73 -70.70 38.69
C HIS I 44 -1.20 -69.48 37.89
N PRO I 45 -1.75 -69.72 36.69
CA PRO I 45 -2.15 -68.62 35.78
C PRO I 45 -3.18 -67.68 36.42
N LEU I 46 -2.94 -66.38 36.27
CA LEU I 46 -3.80 -65.35 36.84
C LEU I 46 -4.42 -64.48 35.74
N THR I 47 -5.64 -64.01 35.96
CA THR I 47 -6.20 -62.97 35.10
C THR I 47 -6.45 -61.77 35.99
N LEU I 48 -5.90 -60.63 35.61
CA LEU I 48 -6.09 -59.41 36.39
C LEU I 48 -6.85 -58.37 35.60
N LYS I 49 -7.76 -57.68 36.27
CA LYS I 49 -8.58 -56.65 35.62
C LYS I 49 -8.78 -55.42 36.50
N TRP I 50 -8.78 -54.24 35.88
CA TRP I 50 -9.31 -53.07 36.57
C TRP I 50 -10.51 -52.59 35.78
N VAL I 51 -11.44 -51.92 36.45
CA VAL I 51 -12.57 -51.35 35.76
C VAL I 51 -12.36 -49.87 35.53
N ASP I 52 -12.37 -49.44 34.27
CA ASP I 52 -12.10 -48.03 33.97
C ASP I 52 -13.30 -47.12 34.18
N SER I 53 -13.12 -45.86 33.77
CA SER I 53 -14.14 -44.83 33.92
C SER I 53 -15.42 -45.11 33.14
N GLU I 54 -15.30 -45.88 32.07
CA GLU I 54 -16.42 -46.16 31.22
C GLU I 54 -17.03 -47.48 31.62
N GLY I 55 -16.66 -47.93 32.82
CA GLY I 55 -17.19 -49.15 33.38
C GLY I 55 -16.78 -50.43 32.67
N ASP I 56 -15.71 -50.38 31.90
CA ASP I 56 -15.23 -51.59 31.24
C ASP I 56 -14.11 -52.26 32.03
N PRO I 57 -14.24 -53.57 32.22
CA PRO I 57 -13.15 -54.40 32.73
C PRO I 57 -12.02 -54.48 31.69
N CYS I 58 -10.86 -53.93 32.04
CA CYS I 58 -9.68 -53.94 31.19
C CYS I 58 -8.67 -54.89 31.80
N THR I 59 -8.03 -55.70 30.97
CA THR I 59 -7.14 -56.73 31.48
C THR I 59 -5.71 -56.22 31.60
N VAL I 60 -5.07 -56.43 32.74
CA VAL I 60 -3.64 -56.14 32.81
C VAL I 60 -2.78 -57.41 32.95
N SER I 61 -1.77 -57.53 32.08
CA SER I 61 -0.92 -58.73 31.99
C SER I 61 0.54 -58.33 31.84
N SER I 62 0.85 -57.10 32.24
CA SER I 62 2.20 -56.60 32.05
C SER I 62 2.39 -55.30 32.77
N GLN I 63 3.66 -54.98 32.99
CA GLN I 63 4.04 -53.68 33.52
C GLN I 63 3.43 -52.51 32.74
N MET I 64 3.43 -52.61 31.41
CA MET I 64 2.97 -51.51 30.57
C MET I 64 1.46 -51.17 30.83
N GLU I 65 0.64 -52.22 30.90
CA GLU I 65 -0.77 -52.02 31.21
C GLU I 65 -1.01 -51.48 32.61
N LEU I 66 -0.28 -52.01 33.59
CA LEU I 66 -0.38 -51.56 34.97
C LEU I 66 0.00 -50.10 35.08
N GLU I 67 1.04 -49.72 34.35
CA GLU I 67 1.52 -48.35 34.34
C GLU I 67 0.43 -47.44 33.76
N GLU I 68 -0.28 -47.94 32.74
CA GLU I 68 -1.42 -47.18 32.19
C GLU I 68 -2.60 -47.07 33.18
N ALA I 69 -2.88 -48.13 33.92
CA ALA I 69 -3.92 -48.09 34.94
C ALA I 69 -3.55 -47.09 36.06
N PHE I 70 -2.28 -47.07 36.45
CA PHE I 70 -1.83 -46.12 37.44
C PHE I 70 -2.06 -44.69 36.95
N ARG I 71 -1.55 -44.42 35.75
CA ARG I 71 -1.71 -43.11 35.12
C ARG I 71 -3.19 -42.64 35.08
N LEU I 72 -4.08 -43.48 34.57
CA LEU I 72 -5.50 -43.10 34.46
C LEU I 72 -6.16 -42.95 35.83
N ALA I 73 -5.64 -43.67 36.83
CA ALA I 73 -6.15 -43.52 38.17
C ALA I 73 -5.68 -42.21 38.83
N CYS I 74 -4.44 -41.80 38.61
CA CYS I 74 -4.00 -40.47 39.04
C CYS I 74 -4.84 -39.37 38.39
N GLN I 75 -5.14 -39.55 37.10
CA GLN I 75 -5.89 -38.53 36.36
C GLN I 75 -7.36 -38.41 36.81
N GLY I 76 -7.93 -39.51 37.28
CA GLY I 76 -9.27 -39.50 37.83
C GLY I 76 -9.23 -39.32 39.34
N ARG I 77 -8.07 -38.87 39.83
CA ARG I 77 -7.86 -38.50 41.23
C ARG I 77 -8.19 -39.62 42.24
N ASP I 78 -8.21 -40.85 41.75
CA ASP I 78 -8.40 -42.02 42.60
C ASP I 78 -7.26 -42.11 43.63
N GLU I 79 -7.56 -42.68 44.80
CA GLU I 79 -6.57 -42.80 45.87
C GLU I 79 -6.04 -44.22 45.95
N VAL I 80 -6.83 -45.16 45.44
CA VAL I 80 -6.40 -46.54 45.39
C VAL I 80 -6.79 -47.13 44.04
N LEU I 81 -5.93 -47.98 43.51
CA LEU I 81 -6.22 -48.67 42.26
C LEU I 81 -6.66 -50.08 42.63
N ILE I 82 -7.89 -50.43 42.25
CA ILE I 82 -8.47 -51.71 42.59
C ILE I 82 -8.21 -52.72 41.47
N ILE I 83 -7.62 -53.86 41.82
CA ILE I 83 -7.44 -54.93 40.85
C ILE I 83 -8.14 -56.22 41.23
N HIS I 84 -9.00 -56.68 40.35
CA HIS I 84 -9.72 -57.92 40.51
C HIS I 84 -8.91 -59.04 39.90
N VAL I 85 -8.68 -60.07 40.70
CA VAL I 85 -7.85 -61.15 40.28
C VAL I 85 -8.68 -62.40 40.22
N PHE I 86 -8.64 -63.05 39.08
CA PHE I 86 -9.34 -64.29 38.85
C PHE I 86 -8.31 -65.38 38.55
N PRO I 87 -7.99 -66.18 39.55
CA PRO I 87 -7.07 -67.30 39.32
C PRO I 87 -7.73 -68.36 38.43
N SER I 88 -6.99 -69.02 37.56
CA SER I 88 -7.63 -70.03 36.73
C SER I 88 -8.09 -71.25 37.54
N ILE I 89 -9.09 -71.95 37.02
CA ILE I 89 -9.55 -73.21 37.56
C ILE I 89 -9.00 -74.34 36.70
N PRO I 90 -8.28 -75.29 37.31
CA PRO I 90 -7.78 -76.46 36.57
C PRO I 90 -8.86 -77.52 36.37
N SER J 5 2.02 -40.78 24.41
CA SER J 5 1.32 -39.53 24.06
C SER J 5 -0.13 -39.78 23.63
N LEU J 6 -0.38 -40.91 22.99
CA LEU J 6 -1.75 -41.34 22.66
C LEU J 6 -2.29 -42.27 23.74
N THR J 7 -3.44 -41.90 24.29
CA THR J 7 -4.18 -42.74 25.21
C THR J 7 -5.01 -43.72 24.39
N VAL J 8 -4.70 -45.01 24.51
CA VAL J 8 -5.26 -46.01 23.63
C VAL J 8 -6.08 -47.05 24.36
N LYS J 9 -7.23 -47.38 23.81
CA LYS J 9 -8.08 -48.43 24.35
C LYS J 9 -8.43 -49.44 23.27
N ALA J 10 -7.86 -50.63 23.40
CA ALA J 10 -8.03 -51.69 22.41
C ALA J 10 -9.05 -52.75 22.83
N TYR J 11 -9.97 -53.05 21.92
CA TYR J 11 -10.98 -54.06 22.15
C TYR J 11 -10.69 -55.22 21.21
N LEU J 12 -10.50 -56.39 21.76
CA LEU J 12 -10.33 -57.55 20.91
C LEU J 12 -11.72 -58.10 20.68
N LEU J 13 -12.19 -57.98 19.44
CA LEU J 13 -13.56 -58.35 19.13
C LEU J 13 -13.58 -59.77 18.60
N GLY J 14 -13.73 -60.73 19.50
CA GLY J 14 -13.69 -62.13 19.10
C GLY J 14 -15.06 -62.61 18.62
N LYS J 15 -16.04 -62.55 19.53
CA LYS J 15 -17.40 -62.94 19.20
C LYS J 15 -17.80 -62.25 17.94
N GLU J 16 -18.87 -62.73 17.32
CA GLU J 16 -19.28 -62.10 16.08
C GLU J 16 -19.76 -60.77 16.58
N ASP J 17 -18.86 -59.79 16.46
CA ASP J 17 -19.07 -58.39 16.87
C ASP J 17 -19.11 -58.12 18.38
N ALA J 18 -18.44 -58.92 19.19
CA ALA J 18 -18.42 -58.57 20.61
C ALA J 18 -17.04 -58.57 21.25
N ALA J 19 -16.93 -57.75 22.28
CA ALA J 19 -15.66 -57.52 22.97
C ALA J 19 -15.35 -58.68 23.89
N ARG J 20 -14.25 -59.36 23.60
CA ARG J 20 -13.83 -60.55 24.34
C ARG J 20 -12.96 -60.15 25.52
N GLU J 21 -12.08 -59.19 25.26
CA GLU J 21 -11.21 -58.63 26.29
C GLU J 21 -10.78 -57.25 25.79
N ILE J 22 -10.40 -56.39 26.75
CA ILE J 22 -10.05 -55.01 26.46
C ILE J 22 -8.77 -54.65 27.19
N ARG J 23 -7.82 -54.06 26.47
CA ARG J 23 -6.56 -53.65 27.06
C ARG J 23 -6.30 -52.15 26.82
N ARG J 24 -5.82 -51.45 27.85
CA ARG J 24 -5.54 -50.04 27.68
C ARG J 24 -4.06 -49.76 27.82
N PHE J 25 -3.54 -48.87 26.99
CA PHE J 25 -2.13 -48.55 27.03
C PHE J 25 -1.80 -47.19 26.43
N SER J 26 -0.56 -46.76 26.56
CA SER J 26 -0.12 -45.51 25.92
C SER J 26 0.80 -45.77 24.71
N PHE J 27 0.77 -44.83 23.74
CA PHE J 27 1.52 -44.95 22.49
C PHE J 27 2.08 -43.60 22.02
N CYS J 28 3.25 -43.63 21.39
CA CYS J 28 3.87 -42.41 20.87
C CYS J 28 3.62 -42.19 19.39
N CYS J 29 2.96 -41.08 19.07
CA CYS J 29 2.85 -40.59 17.69
C CYS J 29 2.90 -39.08 17.76
N PRO J 43 10.00 -49.18 12.46
CA PRO J 43 9.69 -47.80 12.07
C PRO J 43 8.30 -47.68 11.45
N GLY J 44 7.68 -46.53 11.62
CA GLY J 44 6.33 -46.32 11.14
C GLY J 44 5.37 -46.47 12.30
N PRO J 45 4.62 -45.41 12.61
CA PRO J 45 3.65 -45.35 13.71
C PRO J 45 2.63 -46.47 13.65
N CYS J 46 2.13 -46.79 12.45
CA CYS J 46 1.14 -47.85 12.34
C CYS J 46 1.73 -49.22 12.63
N GLU J 47 2.94 -49.44 12.12
CA GLU J 47 3.64 -50.71 12.29
C GLU J 47 3.96 -50.94 13.75
N ARG J 48 4.54 -49.93 14.39
CA ARG J 48 4.81 -49.94 15.82
C ARG J 48 3.53 -50.16 16.63
N LEU J 49 2.46 -49.44 16.28
CA LEU J 49 1.17 -49.60 16.95
C LEU J 49 0.69 -51.05 16.88
N LEU J 50 0.71 -51.62 15.68
CA LEU J 50 0.29 -53.01 15.52
C LEU J 50 1.21 -53.99 16.27
N SER J 51 2.50 -53.67 16.39
CA SER J 51 3.42 -54.51 17.14
C SER J 51 3.07 -54.47 18.63
N ARG J 52 2.78 -53.26 19.12
CA ARG J 52 2.37 -53.11 20.48
C ARG J 52 1.12 -53.96 20.73
N VAL J 53 0.18 -53.92 19.79
CA VAL J 53 -1.08 -54.64 19.98
C VAL J 53 -0.83 -56.15 20.00
N ALA J 54 0.02 -56.64 19.09
CA ALA J 54 0.35 -58.05 19.05
C ALA J 54 0.99 -58.51 20.35
N ALA J 55 1.93 -57.72 20.86
CA ALA J 55 2.60 -57.99 22.14
C ALA J 55 1.68 -57.95 23.38
N LEU J 56 0.80 -56.95 23.49
CA LEU J 56 -0.12 -56.87 24.62
C LEU J 56 -1.17 -57.99 24.69
N PHE J 57 -1.65 -58.47 23.54
CA PHE J 57 -2.73 -59.46 23.54
C PHE J 57 -2.14 -60.82 23.32
N PRO J 58 -2.12 -61.66 24.37
CA PRO J 58 -1.52 -62.99 24.28
C PRO J 58 -2.02 -63.80 23.07
N ALA J 59 -3.30 -63.66 22.72
CA ALA J 59 -3.91 -64.44 21.65
C ALA J 59 -3.52 -64.02 20.24
N LEU J 60 -3.14 -62.77 20.07
CA LEU J 60 -2.82 -62.25 18.74
C LEU J 60 -1.38 -62.53 18.40
N ARG J 61 -1.12 -62.75 17.12
CA ARG J 61 0.25 -62.82 16.66
C ARG J 61 0.46 -61.88 15.48
N PRO J 62 1.69 -61.41 15.29
CA PRO J 62 1.95 -60.46 14.20
C PRO J 62 1.47 -61.01 12.86
N GLY J 63 0.65 -60.21 12.17
CA GLY J 63 0.08 -60.58 10.90
C GLY J 63 -1.25 -61.29 11.03
N GLY J 64 -1.66 -61.62 12.25
CA GLY J 64 -2.80 -62.48 12.44
C GLY J 64 -4.13 -61.79 12.70
N PHE J 65 -4.14 -60.47 12.55
CA PHE J 65 -5.33 -59.70 12.90
C PHE J 65 -5.43 -58.43 12.08
N GLN J 66 -6.62 -57.85 12.08
CA GLN J 66 -6.89 -56.61 11.39
C GLN J 66 -7.39 -55.58 12.39
N ALA J 67 -6.78 -54.39 12.35
CA ALA J 67 -7.23 -53.29 13.20
C ALA J 67 -8.32 -52.49 12.52
N HIS J 68 -9.15 -51.86 13.33
CA HIS J 68 -10.26 -51.05 12.87
C HIS J 68 -10.37 -49.87 13.80
N TYR J 69 -11.01 -48.81 13.32
CA TYR J 69 -11.42 -47.73 14.21
C TYR J 69 -12.90 -47.54 13.96
N ARG J 70 -13.53 -46.70 14.77
CA ARG J 70 -14.94 -46.45 14.60
C ARG J 70 -15.10 -45.10 13.92
N ALA J 71 -15.89 -45.07 12.85
CA ALA J 71 -16.16 -43.84 12.12
C ALA J 71 -17.39 -43.17 12.73
N GLU J 72 -17.63 -41.92 12.34
CA GLU J 72 -18.68 -41.10 12.95
C GLU J 72 -20.06 -41.80 13.05
N ARG J 73 -20.42 -42.56 12.03
CA ARG J 73 -21.73 -43.23 12.05
C ARG J 73 -21.69 -44.68 12.57
N GLY J 74 -20.65 -45.01 13.33
CA GLY J 74 -20.65 -46.23 14.10
C GLY J 74 -19.92 -47.42 13.53
N ASP J 75 -19.87 -47.57 12.21
CA ASP J 75 -19.25 -48.76 11.65
C ASP J 75 -17.72 -48.82 11.79
N LEU J 76 -17.20 -50.03 11.67
CA LEU J 76 -15.77 -50.25 11.81
C LEU J 76 -15.06 -50.14 10.46
N VAL J 77 -13.97 -49.39 10.43
CA VAL J 77 -13.13 -49.37 9.24
C VAL J 77 -11.69 -49.81 9.50
N ALA J 78 -11.27 -50.78 8.71
CA ALA J 78 -9.94 -51.32 8.78
C ALA J 78 -8.93 -50.22 8.51
N PHE J 79 -7.81 -50.24 9.23
CA PHE J 79 -6.68 -49.42 8.85
C PHE J 79 -5.45 -50.31 8.90
N SER J 80 -4.52 -50.09 7.96
CA SER J 80 -3.39 -50.99 7.78
C SER J 80 -2.14 -50.26 7.31
N SER J 81 -2.11 -48.94 7.51
CA SER J 81 -1.06 -48.11 6.96
C SER J 81 -1.01 -46.81 7.70
N ASP J 82 0.10 -46.09 7.54
CA ASP J 82 0.25 -44.79 8.17
C ASP J 82 -0.90 -43.82 7.86
N GLU J 83 -1.31 -43.73 6.60
CA GLU J 83 -2.33 -42.73 6.27
C GLU J 83 -3.75 -43.16 6.71
N GLU J 84 -4.03 -44.46 6.68
CA GLU J 84 -5.31 -44.93 7.19
C GLU J 84 -5.33 -44.80 8.73
N LEU J 85 -4.15 -44.89 9.33
CA LEU J 85 -4.00 -44.60 10.74
C LEU J 85 -4.30 -43.11 11.02
N THR J 86 -3.84 -42.20 10.15
CA THR J 86 -4.17 -40.78 10.41
C THR J 86 -5.67 -40.54 10.21
N MET J 87 -6.23 -41.26 9.25
CA MET J 87 -7.68 -41.33 9.06
C MET J 87 -8.34 -41.68 10.39
N ALA J 88 -7.87 -42.76 11.00
CA ALA J 88 -8.36 -43.24 12.28
C ALA J 88 -8.26 -42.17 13.36
N MET J 89 -7.10 -41.50 13.46
CA MET J 89 -6.91 -40.46 14.46
C MET J 89 -7.92 -39.34 14.32
N SER J 90 -8.32 -39.04 13.09
CA SER J 90 -9.21 -37.89 12.90
C SER J 90 -10.53 -38.08 13.68
N TYR J 91 -10.88 -39.32 13.99
CA TYR J 91 -12.19 -39.60 14.59
C TYR J 91 -12.18 -39.71 16.08
N VAL J 92 -11.47 -40.70 16.59
CA VAL J 92 -11.66 -40.99 17.98
C VAL J 92 -10.92 -39.93 18.77
N LYS J 93 -11.41 -38.69 18.63
CA LYS J 93 -11.13 -37.68 19.63
C LYS J 93 -12.18 -37.77 20.75
N ASP J 94 -11.79 -38.48 21.80
CA ASP J 94 -12.52 -38.48 23.06
C ASP J 94 -11.48 -38.09 24.07
N ASP J 95 -10.29 -37.79 23.53
CA ASP J 95 -9.07 -37.77 24.30
C ASP J 95 -8.64 -39.23 24.39
N ILE J 96 -9.36 -40.09 23.66
CA ILE J 96 -9.09 -41.52 23.71
C ILE J 96 -9.15 -42.15 22.32
N PHE J 97 -8.09 -42.85 21.93
CA PHE J 97 -8.06 -43.54 20.64
C PHE J 97 -8.62 -44.94 20.80
N ARG J 98 -9.75 -45.21 20.16
CA ARG J 98 -10.37 -46.53 20.27
C ARG J 98 -10.06 -47.39 19.09
N ILE J 99 -9.60 -48.61 19.39
CA ILE J 99 -9.08 -49.50 18.38
C ILE J 99 -9.78 -50.83 18.50
N TYR J 100 -10.27 -51.36 17.38
CA TYR J 100 -11.05 -52.59 17.39
C TYR J 100 -10.35 -53.64 16.57
N ILE J 101 -10.17 -54.81 17.13
CA ILE J 101 -9.35 -55.81 16.49
C ILE J 101 -10.17 -57.05 16.17
N LYS J 102 -9.94 -57.62 14.97
CA LYS J 102 -10.55 -58.90 14.58
C LYS J 102 -9.42 -59.84 14.17
N GLU J 103 -9.40 -61.05 14.70
CA GLU J 103 -8.39 -62.03 14.28
C GLU J 103 -8.57 -62.35 12.80
N LYS J 104 -7.47 -62.47 12.06
CA LYS J 104 -7.56 -62.83 10.64
C LYS J 104 -7.61 -64.35 10.41
N PRO K 2 -22.07 44.05 23.88
CA PRO K 2 -21.53 42.69 23.96
C PRO K 2 -21.17 42.19 22.58
N HIS K 3 -21.99 42.51 21.59
CA HIS K 3 -21.67 42.17 20.21
C HIS K 3 -20.88 43.32 19.58
N MET K 4 -20.26 43.04 18.44
CA MET K 4 -19.38 44.02 17.84
C MET K 4 -19.41 43.81 16.36
N ARG K 5 -18.56 44.53 15.64
CA ARG K 5 -18.58 44.41 14.21
C ARG K 5 -18.03 43.05 13.81
N VAL K 6 -18.64 42.44 12.82
CA VAL K 6 -18.12 41.22 12.26
C VAL K 6 -17.53 41.47 10.89
N ARG K 7 -16.25 41.14 10.72
CA ARG K 7 -15.64 41.20 9.40
C ARG K 7 -15.71 39.86 8.66
N LEU K 8 -16.51 39.85 7.61
CA LEU K 8 -16.74 38.67 6.80
C LEU K 8 -15.72 38.53 5.68
N LYS K 9 -14.94 37.45 5.76
CA LYS K 9 -13.98 37.11 4.73
C LYS K 9 -14.40 35.81 4.04
N ALA K 10 -15.27 35.93 3.04
CA ALA K 10 -15.74 34.83 2.22
C ALA K 10 -14.65 34.25 1.29
N HIS K 11 -14.28 33.00 1.51
CA HIS K 11 -13.31 32.31 0.66
C HIS K 11 -14.01 31.55 -0.45
N TYR K 12 -14.10 32.16 -1.63
CA TYR K 12 -14.94 31.60 -2.68
C TYR K 12 -14.41 31.88 -4.07
N GLY K 13 -14.46 30.85 -4.91
CA GLY K 13 -14.02 30.97 -6.29
C GLY K 13 -12.54 31.25 -6.42
N GLY K 14 -11.80 30.93 -5.37
CA GLY K 14 -10.37 31.21 -5.31
C GLY K 14 -10.07 32.58 -4.72
N ASP K 15 -11.10 33.42 -4.64
CA ASP K 15 -10.93 34.79 -4.17
C ASP K 15 -11.28 34.90 -2.69
N ILE K 16 -11.00 36.08 -2.14
CA ILE K 16 -11.47 36.42 -0.82
C ILE K 16 -12.29 37.69 -0.88
N LEU K 17 -13.59 37.57 -0.61
CA LEU K 17 -14.52 38.69 -0.60
C LEU K 17 -14.73 39.19 0.82
N ILE K 18 -14.73 40.51 0.99
CA ILE K 18 -14.63 41.09 2.32
C ILE K 18 -15.66 42.17 2.59
N THR K 19 -16.64 41.90 3.44
CA THR K 19 -17.50 42.98 3.93
C THR K 19 -17.69 42.91 5.41
N SER K 20 -18.65 43.67 5.92
CA SER K 20 -18.86 43.73 7.37
C SER K 20 -20.34 43.81 7.74
N VAL K 21 -20.68 43.22 8.89
CA VAL K 21 -22.02 43.26 9.43
C VAL K 21 -22.03 43.95 10.78
N ASP K 22 -22.93 44.91 10.96
CA ASP K 22 -23.02 45.65 12.22
C ASP K 22 -24.21 45.19 13.05
N THR K 24 -27.55 43.66 17.69
CA THR K 24 -27.38 42.26 18.04
C THR K 24 -27.25 41.41 16.78
N THR K 25 -26.02 41.17 16.35
CA THR K 25 -25.75 40.36 15.16
C THR K 25 -26.14 38.90 15.37
N THR K 26 -26.65 38.28 14.32
CA THR K 26 -27.05 36.87 14.38
C THR K 26 -26.33 36.03 13.32
N PHE K 27 -26.29 34.73 13.55
CA PHE K 27 -25.65 33.80 12.65
C PHE K 27 -26.29 33.89 11.26
N GLN K 28 -27.60 34.04 11.26
CA GLN K 28 -28.37 34.16 10.02
C GLN K 28 -28.07 35.43 9.23
N ASP K 29 -27.96 36.57 9.92
CA ASP K 29 -27.53 37.83 9.29
C ASP K 29 -26.28 37.55 8.51
N LEU K 30 -25.32 36.90 9.17
CA LEU K 30 -24.00 36.59 8.63
C LEU K 30 -24.09 35.76 7.36
N CYS K 31 -24.85 34.67 7.44
CA CYS K 31 -25.03 33.79 6.29
C CYS K 31 -25.65 34.53 5.12
N GLU K 32 -26.62 35.39 5.39
CA GLU K 32 -27.24 36.09 4.27
C GLU K 32 -26.35 37.22 3.69
N GLU K 33 -25.61 37.93 4.52
CA GLU K 33 -24.64 38.89 4.00
C GLU K 33 -23.61 38.20 3.07
N VAL K 34 -23.10 37.04 3.50
CA VAL K 34 -22.21 36.26 2.63
C VAL K 34 -22.90 35.81 1.33
N ARG K 35 -24.10 35.28 1.43
CA ARG K 35 -24.72 34.74 0.23
C ARG K 35 -25.04 35.85 -0.77
N ASP K 36 -25.44 37.00 -0.25
CA ASP K 36 -25.72 38.14 -1.10
C ASP K 36 -24.44 38.57 -1.80
N MET K 37 -23.39 38.74 -1.01
CA MET K 37 -22.09 39.13 -1.54
C MET K 37 -21.57 38.19 -2.67
N CYS K 38 -21.75 36.88 -2.51
CA CYS K 38 -21.21 35.96 -3.50
C CYS K 38 -22.20 35.61 -4.61
N GLY K 39 -23.41 36.18 -4.54
CA GLY K 39 -24.44 35.84 -5.51
C GLY K 39 -24.91 34.40 -5.39
N LEU K 40 -24.93 33.88 -4.16
CA LEU K 40 -25.29 32.50 -3.89
C LEU K 40 -26.78 32.31 -3.74
N HIS K 41 -27.23 31.11 -4.04
CA HIS K 41 -28.58 30.65 -3.74
C HIS K 41 -28.81 30.68 -2.22
N GLN K 42 -30.07 30.84 -1.81
CA GLN K 42 -30.48 30.96 -0.40
C GLN K 42 -30.06 29.75 0.45
N GLN K 43 -30.10 28.56 -0.15
CA GLN K 43 -29.74 27.34 0.56
C GLN K 43 -28.31 26.86 0.25
N HIS K 44 -27.43 27.74 -0.22
CA HIS K 44 -26.05 27.32 -0.49
C HIS K 44 -25.33 27.08 0.83
N PRO K 45 -24.89 25.83 1.07
CA PRO K 45 -24.27 25.52 2.36
C PRO K 45 -22.97 26.29 2.59
N LEU K 46 -22.84 26.83 3.79
CA LEU K 46 -21.70 27.63 4.20
C LEU K 46 -21.03 26.96 5.38
N THR K 47 -19.70 27.09 5.44
CA THR K 47 -18.99 26.75 6.65
C THR K 47 -18.37 28.03 7.18
N LEU K 48 -18.55 28.30 8.46
CA LEU K 48 -18.00 29.53 9.05
C LEU K 48 -17.05 29.19 10.17
N LYS K 49 -15.98 29.98 10.28
CA LYS K 49 -14.89 29.75 11.23
C LYS K 49 -14.31 31.07 11.74
N TRP K 50 -14.05 31.14 13.03
CA TRP K 50 -13.25 32.25 13.55
C TRP K 50 -12.03 31.67 14.24
N VAL K 51 -10.89 32.35 14.10
CA VAL K 51 -9.63 31.92 14.71
C VAL K 51 -9.44 32.40 16.17
N ASP K 52 -9.29 31.47 17.11
CA ASP K 52 -9.17 31.84 18.53
C ASP K 52 -7.77 32.29 18.96
N SER K 53 -7.55 32.43 20.27
CA SER K 53 -6.27 32.80 20.87
C SER K 53 -5.13 31.89 20.42
N GLU K 54 -5.34 30.59 20.58
CA GLU K 54 -4.33 29.62 20.21
C GLU K 54 -4.16 29.49 18.71
N GLY K 55 -4.94 30.24 17.94
CA GLY K 55 -4.86 30.15 16.51
C GLY K 55 -5.64 28.97 15.95
N ASP K 56 -6.46 28.35 16.78
CA ASP K 56 -7.36 27.31 16.27
C ASP K 56 -8.59 27.91 15.57
N PRO K 57 -8.86 27.44 14.35
CA PRO K 57 -10.08 27.83 13.66
C PRO K 57 -11.25 27.08 14.29
N CYS K 58 -12.21 27.83 14.83
CA CYS K 58 -13.36 27.26 15.47
C CYS K 58 -14.56 27.47 14.59
N THR K 59 -15.28 26.40 14.35
CA THR K 59 -16.44 26.42 13.46
C THR K 59 -17.68 26.89 14.20
N VAL K 60 -18.39 27.84 13.59
CA VAL K 60 -19.67 28.26 14.14
C VAL K 60 -20.79 28.00 13.14
N SER K 61 -21.84 27.35 13.65
CA SER K 61 -22.93 26.88 12.81
C SER K 61 -24.21 27.16 13.56
N SER K 62 -24.20 28.20 14.38
CA SER K 62 -25.30 28.46 15.31
C SER K 62 -25.07 29.74 16.09
N GLN K 63 -26.15 30.25 16.67
CA GLN K 63 -26.13 31.48 17.44
C GLN K 63 -25.32 31.28 18.72
N MET K 64 -25.42 30.09 19.29
CA MET K 64 -24.76 29.82 20.56
C MET K 64 -23.25 30.01 20.42
N GLU K 65 -22.71 29.42 19.36
CA GLU K 65 -21.27 29.51 19.08
C GLU K 65 -20.84 30.92 18.71
N LEU K 66 -21.69 31.64 17.99
CA LEU K 66 -21.40 33.01 17.59
C LEU K 66 -21.30 33.88 18.84
N GLU K 67 -22.25 33.70 19.74
CA GLU K 67 -22.21 34.41 21.00
C GLU K 67 -20.95 34.06 21.81
N GLU K 68 -20.48 32.81 21.71
CA GLU K 68 -19.23 32.48 22.40
C GLU K 68 -18.03 33.21 21.77
N ALA K 69 -18.01 33.26 20.44
CA ALA K 69 -17.02 34.03 19.70
C ALA K 69 -17.04 35.49 20.14
N PHE K 70 -18.24 36.05 20.26
CA PHE K 70 -18.44 37.46 20.60
C PHE K 70 -17.95 37.76 21.99
N ARG K 71 -18.23 36.84 22.91
CA ARG K 71 -17.85 36.98 24.30
C ARG K 71 -16.34 36.97 24.41
N LEU K 72 -15.72 36.05 23.69
CA LEU K 72 -14.27 35.88 23.79
C LEU K 72 -13.54 37.06 23.13
N ALA K 73 -14.05 37.47 21.97
CA ALA K 73 -13.49 38.59 21.24
C ALA K 73 -13.53 39.81 22.13
N CYS K 74 -14.67 40.00 22.78
CA CYS K 74 -14.85 41.11 23.70
C CYS K 74 -13.89 41.00 24.88
N GLN K 75 -13.56 39.78 25.28
CA GLN K 75 -12.66 39.58 26.40
C GLN K 75 -11.22 39.95 26.04
N GLY K 76 -10.83 39.74 24.78
CA GLY K 76 -9.47 40.03 24.34
C GLY K 76 -9.22 41.43 23.78
N ARG K 77 -10.09 42.37 24.10
CA ARG K 77 -10.00 43.76 23.64
C ARG K 77 -10.01 43.92 22.10
N ASP K 78 -10.43 42.89 21.38
CA ASP K 78 -10.68 42.99 19.93
C ASP K 78 -11.78 44.01 19.65
N GLU K 79 -11.68 44.68 18.50
CA GLU K 79 -12.69 45.66 18.10
C GLU K 79 -13.49 45.25 16.87
N VAL K 80 -13.13 44.10 16.29
CA VAL K 80 -13.91 43.53 15.19
C VAL K 80 -13.75 42.01 15.18
N LEU K 81 -14.85 41.28 15.02
CA LEU K 81 -14.77 39.82 14.99
C LEU K 81 -14.60 39.36 13.56
N ILE K 82 -13.49 38.68 13.29
CA ILE K 82 -13.23 38.17 11.93
C ILE K 82 -13.76 36.75 11.79
N ILE K 83 -14.56 36.54 10.75
CA ILE K 83 -15.08 35.22 10.44
C ILE K 83 -14.84 34.95 8.97
N HIS K 84 -14.24 33.79 8.73
CA HIS K 84 -13.98 33.27 7.41
C HIS K 84 -15.12 32.36 7.04
N VAL K 85 -15.57 32.46 5.79
CA VAL K 85 -16.71 31.69 5.32
C VAL K 85 -16.33 30.96 4.04
N PHE K 86 -16.58 29.65 4.04
CA PHE K 86 -16.32 28.79 2.90
C PHE K 86 -17.64 28.26 2.36
N PRO K 87 -18.15 28.91 1.32
CA PRO K 87 -19.27 28.32 0.60
C PRO K 87 -18.82 26.96 0.08
N SER K 88 -19.71 25.97 0.11
CA SER K 88 -19.33 24.62 -0.30
C SER K 88 -19.25 24.53 -1.82
N ILE K 89 -18.52 23.55 -2.32
CA ILE K 89 -18.35 23.40 -3.77
C ILE K 89 -19.11 22.18 -4.29
N PRO K 90 -19.95 22.38 -5.32
CA PRO K 90 -20.80 21.33 -5.92
C PRO K 90 -20.06 20.02 -6.22
N SER L 5 -19.76 30.17 34.89
CA SER L 5 -19.97 29.44 33.64
C SER L 5 -18.63 28.96 33.09
N LEU L 6 -18.63 27.80 32.44
CA LEU L 6 -17.40 27.12 32.03
C LEU L 6 -17.10 27.28 30.55
N THR L 7 -15.86 27.68 30.26
CA THR L 7 -15.40 27.90 28.89
C THR L 7 -15.00 26.54 28.29
N VAL L 8 -15.71 26.09 27.27
CA VAL L 8 -15.44 24.77 26.69
C VAL L 8 -14.89 24.86 25.30
N LYS L 9 -13.78 24.14 25.10
CA LYS L 9 -13.21 23.98 23.78
C LYS L 9 -13.17 22.50 23.43
N ALA L 10 -14.06 22.12 22.50
CA ALA L 10 -14.25 20.72 22.12
C ALA L 10 -13.63 20.40 20.79
N TYR L 11 -12.88 19.29 20.75
CA TYR L 11 -12.14 18.85 19.56
C TYR L 11 -12.70 17.56 19.04
N LEU L 12 -13.14 17.52 17.78
CA LEU L 12 -13.53 16.26 17.17
C LEU L 12 -12.31 15.60 16.55
N LEU L 13 -12.07 14.37 16.96
CA LEU L 13 -10.90 13.63 16.50
C LEU L 13 -11.22 12.82 15.27
N GLY L 14 -10.31 12.87 14.30
CA GLY L 14 -10.48 12.14 13.05
C GLY L 14 -9.17 11.50 12.65
N LYS L 15 -9.20 10.59 11.68
CA LYS L 15 -8.03 9.79 11.38
C LYS L 15 -7.44 9.25 12.68
N GLU L 16 -6.12 9.31 12.77
CA GLU L 16 -5.42 8.80 13.95
C GLU L 16 -5.45 9.86 15.03
N ASP L 17 -6.60 10.08 15.67
CA ASP L 17 -6.68 11.05 16.77
C ASP L 17 -6.18 12.41 16.25
N ALA L 18 -6.63 12.80 15.07
CA ALA L 18 -6.32 14.12 14.54
C ALA L 18 -7.52 15.05 14.70
N ALA L 19 -7.22 16.29 15.03
CA ALA L 19 -8.20 17.37 15.21
C ALA L 19 -8.88 17.72 13.87
N ARG L 20 -10.17 17.41 13.78
CA ARG L 20 -10.91 17.54 12.53
C ARG L 20 -11.86 18.74 12.52
N GLU L 21 -12.56 19.00 13.61
CA GLU L 21 -13.11 20.33 13.81
C GLU L 21 -13.16 20.68 15.29
N ILE L 22 -13.20 21.96 15.57
CA ILE L 22 -13.14 22.47 16.92
C ILE L 22 -14.30 23.41 17.11
N ARG L 23 -15.03 23.22 18.20
CA ARG L 23 -16.16 24.10 18.52
C ARG L 23 -16.04 24.64 19.92
N ARG L 24 -16.35 25.91 20.08
CA ARG L 24 -16.22 26.54 21.37
C ARG L 24 -17.56 27.04 21.84
N PHE L 25 -17.82 26.90 23.15
CA PHE L 25 -19.09 27.33 23.73
C PHE L 25 -18.98 27.39 25.24
N SER L 26 -19.95 28.00 25.90
CA SER L 26 -19.97 28.02 27.35
C SER L 26 -20.94 26.96 27.92
N PHE L 27 -20.70 26.52 29.14
CA PHE L 27 -21.56 25.50 29.74
C PHE L 27 -21.75 25.70 31.25
N CYS L 28 -22.97 25.54 31.74
CA CYS L 28 -23.24 25.59 33.17
C CYS L 28 -23.84 24.29 33.73
N PRO L 43 -30.55 15.96 32.30
CA PRO L 43 -30.79 16.85 33.45
C PRO L 43 -29.49 16.99 34.28
N GLY L 44 -28.83 15.91 34.66
CA GLY L 44 -27.53 16.01 35.30
C GLY L 44 -26.47 16.72 34.46
N PRO L 45 -25.34 17.12 35.09
CA PRO L 45 -24.27 17.85 34.39
C PRO L 45 -23.72 17.16 33.14
N CYS L 46 -23.22 15.94 33.30
CA CYS L 46 -22.62 15.21 32.20
C CYS L 46 -23.60 14.97 31.06
N GLU L 47 -24.86 14.71 31.43
CA GLU L 47 -25.92 14.44 30.47
C GLU L 47 -26.22 15.69 29.62
N ARG L 48 -26.29 16.83 30.28
CA ARG L 48 -26.57 18.07 29.61
C ARG L 48 -25.39 18.46 28.71
N LEU L 49 -24.17 18.20 29.21
CA LEU L 49 -22.96 18.53 28.47
C LEU L 49 -22.87 17.70 27.23
N LEU L 50 -23.11 16.40 27.34
CA LEU L 50 -22.99 15.50 26.20
C LEU L 50 -24.09 15.77 25.19
N SER L 51 -25.28 16.14 25.67
CA SER L 51 -26.33 16.57 24.77
C SER L 51 -25.87 17.79 23.99
N ARG L 52 -25.35 18.76 24.72
CA ARG L 52 -24.89 19.99 24.11
C ARG L 52 -23.87 19.66 23.05
N VAL L 53 -23.00 18.70 23.33
CA VAL L 53 -21.98 18.32 22.37
C VAL L 53 -22.57 17.72 21.09
N ALA L 54 -23.53 16.82 21.24
CA ALA L 54 -24.20 16.20 20.10
C ALA L 54 -24.91 17.25 19.27
N ALA L 55 -25.58 18.18 19.94
CA ALA L 55 -26.29 19.23 19.25
C ALA L 55 -25.36 20.15 18.44
N LEU L 56 -24.24 20.57 19.04
CA LEU L 56 -23.33 21.51 18.37
C LEU L 56 -22.60 20.93 17.16
N PHE L 57 -22.43 19.61 17.15
CA PHE L 57 -21.64 18.96 16.12
C PHE L 57 -22.56 18.21 15.14
N PRO L 58 -22.58 18.65 13.88
CA PRO L 58 -23.44 17.96 12.90
C PRO L 58 -23.16 16.46 12.76
N ALA L 59 -21.92 16.02 12.70
CA ALA L 59 -21.65 14.61 12.49
C ALA L 59 -21.99 13.71 13.69
N LEU L 60 -22.04 14.31 14.87
CA LEU L 60 -22.28 13.53 16.09
C LEU L 60 -23.76 13.34 16.43
N ARG L 61 -24.10 12.14 16.88
CA ARG L 61 -25.44 11.88 17.39
C ARG L 61 -25.36 11.21 18.74
N PRO L 62 -26.36 11.42 19.61
CA PRO L 62 -26.25 10.88 20.97
C PRO L 62 -26.00 9.37 20.97
N GLY L 63 -25.02 8.94 21.77
CA GLY L 63 -24.67 7.53 21.85
C GLY L 63 -23.56 7.08 20.92
N GLY L 64 -23.16 7.93 19.97
CA GLY L 64 -22.21 7.53 18.93
C GLY L 64 -20.79 8.06 19.12
N PHE L 65 -20.53 8.66 20.27
CA PHE L 65 -19.22 9.24 20.51
C PHE L 65 -18.79 9.10 21.97
N GLN L 66 -17.49 9.20 22.19
CA GLN L 66 -16.91 9.18 23.52
C GLN L 66 -16.12 10.47 23.71
N ALA L 67 -16.53 11.22 24.72
CA ALA L 67 -15.84 12.42 25.13
C ALA L 67 -14.71 12.04 26.11
N HIS L 68 -13.63 12.81 26.07
CA HIS L 68 -12.42 12.55 26.83
C HIS L 68 -11.89 13.86 27.38
N TYR L 69 -11.16 13.80 28.48
CA TYR L 69 -10.38 14.97 28.83
C TYR L 69 -8.90 14.62 28.79
N ARG L 70 -8.06 15.64 28.89
CA ARG L 70 -6.63 15.43 29.10
C ARG L 70 -6.23 15.41 30.59
N ALA L 71 -5.68 14.31 31.07
CA ALA L 71 -5.19 14.28 32.46
C ALA L 71 -3.78 14.87 32.57
N GLU L 72 -3.23 14.90 33.79
CA GLU L 72 -1.87 15.42 34.04
C GLU L 72 -0.77 14.85 33.13
N ARG L 73 -0.74 13.53 32.96
CA ARG L 73 0.34 12.90 32.21
C ARG L 73 0.16 13.05 30.70
N GLY L 74 -0.98 13.60 30.30
CA GLY L 74 -1.23 13.84 28.90
C GLY L 74 -2.06 12.75 28.26
N ASP L 75 -2.41 11.73 29.02
CA ASP L 75 -3.33 10.74 28.48
C ASP L 75 -4.75 11.30 28.42
N LEU L 76 -5.47 10.84 27.41
CA LEU L 76 -6.86 11.16 27.21
C LEU L 76 -7.65 10.11 27.96
N VAL L 77 -8.46 10.54 28.91
CA VAL L 77 -9.31 9.56 29.57
C VAL L 77 -10.78 9.85 29.27
N ALA L 78 -11.53 8.79 29.00
CA ALA L 78 -12.94 8.92 28.66
C ALA L 78 -13.76 9.37 29.87
N PHE L 79 -14.81 10.15 29.65
CA PHE L 79 -15.77 10.44 30.71
C PHE L 79 -17.22 10.30 30.24
N SER L 80 -18.06 9.70 31.09
CA SER L 80 -19.43 9.36 30.70
C SER L 80 -20.46 9.57 31.80
N SER L 81 -20.01 10.02 32.97
CA SER L 81 -20.90 10.21 34.12
C SER L 81 -20.57 11.49 34.89
N ASP L 82 -21.44 11.89 35.81
CA ASP L 82 -21.20 13.08 36.62
C ASP L 82 -19.84 13.09 37.37
N GLU L 83 -19.48 11.95 37.95
CA GLU L 83 -18.23 11.82 38.71
C GLU L 83 -17.01 11.94 37.80
N GLU L 84 -17.10 11.31 36.64
CA GLU L 84 -16.01 11.31 35.69
C GLU L 84 -15.83 12.71 35.11
N LEU L 85 -16.93 13.44 35.06
CA LEU L 85 -16.87 14.83 34.63
C LEU L 85 -16.16 15.67 35.68
N THR L 86 -16.45 15.42 36.95
CA THR L 86 -15.82 16.25 37.99
C THR L 86 -14.32 15.96 38.04
N MET L 87 -13.99 14.70 37.79
CA MET L 87 -12.62 14.26 37.56
C MET L 87 -12.01 15.13 36.46
N ALA L 88 -12.67 15.12 35.30
CA ALA L 88 -12.23 15.81 34.12
C ALA L 88 -11.94 17.28 34.46
N MET L 89 -12.89 17.91 35.13
CA MET L 89 -12.77 19.32 35.44
C MET L 89 -11.64 19.63 36.41
N SER L 90 -11.31 18.69 37.29
CA SER L 90 -10.19 18.93 38.20
C SER L 90 -8.81 19.18 37.51
N TYR L 91 -8.66 18.80 36.25
CA TYR L 91 -7.39 18.96 35.56
C TYR L 91 -7.30 20.25 34.78
N VAL L 92 -8.39 20.99 34.78
CA VAL L 92 -8.56 21.99 33.76
C VAL L 92 -8.61 23.36 34.43
N LYS L 93 -7.70 23.52 35.39
CA LYS L 93 -7.64 24.75 36.16
C LYS L 93 -7.43 25.81 35.12
N ASP L 94 -6.65 25.50 34.10
CA ASP L 94 -6.43 26.44 33.03
C ASP L 94 -7.82 26.87 32.61
N ASP L 95 -7.93 28.04 32.00
CA ASP L 95 -9.21 28.71 31.84
C ASP L 95 -10.19 27.86 31.03
N ILE L 96 -9.70 27.19 30.01
CA ILE L 96 -10.57 26.43 29.13
C ILE L 96 -10.59 24.92 29.42
N PHE L 97 -11.80 24.41 29.66
CA PHE L 97 -12.07 22.98 29.71
C PHE L 97 -11.94 22.39 28.31
N ARG L 98 -10.94 21.55 28.14
CA ARG L 98 -10.68 20.95 26.85
C ARG L 98 -11.24 19.56 26.78
N ILE L 99 -11.95 19.29 25.69
CA ILE L 99 -12.71 18.06 25.55
C ILE L 99 -12.31 17.41 24.23
N TYR L 100 -12.01 16.14 24.24
CA TYR L 100 -11.58 15.47 23.01
C TYR L 100 -12.56 14.37 22.69
N ILE L 101 -13.10 14.39 21.49
CA ILE L 101 -14.24 13.59 21.14
C ILE L 101 -13.86 12.58 20.07
N LYS L 102 -14.26 11.32 20.25
CA LYS L 102 -13.94 10.32 19.25
C LYS L 102 -15.18 9.55 18.95
N GLU L 103 -15.49 9.40 17.67
CA GLU L 103 -16.69 8.65 17.29
C GLU L 103 -16.55 7.18 17.67
N LYS L 104 -17.62 6.61 18.22
CA LYS L 104 -17.65 5.18 18.56
C LYS L 104 -17.63 4.32 17.30
N PRO M 2 6.09 -5.15 43.72
CA PRO M 2 4.78 -5.53 43.17
C PRO M 2 3.71 -4.45 43.43
N HIS M 3 3.75 -3.80 44.59
CA HIS M 3 2.90 -2.66 44.88
C HIS M 3 3.73 -1.40 44.77
N MET M 4 3.07 -0.25 44.73
CA MET M 4 3.79 1.00 44.55
C MET M 4 3.04 2.12 45.23
N ARG M 5 3.61 3.31 45.18
CA ARG M 5 3.00 4.49 45.78
C ARG M 5 1.61 4.71 45.20
N VAL M 6 0.67 5.14 46.03
CA VAL M 6 -0.64 5.54 45.55
C VAL M 6 -0.93 7.02 45.78
N ARG M 7 -1.26 7.74 44.72
CA ARG M 7 -1.72 9.11 44.83
C ARG M 7 -3.26 9.12 44.89
N LEU M 8 -3.78 9.41 46.07
CA LEU M 8 -5.20 9.46 46.33
C LEU M 8 -5.67 10.89 46.07
N LYS M 9 -6.67 11.04 45.20
CA LYS M 9 -7.24 12.33 44.91
C LYS M 9 -8.75 12.33 45.17
N ALA M 10 -9.14 12.90 46.31
CA ALA M 10 -10.53 12.89 46.72
C ALA M 10 -11.24 14.15 46.24
N HIS M 11 -12.41 13.96 45.63
CA HIS M 11 -13.22 15.07 45.17
C HIS M 11 -14.39 15.29 46.12
N TYR M 12 -14.24 16.28 47.00
CA TYR M 12 -15.17 16.43 48.10
C TYR M 12 -15.53 17.87 48.43
N GLY M 13 -16.82 18.12 48.58
CA GLY M 13 -17.33 19.46 48.85
C GLY M 13 -16.79 20.51 47.91
N GLY M 14 -16.79 20.22 46.61
CA GLY M 14 -16.24 21.13 45.63
C GLY M 14 -14.72 21.10 45.59
N ASP M 15 -14.08 20.96 46.74
CA ASP M 15 -12.63 20.95 46.83
C ASP M 15 -11.99 19.62 46.42
N ILE M 16 -10.67 19.63 46.26
CA ILE M 16 -9.89 18.45 45.93
C ILE M 16 -8.82 18.24 47.02
N LEU M 17 -8.72 17.03 47.52
CA LEU M 17 -7.77 16.74 48.59
C LEU M 17 -6.86 15.61 48.16
N ILE M 18 -5.55 15.79 48.34
CA ILE M 18 -4.58 14.86 47.75
C ILE M 18 -3.61 14.29 48.78
N THR M 19 -3.33 12.99 48.74
CA THR M 19 -2.28 12.43 49.60
C THR M 19 -1.61 11.22 48.99
N SER M 20 -0.48 10.82 49.56
CA SER M 20 0.26 9.67 49.05
C SER M 20 0.32 8.54 50.07
N VAL M 21 0.09 7.32 49.62
CA VAL M 21 0.15 6.15 50.47
C VAL M 21 1.24 5.18 50.00
N ASP M 22 2.10 4.75 50.92
CA ASP M 22 3.17 3.84 50.58
C ASP M 22 2.87 2.42 51.05
N THR M 24 3.20 -3.68 51.27
CA THR M 24 2.02 -3.79 50.42
C THR M 24 0.93 -2.80 50.85
N THR M 25 0.07 -2.42 49.92
CA THR M 25 -1.02 -1.51 50.19
C THR M 25 -2.37 -2.18 49.97
N THR M 26 -3.26 -2.06 50.94
CA THR M 26 -4.57 -2.68 50.86
C THR M 26 -5.66 -1.69 50.49
N PHE M 27 -6.78 -2.20 49.96
CA PHE M 27 -7.90 -1.37 49.58
C PHE M 27 -8.44 -0.60 50.81
N GLN M 28 -8.45 -1.29 51.95
CA GLN M 28 -8.85 -0.74 53.23
C GLN M 28 -7.95 0.42 53.71
N ASP M 29 -6.64 0.25 53.57
CA ASP M 29 -5.68 1.29 53.88
C ASP M 29 -6.04 2.59 53.14
N LEU M 30 -6.26 2.45 51.84
CA LEU M 30 -6.63 3.58 51.00
C LEU M 30 -7.92 4.23 51.49
N CYS M 31 -8.95 3.43 51.73
CA CYS M 31 -10.22 3.99 52.23
C CYS M 31 -10.08 4.72 53.58
N GLU M 32 -9.24 4.20 54.47
CA GLU M 32 -9.02 4.82 55.77
C GLU M 32 -8.32 6.15 55.58
N GLU M 33 -7.36 6.17 54.67
CA GLU M 33 -6.65 7.39 54.35
C GLU M 33 -7.61 8.47 53.85
N VAL M 34 -8.58 8.08 53.02
CA VAL M 34 -9.50 9.08 52.48
C VAL M 34 -10.47 9.56 53.54
N ARG M 35 -10.95 8.64 54.38
CA ARG M 35 -11.85 9.03 55.45
C ARG M 35 -11.18 9.99 56.43
N ASP M 36 -9.96 9.67 56.84
CA ASP M 36 -9.20 10.54 57.75
C ASP M 36 -8.97 11.91 57.10
N MET M 37 -8.52 11.91 55.84
CA MET M 37 -8.16 13.15 55.14
C MET M 37 -9.35 14.07 54.82
N CYS M 38 -10.51 13.51 54.53
CA CYS M 38 -11.72 14.32 54.27
C CYS M 38 -12.60 14.55 55.49
N GLY M 39 -12.21 14.02 56.66
CA GLY M 39 -13.01 14.15 57.87
C GLY M 39 -14.34 13.41 57.78
N LEU M 40 -14.34 12.18 57.27
CA LEU M 40 -15.59 11.48 57.05
C LEU M 40 -15.89 10.49 58.16
N HIS M 41 -17.16 10.18 58.33
CA HIS M 41 -17.57 9.08 59.20
C HIS M 41 -16.91 7.78 58.73
N GLN M 42 -16.58 6.91 59.68
CA GLN M 42 -15.90 5.64 59.43
C GLN M 42 -16.61 4.72 58.39
N GLN M 43 -17.92 4.86 58.23
CA GLN M 43 -18.68 4.05 57.28
C GLN M 43 -19.08 4.77 55.98
N HIS M 44 -18.59 6.00 55.79
CA HIS M 44 -18.94 6.79 54.60
C HIS M 44 -18.63 6.03 53.31
N PRO M 45 -19.66 5.73 52.52
CA PRO M 45 -19.42 5.01 51.28
C PRO M 45 -18.51 5.80 50.33
N LEU M 46 -17.56 5.08 49.73
CA LEU M 46 -16.58 5.65 48.81
C LEU M 46 -16.66 4.93 47.48
N THR M 47 -16.58 5.68 46.40
CA THR M 47 -16.30 5.10 45.10
C THR M 47 -14.87 5.46 44.70
N LEU M 48 -14.12 4.48 44.22
CA LEU M 48 -12.75 4.69 43.76
C LEU M 48 -12.55 4.25 42.32
N LYS M 49 -11.89 5.10 41.53
CA LYS M 49 -11.51 4.69 40.18
C LYS M 49 -10.04 4.91 39.78
N TRP M 50 -9.53 4.01 38.96
CA TRP M 50 -8.22 4.20 38.39
C TRP M 50 -8.36 4.14 36.88
N VAL M 51 -7.72 5.07 36.20
CA VAL M 51 -7.70 5.10 34.75
C VAL M 51 -6.70 4.07 34.23
N ASP M 52 -7.14 3.14 33.40
CA ASP M 52 -6.21 2.17 32.80
C ASP M 52 -5.50 2.78 31.58
N SER M 53 -4.57 2.02 31.02
CA SER M 53 -3.72 2.48 29.93
C SER M 53 -4.51 2.78 28.65
N GLU M 54 -5.78 2.42 28.65
CA GLU M 54 -6.68 2.65 27.54
C GLU M 54 -7.53 3.89 27.73
N GLY M 55 -7.40 4.53 28.89
CA GLY M 55 -8.15 5.74 29.18
C GLY M 55 -9.54 5.57 29.79
N ASP M 56 -9.92 4.34 30.12
CA ASP M 56 -11.14 4.09 30.90
C ASP M 56 -10.93 4.15 32.42
N PRO M 57 -11.73 4.99 33.10
CA PRO M 57 -11.73 4.87 34.56
C PRO M 57 -12.41 3.58 34.99
N CYS M 58 -11.63 2.73 35.63
CA CYS M 58 -12.09 1.44 36.12
C CYS M 58 -12.42 1.56 37.60
N THR M 59 -13.36 0.77 38.08
CA THR M 59 -13.76 0.87 39.48
C THR M 59 -13.05 -0.18 40.33
N VAL M 60 -12.61 0.25 41.50
CA VAL M 60 -11.99 -0.67 42.45
C VAL M 60 -12.68 -0.63 43.83
N SER M 61 -13.20 -1.79 44.24
CA SER M 61 -13.96 -1.97 45.49
C SER M 61 -13.47 -3.17 46.29
N SER M 62 -12.22 -3.56 46.08
CA SER M 62 -11.72 -4.82 46.59
C SER M 62 -10.21 -4.87 46.47
N GLN M 63 -9.59 -5.71 47.29
CA GLN M 63 -8.15 -5.90 47.25
C GLN M 63 -7.77 -6.49 45.91
N MET M 64 -8.60 -7.37 45.39
CA MET M 64 -8.32 -8.05 44.13
C MET M 64 -8.16 -7.05 42.99
N GLU M 65 -9.09 -6.10 42.88
CA GLU M 65 -9.01 -5.09 41.84
C GLU M 65 -7.85 -4.13 42.03
N LEU M 66 -7.56 -3.75 43.29
CA LEU M 66 -6.40 -2.93 43.58
C LEU M 66 -5.12 -3.65 43.11
N GLU M 67 -5.05 -4.92 43.45
CA GLU M 67 -3.97 -5.82 43.09
C GLU M 67 -3.78 -5.83 41.56
N GLU M 68 -4.89 -5.95 40.83
CA GLU M 68 -4.80 -5.95 39.36
C GLU M 68 -4.36 -4.59 38.83
N ALA M 69 -4.86 -3.51 39.43
CA ALA M 69 -4.39 -2.18 39.09
C ALA M 69 -2.86 -2.07 39.24
N PHE M 70 -2.37 -2.57 40.38
CA PHE M 70 -0.95 -2.57 40.68
C PHE M 70 -0.16 -3.37 39.64
N ARG M 71 -0.67 -4.54 39.27
CA ARG M 71 -0.01 -5.40 38.28
C ARG M 71 0.10 -4.68 36.93
N LEU M 72 -1.04 -4.15 36.45
CA LEU M 72 -1.07 -3.38 35.20
C LEU M 72 -0.23 -2.12 35.23
N ALA M 73 0.01 -1.57 36.42
CA ALA M 73 0.78 -0.35 36.54
C ALA M 73 2.28 -0.65 36.58
N CYS M 74 2.64 -1.81 37.13
CA CYS M 74 4.02 -2.32 37.01
C CYS M 74 4.34 -2.63 35.55
N GLN M 75 3.37 -3.19 34.82
CA GLN M 75 3.57 -3.48 33.40
C GLN M 75 3.92 -2.22 32.61
N GLY M 76 3.22 -1.13 32.90
CA GLY M 76 3.39 0.11 32.17
C GLY M 76 4.52 0.98 32.71
N ARG M 77 5.24 0.45 33.70
CA ARG M 77 6.39 1.13 34.29
C ARG M 77 6.05 2.51 34.88
N ASP M 78 4.85 2.68 35.43
CA ASP M 78 4.49 3.88 36.18
C ASP M 78 5.22 3.87 37.53
N GLU M 79 5.41 5.04 38.12
CA GLU M 79 6.06 5.13 39.44
C GLU M 79 5.02 5.34 40.53
N VAL M 80 3.83 5.73 40.12
CA VAL M 80 2.78 6.02 41.07
C VAL M 80 1.43 5.67 40.48
N LEU M 81 0.57 5.07 41.30
CA LEU M 81 -0.77 4.71 40.88
C LEU M 81 -1.70 5.82 41.32
N ILE M 82 -2.41 6.43 40.38
CA ILE M 82 -3.33 7.52 40.71
C ILE M 82 -4.75 7.04 40.86
N ILE M 83 -5.37 7.35 41.99
CA ILE M 83 -6.73 6.90 42.26
C ILE M 83 -7.66 8.05 42.60
N HIS M 84 -8.76 8.18 41.84
CA HIS M 84 -9.77 9.19 42.14
C HIS M 84 -10.89 8.67 43.06
N VAL M 85 -11.20 9.48 44.06
CA VAL M 85 -12.13 9.03 45.09
C VAL M 85 -13.31 9.98 45.25
N PHE M 86 -14.50 9.41 45.26
CA PHE M 86 -15.75 10.15 45.41
C PHE M 86 -16.54 9.63 46.61
N PRO M 87 -16.51 10.39 47.72
CA PRO M 87 -17.36 10.02 48.85
C PRO M 87 -18.78 10.24 48.40
N SER M 88 -19.68 9.34 48.77
CA SER M 88 -21.06 9.46 48.37
C SER M 88 -21.68 10.72 48.96
N ILE M 89 -22.68 11.25 48.27
CA ILE M 89 -23.26 12.50 48.69
C ILE M 89 -24.69 12.30 49.18
N PRO M 90 -24.94 12.64 50.45
CA PRO M 90 -26.29 12.63 51.04
C PRO M 90 -27.20 13.71 50.45
N SER N 5 -3.61 -17.83 32.36
CA SER N 5 -4.02 -16.63 33.10
C SER N 5 -4.56 -15.52 32.18
N LEU N 6 -5.86 -15.22 32.31
CA LEU N 6 -6.50 -14.19 31.48
C LEU N 6 -6.39 -12.79 32.11
N THR N 7 -6.07 -11.80 31.29
CA THR N 7 -6.24 -10.41 31.67
C THR N 7 -7.66 -9.99 31.25
N VAL N 8 -8.51 -9.73 32.22
CA VAL N 8 -9.92 -9.48 31.92
C VAL N 8 -10.36 -8.03 32.18
N LYS N 9 -11.02 -7.46 31.19
CA LYS N 9 -11.62 -6.15 31.32
C LYS N 9 -13.12 -6.36 31.11
N ALA N 10 -13.90 -6.13 32.15
CA ALA N 10 -15.32 -6.36 32.07
C ALA N 10 -16.09 -5.07 32.14
N TYR N 11 -16.98 -4.91 31.18
CA TYR N 11 -17.81 -3.72 31.05
C TYR N 11 -19.26 -4.08 31.40
N LEU N 12 -19.85 -3.42 32.38
CA LEU N 12 -21.28 -3.58 32.64
C LEU N 12 -22.08 -2.61 31.77
N LEU N 13 -22.99 -3.13 30.94
CA LEU N 13 -23.70 -2.29 29.98
C LEU N 13 -24.89 -1.58 30.61
N ASP N 17 -26.60 -1.35 26.04
CA ASP N 17 -25.97 -0.37 25.17
C ASP N 17 -24.59 0.11 25.66
N ALA N 18 -24.57 1.23 26.38
CA ALA N 18 -23.31 1.86 26.80
C ALA N 18 -22.77 1.34 28.14
N ALA N 19 -21.45 1.53 28.32
CA ALA N 19 -20.79 1.09 29.54
C ALA N 19 -21.20 1.90 30.78
N ARG N 20 -21.61 1.18 31.82
CA ARG N 20 -22.03 1.78 33.09
C ARG N 20 -20.87 1.78 34.08
N GLU N 21 -20.10 0.69 34.10
CA GLU N 21 -18.87 0.64 34.89
C GLU N 21 -17.93 -0.43 34.38
N ILE N 22 -16.64 -0.21 34.62
CA ILE N 22 -15.65 -1.09 34.07
C ILE N 22 -14.77 -1.59 35.21
N ARG N 23 -14.56 -2.90 35.27
CA ARG N 23 -13.70 -3.48 36.31
C ARG N 23 -12.70 -4.44 35.68
N ARG N 24 -11.47 -4.43 36.18
CA ARG N 24 -10.43 -5.25 35.61
C ARG N 24 -9.89 -6.25 36.63
N PHE N 25 -9.57 -7.45 36.17
CA PHE N 25 -9.07 -8.50 37.05
C PHE N 25 -8.32 -9.61 36.31
N SER N 26 -7.60 -10.44 37.05
CA SER N 26 -6.98 -11.63 36.47
C SER N 26 -7.85 -12.84 36.80
N PHE N 27 -7.81 -13.83 35.94
CA PHE N 27 -8.57 -15.05 36.15
C PHE N 27 -7.75 -16.18 35.56
N CYS N 28 -7.82 -17.37 36.16
CA CYS N 28 -7.05 -18.52 35.67
C CYS N 28 -7.86 -19.49 34.81
N PRO N 43 -15.81 -27.09 40.06
CA PRO N 43 -16.59 -26.43 39.01
C PRO N 43 -15.67 -25.86 37.93
N GLY N 44 -16.19 -25.73 36.71
CA GLY N 44 -15.37 -25.39 35.55
C GLY N 44 -15.00 -23.92 35.35
N PRO N 45 -14.12 -23.66 34.38
CA PRO N 45 -13.63 -22.32 34.02
C PRO N 45 -14.74 -21.30 33.79
N CYS N 46 -15.60 -21.49 32.79
CA CYS N 46 -16.65 -20.53 32.51
C CYS N 46 -17.49 -20.22 33.74
N GLU N 47 -17.75 -21.25 34.52
CA GLU N 47 -18.50 -21.14 35.76
C GLU N 47 -17.77 -20.26 36.78
N ARG N 48 -16.49 -20.57 37.01
CA ARG N 48 -15.63 -19.77 37.86
C ARG N 48 -15.64 -18.29 37.44
N LEU N 49 -15.28 -18.03 36.17
CA LEU N 49 -15.26 -16.68 35.60
C LEU N 49 -16.55 -15.93 35.90
N LEU N 50 -17.68 -16.55 35.61
CA LEU N 50 -18.96 -15.93 35.89
C LEU N 50 -19.17 -15.61 37.38
N SER N 51 -18.72 -16.51 38.25
CA SER N 51 -18.83 -16.28 39.69
C SER N 51 -17.95 -15.10 40.14
N ARG N 52 -16.79 -14.98 39.51
CA ARG N 52 -15.87 -13.87 39.76
C ARG N 52 -16.53 -12.55 39.38
N VAL N 53 -17.16 -12.54 38.22
CA VAL N 53 -17.90 -11.36 37.78
C VAL N 53 -19.00 -10.99 38.76
N ALA N 54 -19.71 -12.00 39.27
CA ALA N 54 -20.81 -11.73 40.21
C ALA N 54 -20.27 -11.13 41.52
N ALA N 55 -19.15 -11.66 41.97
CA ALA N 55 -18.52 -11.16 43.20
C ALA N 55 -17.95 -9.74 43.05
N LEU N 56 -17.43 -9.40 41.87
CA LEU N 56 -16.74 -8.11 41.70
C LEU N 56 -17.67 -6.92 41.51
N PHE N 57 -18.77 -7.13 40.78
CA PHE N 57 -19.71 -6.05 40.54
C PHE N 57 -20.79 -6.13 41.62
N PRO N 58 -20.81 -5.15 42.53
CA PRO N 58 -21.77 -5.08 43.64
C PRO N 58 -23.23 -5.25 43.23
N ALA N 59 -23.60 -4.77 42.05
CA ALA N 59 -25.01 -4.83 41.63
C ALA N 59 -25.45 -6.19 41.02
N LEU N 60 -24.48 -6.96 40.53
CA LEU N 60 -24.75 -8.29 39.96
C LEU N 60 -24.99 -9.37 41.01
N ARG N 61 -25.91 -10.28 40.70
CA ARG N 61 -26.21 -11.45 41.50
C ARG N 61 -25.92 -12.69 40.66
N PRO N 62 -25.47 -13.79 41.28
CA PRO N 62 -25.05 -14.95 40.49
C PRO N 62 -26.22 -15.53 39.71
N GLY N 63 -26.09 -15.57 38.38
CA GLY N 63 -27.16 -16.01 37.51
C GLY N 63 -28.18 -14.93 37.17
N GLY N 64 -27.87 -13.68 37.52
CA GLY N 64 -28.78 -12.57 37.26
C GLY N 64 -28.32 -11.64 36.13
N PHE N 65 -27.55 -12.19 35.22
CA PHE N 65 -26.99 -11.37 34.17
C PHE N 65 -26.52 -12.26 33.04
N GLN N 66 -26.24 -11.65 31.88
CA GLN N 66 -25.71 -12.41 30.77
C GLN N 66 -24.39 -11.83 30.30
N ALA N 67 -23.39 -12.69 30.21
CA ALA N 67 -22.07 -12.29 29.75
C ALA N 67 -21.92 -12.51 28.24
N HIS N 68 -21.18 -11.61 27.60
CA HIS N 68 -21.01 -11.65 26.16
C HIS N 68 -19.55 -11.43 25.84
N TYR N 69 -19.21 -11.75 24.60
CA TYR N 69 -17.92 -11.36 24.07
C TYR N 69 -18.09 -10.61 22.75
N ARG N 70 -17.05 -9.88 22.38
CA ARG N 70 -17.06 -9.10 21.17
C ARG N 70 -16.45 -9.93 20.06
N ALA N 71 -17.30 -10.53 19.23
CA ALA N 71 -16.75 -11.26 18.11
C ALA N 71 -16.43 -10.15 17.15
N GLU N 72 -15.16 -9.83 17.02
CA GLU N 72 -14.76 -8.53 16.54
C GLU N 72 -15.00 -8.51 15.04
N ARG N 73 -16.28 -8.64 14.73
CA ARG N 73 -16.84 -8.35 13.43
C ARG N 73 -17.77 -7.17 13.66
N GLY N 74 -17.98 -6.87 14.95
CA GLY N 74 -18.73 -5.70 15.36
C GLY N 74 -19.59 -5.92 16.58
N ASP N 75 -20.21 -7.09 16.70
CA ASP N 75 -21.29 -7.25 17.70
C ASP N 75 -21.05 -8.26 18.83
N LEU N 76 -22.05 -8.34 19.71
CA LEU N 76 -21.91 -9.03 20.97
C LEU N 76 -22.61 -10.37 20.95
N VAL N 77 -21.85 -11.44 21.15
CA VAL N 77 -22.49 -12.75 21.25
C VAL N 77 -22.31 -13.36 22.64
N ALA N 78 -23.40 -13.89 23.17
CA ALA N 78 -23.44 -14.41 24.52
C ALA N 78 -22.63 -15.69 24.66
N PHE N 79 -22.29 -16.04 25.89
CA PHE N 79 -21.64 -17.30 26.21
C PHE N 79 -22.03 -17.73 27.63
N SER N 80 -22.07 -19.03 27.87
CA SER N 80 -22.54 -19.54 29.16
C SER N 80 -21.92 -20.89 29.53
N SER N 81 -21.09 -21.42 28.63
CA SER N 81 -20.47 -22.73 28.82
C SER N 81 -18.98 -22.65 28.59
N ASP N 82 -18.26 -23.66 29.07
CA ASP N 82 -16.82 -23.73 28.90
C ASP N 82 -16.47 -23.67 27.42
N GLU N 83 -17.33 -24.28 26.60
CA GLU N 83 -17.11 -24.38 25.15
C GLU N 83 -17.21 -23.01 24.50
N GLU N 84 -18.29 -22.30 24.81
CA GLU N 84 -18.50 -20.96 24.29
C GLU N 84 -17.41 -19.99 24.80
N LEU N 85 -16.99 -20.13 26.06
CA LEU N 85 -15.85 -19.38 26.57
C LEU N 85 -14.64 -19.62 25.67
N THR N 86 -14.28 -20.89 25.48
CA THR N 86 -13.15 -21.27 24.64
C THR N 86 -13.23 -20.62 23.25
N MET N 87 -14.41 -20.55 22.66
CA MET N 87 -14.47 -19.90 21.35
C MET N 87 -14.37 -18.38 21.45
N ALA N 88 -14.85 -17.81 22.57
CA ALA N 88 -14.71 -16.38 22.81
C ALA N 88 -13.24 -15.99 22.84
N MET N 89 -12.44 -16.76 23.56
CA MET N 89 -11.03 -16.42 23.74
C MET N 89 -10.21 -16.48 22.45
N SER N 90 -10.74 -17.13 21.42
CA SER N 90 -10.05 -17.18 20.14
C SER N 90 -10.20 -15.84 19.45
N TYR N 91 -11.34 -15.19 19.73
CA TYR N 91 -11.70 -13.93 19.10
C TYR N 91 -10.94 -12.72 19.66
N VAL N 92 -9.94 -12.95 20.50
CA VAL N 92 -9.15 -11.83 21.02
C VAL N 92 -7.64 -12.04 21.10
N LYS N 93 -6.90 -11.24 20.32
CA LYS N 93 -5.44 -11.29 20.33
C LYS N 93 -4.86 -9.95 20.77
N ASP N 94 -5.36 -9.46 21.90
CA ASP N 94 -4.91 -8.19 22.48
C ASP N 94 -4.16 -8.50 23.75
N ASP N 95 -4.20 -9.77 24.16
CA ASP N 95 -3.83 -10.22 25.50
C ASP N 95 -4.73 -9.59 26.56
N ILE N 96 -5.81 -8.96 26.11
CA ILE N 96 -6.83 -8.46 27.00
C ILE N 96 -8.18 -9.05 26.60
N PHE N 97 -8.74 -9.87 27.48
CA PHE N 97 -10.03 -10.51 27.27
C PHE N 97 -11.18 -9.61 27.71
N ARG N 98 -12.05 -9.27 26.76
CA ARG N 98 -13.11 -8.30 27.04
C ARG N 98 -14.45 -8.97 27.23
N ILE N 99 -15.09 -8.69 28.36
CA ILE N 99 -16.36 -9.33 28.71
C ILE N 99 -17.42 -8.26 28.86
N TYR N 100 -18.54 -8.41 28.17
CA TYR N 100 -19.59 -7.39 28.23
C TYR N 100 -20.84 -7.95 28.85
N ILE N 101 -21.34 -7.31 29.91
CA ILE N 101 -22.43 -7.87 30.70
C ILE N 101 -23.73 -7.05 30.70
N LYS N 102 -24.85 -7.73 30.47
CA LYS N 102 -26.16 -7.10 30.57
C LYS N 102 -26.91 -7.64 31.78
N GLU N 103 -27.68 -6.78 32.45
CA GLU N 103 -28.52 -7.22 33.56
C GLU N 103 -29.81 -7.82 33.01
N LYS N 104 -30.64 -8.40 33.88
CA LYS N 104 -31.87 -9.05 33.45
C LYS N 104 -33.14 -8.39 34.02
N PRO O 2 -55.30 23.73 -2.52
CA PRO O 2 -54.03 24.14 -3.11
C PRO O 2 -52.86 23.36 -2.54
N HIS O 3 -52.84 23.19 -1.22
CA HIS O 3 -51.80 22.45 -0.55
C HIS O 3 -52.35 21.23 0.14
N MET O 4 -51.70 20.10 -0.10
CA MET O 4 -52.15 18.84 0.50
C MET O 4 -51.02 18.15 1.25
N ARG O 5 -51.38 17.18 2.08
CA ARG O 5 -50.40 16.41 2.84
C ARG O 5 -49.14 16.06 2.01
N VAL O 6 -47.98 16.24 2.64
CA VAL O 6 -46.71 15.83 2.05
C VAL O 6 -46.13 14.61 2.77
N ARG O 7 -45.88 13.53 2.04
CA ARG O 7 -45.17 12.41 2.60
C ARG O 7 -43.67 12.56 2.35
N LEU O 8 -42.92 12.75 3.44
CA LEU O 8 -41.49 12.93 3.39
C LEU O 8 -40.76 11.58 3.55
N LYS O 9 -39.87 11.29 2.62
CA LYS O 9 -39.04 10.09 2.65
C LYS O 9 -37.58 10.48 2.66
N ALA O 10 -36.91 10.32 3.79
CA ALA O 10 -35.54 10.80 3.86
C ALA O 10 -34.54 9.66 3.97
N HIS O 11 -33.47 9.74 3.19
CA HIS O 11 -32.40 8.77 3.30
C HIS O 11 -31.49 9.08 4.48
N TYR O 12 -31.36 8.12 5.38
CA TYR O 12 -30.38 8.27 6.44
C TYR O 12 -29.86 6.94 6.98
N GLY O 13 -28.54 6.80 6.93
CA GLY O 13 -27.85 5.67 7.53
C GLY O 13 -28.18 4.38 6.82
N GLY O 14 -28.46 4.48 5.53
CA GLY O 14 -28.84 3.32 4.74
C GLY O 14 -30.30 2.97 4.91
N ASP O 15 -30.98 3.64 5.84
CA ASP O 15 -32.42 3.47 6.04
C ASP O 15 -33.20 4.53 5.27
N ILE O 16 -34.49 4.29 5.07
CA ILE O 16 -35.39 5.34 4.61
C ILE O 16 -36.41 5.63 5.72
N LEU O 17 -36.37 6.86 6.23
CA LEU O 17 -37.26 7.29 7.32
C LEU O 17 -38.43 8.04 6.73
N ILE O 18 -39.61 7.88 7.28
CA ILE O 18 -40.79 8.45 6.65
C ILE O 18 -41.67 9.19 7.65
N THR O 19 -42.07 10.42 7.31
CA THR O 19 -43.09 11.11 8.10
C THR O 19 -44.03 11.78 7.13
N SER O 20 -45.13 12.31 7.65
CA SER O 20 -46.10 13.04 6.83
C SER O 20 -46.41 14.41 7.45
N VAL O 21 -46.43 15.43 6.62
CA VAL O 21 -46.70 16.79 7.09
C VAL O 21 -47.98 17.35 6.46
N ASP O 22 -48.85 17.89 7.30
CA ASP O 22 -50.10 18.49 6.83
C ASP O 22 -49.97 19.99 6.64
N THR O 24 -51.61 25.57 4.74
CA THR O 24 -50.50 25.81 3.83
C THR O 24 -49.20 25.19 4.35
N THR O 25 -48.42 24.63 3.45
CA THR O 25 -47.14 24.02 3.82
C THR O 25 -45.98 24.74 3.14
N THR O 26 -44.96 25.07 3.92
CA THR O 26 -43.82 25.81 3.41
C THR O 26 -42.57 24.94 3.28
N PHE O 27 -41.68 25.34 2.36
CA PHE O 27 -40.41 24.65 2.15
C PHE O 27 -39.61 24.45 3.45
N GLN O 28 -39.47 25.54 4.20
CA GLN O 28 -38.79 25.51 5.48
C GLN O 28 -39.39 24.50 6.46
N ASP O 29 -40.72 24.50 6.62
CA ASP O 29 -41.41 23.47 7.44
C ASP O 29 -40.94 22.04 7.11
N LEU O 30 -40.96 21.71 5.81
CA LEU O 30 -40.55 20.39 5.32
C LEU O 30 -39.12 20.14 5.72
N CYS O 31 -38.26 21.15 5.56
CA CYS O 31 -36.87 21.01 5.96
C CYS O 31 -36.71 20.76 7.49
N GLU O 32 -37.39 21.55 8.32
CA GLU O 32 -37.30 21.36 9.77
C GLU O 32 -37.78 19.95 10.10
N GLU O 33 -38.83 19.50 9.44
CA GLU O 33 -39.36 18.19 9.71
C GLU O 33 -38.35 17.07 9.38
N VAL O 34 -37.77 17.13 8.19
CA VAL O 34 -36.74 16.15 7.81
C VAL O 34 -35.62 16.12 8.84
N ARG O 35 -35.19 17.31 9.27
CA ARG O 35 -34.04 17.39 10.17
C ARG O 35 -34.36 16.88 11.59
N ASP O 36 -35.52 17.27 12.10
CA ASP O 36 -35.99 16.76 13.37
C ASP O 36 -36.04 15.23 13.30
N MET O 37 -36.70 14.71 12.26
CA MET O 37 -36.89 13.26 12.07
C MET O 37 -35.58 12.45 11.96
N CYS O 38 -34.54 13.05 11.40
CA CYS O 38 -33.28 12.32 11.18
C CYS O 38 -32.21 12.63 12.23
N GLY O 39 -32.54 13.46 13.23
CA GLY O 39 -31.55 13.94 14.20
C GLY O 39 -30.44 14.74 13.53
N LEU O 40 -30.81 15.58 12.57
CA LEU O 40 -29.83 16.43 11.88
C LEU O 40 -29.75 17.82 12.50
N HIS O 41 -28.55 18.39 12.44
CA HIS O 41 -28.30 19.76 12.83
C HIS O 41 -29.19 20.70 11.99
N GLN O 42 -29.65 21.79 12.61
CA GLN O 42 -30.48 22.81 11.95
C GLN O 42 -30.03 23.22 10.53
N GLN O 43 -28.74 23.20 10.24
CA GLN O 43 -28.25 23.68 8.95
C GLN O 43 -27.82 22.53 8.05
N HIS O 44 -28.19 21.31 8.41
CA HIS O 44 -27.76 20.19 7.62
C HIS O 44 -28.30 20.29 6.20
N PRO O 45 -27.42 20.36 5.21
CA PRO O 45 -27.88 20.57 3.83
C PRO O 45 -28.75 19.41 3.35
N LEU O 46 -29.86 19.75 2.68
CA LEU O 46 -30.78 18.76 2.16
C LEU O 46 -30.99 18.92 0.66
N THR O 47 -31.29 17.81 -0.01
CA THR O 47 -31.77 17.87 -1.38
C THR O 47 -33.17 17.29 -1.40
N LEU O 48 -34.13 17.97 -2.03
CA LEU O 48 -35.52 17.52 -2.02
C LEU O 48 -35.90 17.33 -3.47
N LYS O 49 -36.62 16.24 -3.76
CA LYS O 49 -37.03 15.92 -5.12
C LYS O 49 -38.46 15.35 -5.16
N TRP O 50 -39.19 15.70 -6.19
CA TRP O 50 -40.48 15.09 -6.39
C TRP O 50 -40.60 14.63 -7.84
N VAL O 51 -41.15 13.44 -8.03
CA VAL O 51 -41.32 12.86 -9.34
C VAL O 51 -42.58 13.40 -10.01
N ASP O 52 -42.42 14.12 -11.13
CA ASP O 52 -43.60 14.63 -11.86
C ASP O 52 -44.28 13.56 -12.74
N SER O 53 -45.40 13.95 -13.36
CA SER O 53 -46.20 13.09 -14.24
C SER O 53 -45.36 12.28 -15.23
N GLU O 54 -44.28 12.88 -15.70
CA GLU O 54 -43.44 12.28 -16.73
C GLU O 54 -42.31 11.45 -16.15
N GLY O 55 -42.41 11.13 -14.86
CA GLY O 55 -41.41 10.30 -14.21
C GLY O 55 -40.06 10.96 -13.97
N ASP O 56 -39.99 12.28 -14.13
CA ASP O 56 -38.73 12.99 -13.90
C ASP O 56 -38.63 13.56 -12.48
N PRO O 57 -37.55 13.21 -11.77
CA PRO O 57 -37.34 13.84 -10.46
C PRO O 57 -37.00 15.31 -10.66
N CYS O 58 -37.81 16.17 -10.08
CA CYS O 58 -37.59 17.60 -10.07
C CYS O 58 -37.09 18.05 -8.71
N THR O 59 -36.11 18.94 -8.73
CA THR O 59 -35.50 19.41 -7.50
C THR O 59 -36.26 20.62 -6.96
N VAL O 60 -36.57 20.57 -5.67
CA VAL O 60 -37.20 21.72 -5.04
C VAL O 60 -36.33 22.27 -3.91
N SER O 61 -35.87 23.50 -4.11
CA SER O 61 -34.97 24.18 -3.18
C SER O 61 -35.51 25.55 -2.80
N SER O 62 -36.84 25.71 -2.86
CA SER O 62 -37.46 27.00 -2.60
C SER O 62 -38.96 26.86 -2.55
N GLN O 63 -39.61 27.89 -2.04
CA GLN O 63 -41.06 27.90 -1.89
C GLN O 63 -41.71 27.88 -3.22
N MET O 64 -41.10 28.59 -4.17
CA MET O 64 -41.66 28.74 -5.50
C MET O 64 -41.78 27.36 -6.15
N GLU O 65 -40.71 26.57 -6.05
CA GLU O 65 -40.73 25.21 -6.60
C GLU O 65 -41.78 24.36 -5.91
N LEU O 66 -41.85 24.47 -4.58
CA LEU O 66 -42.80 23.69 -3.81
C LEU O 66 -44.22 24.05 -4.22
N GLU O 67 -44.44 25.33 -4.45
CA GLU O 67 -45.71 25.87 -4.87
C GLU O 67 -46.10 25.23 -6.16
N GLU O 68 -45.13 25.15 -7.08
CA GLU O 68 -45.41 24.59 -8.38
C GLU O 68 -45.76 23.10 -8.25
N ALA O 69 -45.01 22.37 -7.43
CA ALA O 69 -45.32 20.95 -7.22
C ALA O 69 -46.73 20.75 -6.65
N PHE O 70 -47.12 21.62 -5.73
CA PHE O 70 -48.44 21.55 -5.14
C PHE O 70 -49.49 21.76 -6.23
N ARG O 71 -49.27 22.76 -7.08
CA ARG O 71 -50.20 23.09 -8.14
C ARG O 71 -50.40 21.89 -9.08
N LEU O 72 -49.29 21.40 -9.62
CA LEU O 72 -49.32 20.30 -10.56
C LEU O 72 -49.98 19.07 -9.97
N ALA O 73 -49.69 18.78 -8.69
CA ALA O 73 -50.24 17.59 -8.06
C ALA O 73 -51.75 17.75 -7.81
N CYS O 74 -52.16 19.00 -7.53
CA CYS O 74 -53.56 19.30 -7.36
C CYS O 74 -54.34 19.13 -8.66
N GLN O 75 -53.72 19.45 -9.80
CA GLN O 75 -54.39 19.24 -11.09
C GLN O 75 -54.62 17.77 -11.42
N GLY O 76 -53.60 16.94 -11.17
CA GLY O 76 -53.72 15.50 -11.32
C GLY O 76 -54.49 14.84 -10.19
N ARG O 77 -55.14 15.65 -9.38
CA ARG O 77 -55.93 15.20 -8.25
C ARG O 77 -55.28 14.10 -7.42
N ASP O 78 -54.03 14.33 -7.03
CA ASP O 78 -53.36 13.49 -6.03
C ASP O 78 -53.81 13.96 -4.65
N GLU O 79 -53.98 13.03 -3.72
CA GLU O 79 -54.36 13.41 -2.36
C GLU O 79 -53.16 13.49 -1.42
N VAL O 80 -51.99 13.29 -2.00
CA VAL O 80 -50.75 13.34 -1.25
C VAL O 80 -49.60 13.66 -2.18
N LEU O 81 -48.70 14.55 -1.74
CA LEU O 81 -47.48 14.88 -2.48
C LEU O 81 -46.26 14.18 -1.84
N ILE O 82 -45.65 13.27 -2.59
CA ILE O 82 -44.53 12.52 -2.05
C ILE O 82 -43.24 13.20 -2.40
N ILE O 83 -42.39 13.38 -1.40
CA ILE O 83 -41.11 14.06 -1.60
C ILE O 83 -39.93 13.27 -1.01
N HIS O 84 -38.95 13.03 -1.86
CA HIS O 84 -37.75 12.29 -1.50
C HIS O 84 -36.68 13.27 -1.03
N VAL O 85 -35.97 12.94 0.03
CA VAL O 85 -35.02 13.86 0.67
C VAL O 85 -33.68 13.22 0.97
N PHE O 86 -32.63 13.81 0.41
CA PHE O 86 -31.29 13.28 0.55
C PHE O 86 -30.38 14.27 1.24
N PRO O 87 -30.15 14.06 2.54
CA PRO O 87 -29.21 14.89 3.30
C PRO O 87 -27.83 14.70 2.73
N SER O 88 -26.98 15.71 2.79
CA SER O 88 -25.62 15.53 2.33
C SER O 88 -24.92 14.56 3.30
N ILE O 89 -24.02 13.73 2.78
CA ILE O 89 -23.28 12.78 3.61
C ILE O 89 -21.79 13.13 3.62
N PRO O 90 -21.25 13.49 4.80
CA PRO O 90 -19.81 13.75 4.87
C PRO O 90 -18.96 12.51 4.54
N LEU P 6 -48.02 29.92 -18.18
CA LEU P 6 -46.89 29.20 -18.77
C LEU P 6 -46.23 28.19 -17.80
N THR P 7 -46.63 26.92 -17.93
CA THR P 7 -46.01 25.82 -17.21
C THR P 7 -44.61 25.50 -17.76
N VAL P 8 -43.60 25.78 -16.94
CA VAL P 8 -42.21 25.70 -17.39
C VAL P 8 -41.45 24.56 -16.74
N LYS P 9 -40.69 23.86 -17.57
CA LYS P 9 -39.86 22.76 -17.14
C LYS P 9 -38.45 22.92 -17.69
N ALA P 10 -37.52 23.34 -16.83
CA ALA P 10 -36.13 23.59 -17.24
C ALA P 10 -35.23 22.39 -16.97
N TYR P 11 -34.45 22.02 -18.00
CA TYR P 11 -33.52 20.91 -17.93
C TYR P 11 -32.09 21.46 -18.00
N LEU P 12 -31.34 21.31 -16.92
CA LEU P 12 -29.95 21.72 -16.94
C LEU P 12 -29.10 20.63 -17.57
N LEU P 13 -28.37 20.99 -18.63
CA LEU P 13 -27.55 20.03 -19.38
C LEU P 13 -26.11 20.03 -18.87
N ASP P 17 -24.22 17.38 -23.08
CA ASP P 17 -24.83 16.06 -23.19
C ASP P 17 -26.26 16.01 -22.63
N ALA P 18 -26.44 15.28 -21.53
CA ALA P 18 -27.77 15.04 -20.95
C ALA P 18 -28.11 15.90 -19.73
N ALA P 19 -29.14 15.49 -18.98
CA ALA P 19 -29.73 16.32 -17.92
C ALA P 19 -29.23 16.01 -16.48
N ARG P 20 -28.76 17.04 -15.79
CA ARG P 20 -28.16 16.89 -14.45
C ARG P 20 -29.16 17.26 -13.34
N GLU P 21 -29.98 18.28 -13.57
CA GLU P 21 -31.12 18.55 -12.70
C GLU P 21 -32.28 19.20 -13.47
N ILE P 22 -33.51 18.93 -13.02
CA ILE P 22 -34.71 19.47 -13.66
C ILE P 22 -35.54 20.27 -12.65
N ARG P 23 -35.97 21.46 -13.04
CA ARG P 23 -36.75 22.29 -12.12
C ARG P 23 -37.98 22.87 -12.80
N ARG P 24 -39.09 22.90 -12.05
CA ARG P 24 -40.36 23.29 -12.62
C ARG P 24 -40.93 24.51 -11.90
N PHE P 25 -41.62 25.36 -12.67
CA PHE P 25 -42.22 26.57 -12.14
C PHE P 25 -43.18 27.13 -13.15
N SER P 26 -44.04 28.04 -12.75
CA SER P 26 -44.92 28.66 -13.73
C SER P 26 -44.51 30.11 -13.99
N PHE P 27 -45.04 30.67 -15.07
CA PHE P 27 -44.61 31.97 -15.57
C PHE P 27 -45.66 32.62 -16.50
N CYS P 28 -45.49 33.92 -16.77
CA CYS P 28 -46.44 34.67 -17.60
C CYS P 28 -45.79 35.23 -18.88
N GLY P 44 -37.83 43.23 -18.80
CA GLY P 44 -38.07 42.53 -20.04
C GLY P 44 -38.76 41.20 -19.86
N PRO P 45 -39.40 40.69 -20.92
CA PRO P 45 -40.06 39.35 -20.94
C PRO P 45 -39.22 38.04 -20.98
N CYS P 46 -38.23 37.96 -21.87
CA CYS P 46 -37.24 36.91 -21.92
C CYS P 46 -36.11 37.20 -20.94
N GLU P 47 -35.83 38.49 -20.75
CA GLU P 47 -34.84 38.93 -19.77
C GLU P 47 -35.23 38.46 -18.35
N ARG P 48 -36.52 38.56 -18.04
CA ARG P 48 -37.06 38.17 -16.75
C ARG P 48 -37.12 36.66 -16.61
N LEU P 49 -37.50 35.97 -17.69
CA LEU P 49 -37.50 34.50 -17.66
C LEU P 49 -36.09 33.97 -17.41
N LEU P 50 -35.10 34.56 -18.07
CA LEU P 50 -33.71 34.20 -17.81
C LEU P 50 -33.29 34.53 -16.38
N SER P 51 -33.73 35.67 -15.86
CA SER P 51 -33.52 35.98 -14.44
C SER P 51 -34.07 34.88 -13.50
N ARG P 52 -35.30 34.44 -13.76
CA ARG P 52 -35.91 33.36 -12.98
C ARG P 52 -35.09 32.08 -13.04
N VAL P 53 -34.75 31.64 -14.25
CA VAL P 53 -33.87 30.50 -14.42
C VAL P 53 -32.58 30.63 -13.58
N ALA P 54 -31.98 31.81 -13.64
CA ALA P 54 -30.75 32.11 -12.92
C ALA P 54 -30.92 31.90 -11.42
N ALA P 55 -31.93 32.55 -10.87
CA ALA P 55 -32.21 32.44 -9.45
C ALA P 55 -32.51 30.98 -9.00
N LEU P 56 -33.34 30.25 -9.74
CA LEU P 56 -33.81 28.92 -9.31
C LEU P 56 -32.73 27.84 -9.26
N PHE P 57 -31.87 27.79 -10.28
CA PHE P 57 -30.78 26.82 -10.31
C PHE P 57 -29.59 27.39 -9.57
N PRO P 58 -29.17 26.72 -8.48
CA PRO P 58 -28.16 27.28 -7.58
C PRO P 58 -26.78 27.43 -8.25
N ALA P 59 -26.51 26.64 -9.28
CA ALA P 59 -25.19 26.63 -9.90
C ALA P 59 -25.06 27.60 -11.08
N LEU P 60 -26.17 28.21 -11.46
CA LEU P 60 -26.18 29.18 -12.55
C LEU P 60 -26.11 30.61 -12.00
N ARG P 61 -25.43 31.51 -12.72
CA ARG P 61 -25.49 32.94 -12.40
C ARG P 61 -25.90 33.69 -13.66
N PRO P 62 -26.48 34.90 -13.51
CA PRO P 62 -26.97 35.65 -14.68
C PRO P 62 -25.84 35.88 -15.68
N GLY P 63 -26.17 35.79 -16.96
CA GLY P 63 -25.17 35.85 -18.01
C GLY P 63 -24.17 34.70 -17.88
N GLY P 64 -24.67 33.49 -17.69
CA GLY P 64 -23.79 32.34 -17.52
C GLY P 64 -24.31 31.07 -18.17
N PHE P 65 -25.37 31.21 -18.97
CA PHE P 65 -26.04 30.05 -19.55
C PHE P 65 -26.77 30.42 -20.85
N GLN P 66 -27.08 29.42 -21.67
CA GLN P 66 -27.84 29.69 -22.90
C GLN P 66 -29.18 28.97 -22.92
N ALA P 67 -30.25 29.74 -23.10
CA ALA P 67 -31.59 29.16 -23.11
C ALA P 67 -31.99 28.61 -24.48
N HIS P 68 -32.26 27.31 -24.54
CA HIS P 68 -32.65 26.63 -25.77
C HIS P 68 -34.10 26.18 -25.69
N TYR P 69 -34.69 25.94 -26.86
CA TYR P 69 -35.98 25.28 -26.95
C TYR P 69 -35.92 24.11 -27.94
N ARG P 70 -37.07 23.73 -28.48
CA ARG P 70 -37.13 22.63 -29.44
C ARG P 70 -38.17 22.84 -30.56
N ALA P 71 -37.75 22.60 -31.80
CA ALA P 71 -38.68 22.54 -32.93
C ALA P 71 -38.92 21.09 -33.33
N GLU P 72 -39.43 20.87 -34.54
CA GLU P 72 -39.79 19.52 -34.98
C GLU P 72 -38.60 18.54 -34.98
N ARG P 73 -37.47 18.98 -35.52
CA ARG P 73 -36.34 18.10 -35.81
C ARG P 73 -35.49 17.73 -34.60
N GLY P 74 -36.12 17.54 -33.45
CA GLY P 74 -35.44 16.96 -32.30
C GLY P 74 -34.13 17.68 -31.99
N ASP P 75 -34.14 19.00 -32.04
CA ASP P 75 -32.89 19.73 -32.01
C ASP P 75 -32.95 20.92 -31.06
N LEU P 76 -31.81 21.22 -30.43
CA LEU P 76 -31.72 22.29 -29.44
C LEU P 76 -31.09 23.54 -30.03
N VAL P 77 -31.90 24.36 -30.68
CA VAL P 77 -31.44 25.67 -31.10
C VAL P 77 -31.69 26.67 -29.96
N ALA P 78 -30.82 27.66 -29.85
CA ALA P 78 -30.87 28.60 -28.73
C ALA P 78 -31.85 29.75 -28.94
N PHE P 79 -32.11 30.50 -27.87
CA PHE P 79 -32.85 31.77 -27.94
C PHE P 79 -32.31 32.75 -26.90
N SER P 80 -32.11 34.00 -27.29
CA SER P 80 -31.64 35.03 -26.37
C SER P 80 -32.50 36.30 -26.42
N SER P 81 -33.11 36.53 -27.58
CA SER P 81 -33.88 37.75 -27.77
C SER P 81 -35.24 37.61 -27.11
N ASP P 82 -35.90 38.74 -26.87
CA ASP P 82 -37.26 38.75 -26.33
C ASP P 82 -38.25 38.29 -27.39
N GLU P 83 -37.72 37.97 -28.57
CA GLU P 83 -38.51 37.48 -29.71
C GLU P 83 -38.23 36.00 -30.04
N GLU P 84 -36.99 35.57 -29.85
CA GLU P 84 -36.65 34.16 -30.06
C GLU P 84 -37.30 33.31 -28.98
N LEU P 85 -37.76 33.98 -27.92
CA LEU P 85 -38.59 33.39 -26.88
C LEU P 85 -39.99 33.18 -27.44
N THR P 86 -40.43 34.09 -28.31
CA THR P 86 -41.72 33.95 -28.96
C THR P 86 -41.66 32.87 -30.05
N MET P 87 -40.49 32.72 -30.67
CA MET P 87 -40.25 31.62 -31.60
C MET P 87 -40.22 30.31 -30.79
N ALA P 88 -39.72 30.41 -29.56
CA ALA P 88 -39.69 29.28 -28.64
C ALA P 88 -41.10 28.79 -28.26
N MET P 89 -41.97 29.71 -27.86
CA MET P 89 -43.33 29.35 -27.44
C MET P 89 -44.21 28.88 -28.59
N SER P 90 -43.60 28.63 -29.75
CA SER P 90 -44.33 28.37 -30.98
C SER P 90 -44.31 26.91 -31.39
N TYR P 91 -43.21 26.24 -31.11
CA TYR P 91 -43.09 24.82 -31.43
C TYR P 91 -43.27 24.04 -30.14
N VAL P 92 -44.19 24.49 -29.30
CA VAL P 92 -44.45 23.86 -28.02
C VAL P 92 -45.92 23.44 -27.87
N LYS P 93 -46.35 22.56 -28.77
CA LYS P 93 -47.69 21.99 -28.71
C LYS P 93 -47.72 20.85 -27.70
N ASP P 94 -46.70 20.81 -26.86
CA ASP P 94 -46.61 19.83 -25.79
C ASP P 94 -47.50 20.20 -24.60
N ASP P 95 -47.91 21.47 -24.54
CA ASP P 95 -48.68 22.09 -23.43
C ASP P 95 -47.81 22.46 -22.22
N ILE P 96 -46.52 22.14 -22.33
CA ILE P 96 -45.53 22.49 -21.32
C ILE P 96 -44.30 23.12 -21.96
N PHE P 97 -44.01 24.38 -21.64
CA PHE P 97 -42.82 25.02 -22.17
C PHE P 97 -41.59 24.38 -21.56
N ARG P 98 -40.75 23.82 -22.43
CA ARG P 98 -39.55 23.14 -22.00
C ARG P 98 -38.35 24.01 -22.33
N ILE P 99 -37.50 24.26 -21.33
CA ILE P 99 -36.29 25.04 -21.59
C ILE P 99 -35.09 24.15 -21.39
N TYR P 100 -34.13 24.20 -22.31
CA TYR P 100 -32.92 23.39 -22.15
C TYR P 100 -31.67 24.25 -22.01
N ILE P 101 -30.83 23.91 -21.04
CA ILE P 101 -29.79 24.84 -20.59
C ILE P 101 -28.35 24.32 -20.66
N LYS P 102 -27.48 25.03 -21.37
CA LYS P 102 -26.04 24.80 -21.29
C LYS P 102 -25.40 25.84 -20.35
N GLU P 103 -24.74 25.34 -19.32
CA GLU P 103 -23.92 26.17 -18.44
C GLU P 103 -22.66 26.49 -19.23
N LYS P 104 -22.03 27.62 -18.91
CA LYS P 104 -20.80 28.00 -19.59
C LYS P 104 -19.56 27.69 -18.75
N PRO Q 2 -28.83 -41.25 -8.36
CA PRO Q 2 -27.79 -40.51 -9.10
C PRO Q 2 -26.56 -40.28 -8.22
N HIS Q 3 -26.30 -39.01 -7.90
CA HIS Q 3 -25.19 -38.65 -7.04
C HIS Q 3 -25.68 -37.99 -5.73
N MET Q 4 -24.86 -38.02 -4.70
CA MET Q 4 -25.23 -37.41 -3.43
C MET Q 4 -24.16 -36.43 -2.97
N ARG Q 5 -24.45 -35.67 -1.91
CA ARG Q 5 -23.44 -34.74 -1.38
C ARG Q 5 -22.14 -35.47 -0.99
N VAL Q 6 -21.00 -34.88 -1.30
CA VAL Q 6 -19.72 -35.43 -0.86
C VAL Q 6 -19.12 -34.64 0.29
N ARG Q 7 -18.78 -35.32 1.38
CA ARG Q 7 -18.06 -34.66 2.46
C ARG Q 7 -16.56 -34.97 2.33
N LEU Q 8 -15.80 -33.93 2.06
CA LEU Q 8 -14.40 -34.03 1.74
C LEU Q 8 -13.59 -33.71 2.98
N LYS Q 9 -12.72 -34.64 3.37
CA LYS Q 9 -11.92 -34.53 4.59
C LYS Q 9 -10.44 -34.69 4.25
N ALA Q 10 -9.72 -33.58 4.25
CA ALA Q 10 -8.32 -33.56 3.85
C ALA Q 10 -7.42 -33.53 5.06
N HIS Q 11 -6.54 -34.52 5.15
CA HIS Q 11 -5.56 -34.62 6.23
C HIS Q 11 -4.26 -34.01 5.75
N TYR Q 12 -4.05 -32.74 6.04
CA TYR Q 12 -2.88 -32.05 5.51
C TYR Q 12 -2.18 -31.21 6.57
N GLY Q 13 -0.96 -31.61 6.89
CA GLY Q 13 -0.17 -30.93 7.90
C GLY Q 13 -0.89 -30.85 9.23
N GLY Q 14 -1.11 -32.00 9.85
CA GLY Q 14 -1.67 -32.05 11.19
C GLY Q 14 -3.13 -31.62 11.25
N ASP Q 15 -3.52 -30.68 10.40
CA ASP Q 15 -4.92 -30.27 10.31
C ASP Q 15 -5.78 -31.25 9.49
N ILE Q 16 -7.07 -31.23 9.81
CA ILE Q 16 -8.09 -31.85 9.00
C ILE Q 16 -8.97 -30.73 8.48
N LEU Q 17 -8.98 -30.52 7.18
CA LEU Q 17 -9.83 -29.50 6.60
C LEU Q 17 -11.05 -30.16 5.98
N ILE Q 18 -12.22 -29.59 6.21
CA ILE Q 18 -13.46 -30.25 5.76
C ILE Q 18 -14.33 -29.33 4.89
N THR Q 19 -14.84 -29.85 3.76
CA THR Q 19 -15.99 -29.17 3.12
C THR Q 19 -16.99 -30.12 2.53
N SER Q 20 -18.04 -29.57 1.94
CA SER Q 20 -19.08 -30.38 1.32
C SER Q 20 -19.30 -29.96 -0.14
N VAL Q 21 -19.38 -30.96 -1.02
CA VAL Q 21 -19.62 -30.70 -2.43
C VAL Q 21 -20.94 -31.33 -2.88
N ASP Q 22 -21.77 -30.53 -3.54
CA ASP Q 22 -23.06 -31.01 -4.00
C ASP Q 22 -23.07 -31.23 -5.51
N THR Q 24 -24.65 -33.48 -11.10
CA THR Q 24 -23.68 -34.57 -10.95
C THR Q 24 -22.37 -34.05 -10.39
N THR Q 25 -21.57 -34.96 -9.82
CA THR Q 25 -20.28 -34.60 -9.26
C THR Q 25 -19.16 -35.36 -9.96
N THR Q 26 -18.12 -34.62 -10.36
CA THR Q 26 -16.99 -35.22 -11.05
C THR Q 26 -15.80 -35.43 -10.11
N PHE Q 27 -14.89 -36.30 -10.51
CA PHE Q 27 -13.71 -36.60 -9.73
C PHE Q 27 -12.81 -35.36 -9.72
N GLN Q 28 -12.72 -34.74 -10.90
CA GLN Q 28 -12.03 -33.48 -11.09
C GLN Q 28 -12.46 -32.35 -10.13
N ASP Q 29 -13.75 -32.12 -9.96
CA ASP Q 29 -14.19 -31.02 -9.11
C ASP Q 29 -13.83 -31.28 -7.63
N LEU Q 30 -13.92 -32.55 -7.23
CA LEU Q 30 -13.47 -32.97 -5.92
C LEU Q 30 -12.00 -32.59 -5.72
N CYS Q 31 -11.15 -32.95 -6.70
CA CYS Q 31 -9.73 -32.61 -6.61
C CYS Q 31 -9.48 -31.09 -6.58
N GLU Q 32 -10.19 -30.36 -7.43
CA GLU Q 32 -10.11 -28.91 -7.47
C GLU Q 32 -10.45 -28.29 -6.10
N GLU Q 33 -11.55 -28.77 -5.52
CA GLU Q 33 -12.04 -28.29 -4.26
C GLU Q 33 -11.07 -28.57 -3.11
N VAL Q 34 -10.44 -29.73 -3.14
CA VAL Q 34 -9.43 -30.06 -2.12
C VAL Q 34 -8.16 -29.20 -2.21
N ARG Q 35 -7.62 -29.05 -3.43
CA ARG Q 35 -6.44 -28.19 -3.61
C ARG Q 35 -6.76 -26.72 -3.27
N ASP Q 36 -7.99 -26.32 -3.54
CA ASP Q 36 -8.47 -24.98 -3.21
C ASP Q 36 -8.49 -24.80 -1.70
N MET Q 37 -9.16 -25.74 -1.01
CA MET Q 37 -9.32 -25.70 0.43
C MET Q 37 -7.98 -25.76 1.18
N CYS Q 38 -6.99 -26.42 0.58
CA CYS Q 38 -5.69 -26.61 1.23
C CYS Q 38 -4.60 -25.66 0.76
N GLY Q 39 -4.89 -24.78 -0.20
CA GLY Q 39 -3.84 -23.95 -0.77
C GLY Q 39 -2.75 -24.74 -1.48
N LEU Q 40 -3.16 -25.74 -2.26
CA LEU Q 40 -2.20 -26.59 -2.97
C LEU Q 40 -1.95 -26.11 -4.38
N HIS Q 41 -0.75 -26.38 -4.90
CA HIS Q 41 -0.49 -26.28 -6.32
C HIS Q 41 -1.55 -27.11 -7.11
N GLN Q 42 -1.99 -26.60 -8.26
CA GLN Q 42 -3.00 -27.24 -9.10
C GLN Q 42 -2.66 -28.69 -9.52
N GLN Q 43 -1.37 -29.02 -9.61
CA GLN Q 43 -0.96 -30.37 -9.97
C GLN Q 43 -0.63 -31.22 -8.77
N HIS Q 44 -0.93 -30.76 -7.56
CA HIS Q 44 -0.54 -31.49 -6.35
C HIS Q 44 -1.22 -32.86 -6.28
N PRO Q 45 -0.43 -33.92 -6.33
CA PRO Q 45 -0.97 -35.28 -6.35
C PRO Q 45 -1.79 -35.60 -5.10
N LEU Q 46 -2.90 -36.30 -5.31
CA LEU Q 46 -3.89 -36.55 -4.27
C LEU Q 46 -4.25 -38.02 -4.25
N THR Q 47 -4.48 -38.54 -3.05
CA THR Q 47 -5.01 -39.89 -2.92
C THR Q 47 -6.36 -39.75 -2.26
N LEU Q 48 -7.41 -40.28 -2.90
CA LEU Q 48 -8.77 -40.20 -2.35
C LEU Q 48 -9.25 -41.59 -1.96
N LYS Q 49 -9.84 -41.68 -0.77
CA LYS Q 49 -10.34 -42.95 -0.27
C LYS Q 49 -11.74 -42.80 0.31
N TRP Q 50 -12.57 -43.78 0.01
CA TRP Q 50 -13.93 -43.82 0.51
C TRP Q 50 -14.10 -45.21 1.11
N VAL Q 51 -14.81 -45.32 2.22
CA VAL Q 51 -14.92 -46.59 2.94
C VAL Q 51 -16.15 -47.34 2.50
N ASP Q 52 -15.96 -48.56 1.97
CA ASP Q 52 -17.11 -49.32 1.48
C ASP Q 52 -17.89 -49.99 2.61
N SER Q 53 -19.02 -50.60 2.25
CA SER Q 53 -19.95 -51.16 3.24
C SER Q 53 -19.31 -52.25 4.10
N GLU Q 54 -18.15 -52.75 3.66
CA GLU Q 54 -17.44 -53.77 4.45
C GLU Q 54 -16.32 -53.19 5.30
N GLY Q 55 -16.21 -51.86 5.37
CA GLY Q 55 -15.21 -51.23 6.20
C GLY Q 55 -13.81 -51.11 5.58
N ASP Q 56 -13.67 -51.43 4.29
CA ASP Q 56 -12.39 -51.23 3.63
C ASP Q 56 -12.26 -49.84 3.02
N PRO Q 57 -11.17 -49.15 3.37
CA PRO Q 57 -10.89 -47.94 2.59
C PRO Q 57 -10.51 -48.33 1.16
N CYS Q 58 -11.30 -47.85 0.20
CA CYS Q 58 -11.08 -48.05 -1.21
C CYS Q 58 -10.56 -46.77 -1.85
N THR Q 59 -9.66 -46.90 -2.81
CA THR Q 59 -9.10 -45.74 -3.48
C THR Q 59 -9.93 -45.40 -4.70
N VAL Q 60 -10.29 -44.12 -4.85
CA VAL Q 60 -10.88 -43.64 -6.10
C VAL Q 60 -10.01 -42.61 -6.83
N SER Q 61 -9.72 -42.91 -8.10
CA SER Q 61 -8.81 -42.09 -8.89
C SER Q 61 -9.39 -41.69 -10.25
N SER Q 62 -10.70 -41.73 -10.38
CA SER Q 62 -11.32 -41.59 -11.70
C SER Q 62 -12.81 -41.47 -11.52
N GLN Q 63 -13.49 -41.00 -12.56
CA GLN Q 63 -14.95 -40.84 -12.54
C GLN Q 63 -15.62 -42.17 -12.33
N MET Q 64 -15.15 -43.19 -13.03
CA MET Q 64 -15.74 -44.52 -12.96
C MET Q 64 -15.81 -45.03 -11.51
N GLU Q 65 -14.70 -44.91 -10.79
CA GLU Q 65 -14.67 -45.35 -9.39
C GLU Q 65 -15.55 -44.48 -8.48
N LEU Q 66 -15.62 -43.19 -8.79
CA LEU Q 66 -16.50 -42.30 -8.05
C LEU Q 66 -17.95 -42.73 -8.23
N GLU Q 67 -18.34 -42.96 -9.47
CA GLU Q 67 -19.70 -43.39 -9.81
C GLU Q 67 -20.05 -44.70 -9.16
N GLU Q 68 -19.11 -45.64 -9.16
CA GLU Q 68 -19.35 -46.91 -8.47
C GLU Q 68 -19.56 -46.68 -6.98
N ALA Q 69 -18.78 -45.78 -6.39
CA ALA Q 69 -18.98 -45.41 -4.98
C ALA Q 69 -20.36 -44.81 -4.73
N PHE Q 70 -20.78 -43.88 -5.59
CA PHE Q 70 -22.12 -43.27 -5.53
C PHE Q 70 -23.22 -44.31 -5.58
N ARG Q 71 -23.14 -45.21 -6.55
CA ARG Q 71 -24.10 -46.29 -6.72
C ARG Q 71 -24.14 -47.21 -5.48
N LEU Q 72 -22.98 -47.55 -4.92
CA LEU Q 72 -22.95 -48.37 -3.71
C LEU Q 72 -23.55 -47.64 -2.49
N ALA Q 73 -23.39 -46.33 -2.42
CA ALA Q 73 -23.92 -45.56 -1.30
C ALA Q 73 -25.43 -45.36 -1.39
N CYS Q 74 -25.94 -45.15 -2.59
CA CYS Q 74 -27.38 -45.13 -2.78
C CYS Q 74 -27.89 -46.50 -2.39
N GLN Q 75 -27.22 -47.54 -2.88
CA GLN Q 75 -27.58 -48.92 -2.58
C GLN Q 75 -27.58 -49.19 -1.07
N GLY Q 76 -26.85 -48.36 -0.32
CA GLY Q 76 -26.78 -48.50 1.12
C GLY Q 76 -27.58 -47.48 1.92
N ARG Q 77 -28.27 -46.59 1.21
CA ARG Q 77 -29.06 -45.54 1.84
C ARG Q 77 -28.22 -44.61 2.73
N ASP Q 78 -26.99 -44.32 2.32
CA ASP Q 78 -26.22 -43.27 2.97
C ASP Q 78 -26.68 -41.99 2.33
N GLU Q 79 -26.88 -40.95 3.13
CA GLU Q 79 -27.35 -39.68 2.57
C GLU Q 79 -26.19 -38.78 2.17
N VAL Q 80 -24.98 -39.20 2.50
CA VAL Q 80 -23.77 -38.43 2.21
C VAL Q 80 -22.61 -39.37 1.94
N LEU Q 81 -21.74 -39.00 1.01
CA LEU Q 81 -20.58 -39.81 0.69
C LEU Q 81 -19.35 -39.16 1.31
N ILE Q 82 -18.75 -39.83 2.27
CA ILE Q 82 -17.57 -39.28 2.94
C ILE Q 82 -16.27 -39.76 2.28
N ILE Q 83 -15.42 -38.81 1.90
CA ILE Q 83 -14.14 -39.11 1.24
C ILE Q 83 -12.95 -38.49 1.98
N HIS Q 84 -11.98 -39.33 2.31
CA HIS Q 84 -10.74 -38.89 2.94
C HIS Q 84 -9.68 -38.63 1.88
N VAL Q 85 -8.96 -37.53 2.04
CA VAL Q 85 -8.05 -37.06 1.02
C VAL Q 85 -6.67 -36.84 1.61
N PHE Q 86 -5.66 -37.29 0.87
CA PHE Q 86 -4.28 -37.19 1.34
C PHE Q 86 -3.41 -36.59 0.27
N PRO Q 87 -3.05 -35.31 0.44
CA PRO Q 87 -2.12 -34.71 -0.50
C PRO Q 87 -0.79 -35.41 -0.32
N SER Q 88 -0.08 -35.62 -1.42
CA SER Q 88 1.20 -36.28 -1.31
C SER Q 88 2.15 -35.39 -0.54
N ILE Q 89 3.08 -36.02 0.16
CA ILE Q 89 4.05 -35.28 0.95
C ILE Q 89 5.33 -35.16 0.15
N PRO Q 90 5.64 -33.95 -0.34
CA PRO Q 90 6.83 -33.72 -1.18
C PRO Q 90 8.13 -33.72 -0.38
N SER R 5 -23.51 -55.11 -14.35
CA SER R 5 -24.28 -56.25 -13.86
C SER R 5 -23.47 -56.96 -12.77
N LEU R 6 -22.14 -57.00 -12.96
CA LEU R 6 -21.22 -57.57 -11.98
C LEU R 6 -20.57 -56.52 -11.05
N THR R 7 -20.60 -56.79 -9.74
CA THR R 7 -20.02 -55.88 -8.75
C THR R 7 -18.62 -56.34 -8.29
N VAL R 8 -17.60 -55.63 -8.75
CA VAL R 8 -16.21 -56.05 -8.59
C VAL R 8 -15.42 -55.31 -7.50
N LYS R 9 -14.75 -56.09 -6.65
CA LYS R 9 -13.89 -55.55 -5.62
C LYS R 9 -12.49 -56.13 -5.78
N ALA R 10 -11.56 -55.27 -6.20
CA ALA R 10 -10.21 -55.67 -6.59
C ALA R 10 -9.15 -55.32 -5.56
N TYR R 11 -8.51 -56.35 -5.02
CA TYR R 11 -7.46 -56.20 -4.02
C TYR R 11 -6.08 -56.33 -4.67
N LEU R 12 -5.25 -55.31 -4.51
CA LEU R 12 -3.86 -55.38 -4.96
C LEU R 12 -2.98 -55.89 -3.80
N LEU R 13 -2.33 -57.03 -4.02
CA LEU R 13 -1.52 -57.67 -2.98
C LEU R 13 -0.08 -57.18 -3.00
N GLY R 14 0.54 -57.18 -1.82
CA GLY R 14 1.95 -56.82 -1.69
C GLY R 14 2.74 -57.81 -0.82
N ASP R 17 0.57 -61.51 -0.25
CA ASP R 17 -0.20 -61.69 0.98
C ASP R 17 -1.29 -60.64 1.18
N ALA R 18 -1.01 -59.62 1.98
CA ALA R 18 -2.03 -58.64 2.37
C ALA R 18 -2.31 -57.59 1.29
N ALA R 19 -3.34 -56.77 1.52
CA ALA R 19 -3.82 -55.83 0.50
C ALA R 19 -3.18 -54.44 0.56
N ARG R 20 -2.48 -54.06 -0.51
CA ARG R 20 -1.88 -52.73 -0.61
C ARG R 20 -2.97 -51.68 -0.84
N GLU R 21 -3.83 -51.95 -1.81
CA GLU R 21 -4.75 -50.95 -2.33
C GLU R 21 -5.97 -51.68 -2.88
N ILE R 22 -7.16 -51.18 -2.55
CA ILE R 22 -8.41 -51.78 -3.00
C ILE R 22 -9.23 -50.83 -3.89
N ARG R 23 -9.74 -51.33 -5.01
CA ARG R 23 -10.60 -50.50 -5.87
C ARG R 23 -11.90 -51.21 -6.25
N ARG R 24 -12.95 -50.45 -6.48
CA ARG R 24 -14.25 -51.04 -6.75
C ARG R 24 -14.85 -50.49 -8.03
N PHE R 25 -15.42 -51.38 -8.83
CA PHE R 25 -16.01 -50.97 -10.09
C PHE R 25 -17.04 -52.00 -10.53
N SER R 26 -17.86 -51.68 -11.52
CA SER R 26 -18.81 -52.68 -12.01
C SER R 26 -18.45 -53.11 -13.44
N PHE R 27 -19.01 -54.24 -13.90
CA PHE R 27 -18.52 -54.88 -15.13
C PHE R 27 -19.54 -55.79 -15.84
N CYS R 28 -19.34 -56.00 -17.15
CA CYS R 28 -20.18 -56.89 -17.96
C CYS R 28 -19.65 -58.32 -18.14
N PRO R 43 -11.16 -57.94 -26.07
CA PRO R 43 -12.53 -57.60 -26.50
C PRO R 43 -13.57 -58.60 -25.96
N GLY R 44 -13.12 -59.56 -25.15
CA GLY R 44 -14.03 -60.50 -24.50
C GLY R 44 -13.98 -60.35 -22.98
N PRO R 45 -14.85 -61.10 -22.28
CA PRO R 45 -15.16 -60.89 -20.86
C PRO R 45 -13.94 -60.85 -19.95
N CYS R 46 -13.19 -61.95 -19.89
CA CYS R 46 -11.98 -62.00 -19.06
C CYS R 46 -10.91 -61.01 -19.53
N GLU R 47 -10.69 -60.94 -20.84
CA GLU R 47 -9.68 -60.04 -21.39
C GLU R 47 -10.04 -58.57 -21.13
N ARG R 48 -11.32 -58.25 -21.28
CA ARG R 48 -11.79 -56.90 -20.98
C ARG R 48 -11.70 -56.58 -19.49
N LEU R 49 -12.07 -57.54 -18.65
CA LEU R 49 -11.96 -57.36 -17.21
C LEU R 49 -10.51 -57.06 -16.82
N LEU R 50 -9.57 -57.83 -17.36
CA LEU R 50 -8.17 -57.58 -17.05
C LEU R 50 -7.74 -56.22 -17.59
N SER R 51 -8.34 -55.80 -18.70
CA SER R 51 -8.09 -54.47 -19.26
C SER R 51 -8.49 -53.39 -18.25
N ARG R 52 -9.67 -53.57 -17.66
CA ARG R 52 -10.21 -52.63 -16.69
C ARG R 52 -9.28 -52.58 -15.49
N VAL R 53 -8.87 -53.75 -15.02
CA VAL R 53 -7.94 -53.83 -13.91
C VAL R 53 -6.66 -53.07 -14.19
N ALA R 54 -6.09 -53.24 -15.39
CA ALA R 54 -4.89 -52.48 -15.72
C ALA R 54 -5.15 -50.97 -15.82
N ALA R 55 -6.36 -50.61 -16.26
CA ALA R 55 -6.73 -49.20 -16.43
C ALA R 55 -7.01 -48.46 -15.10
N LEU R 56 -7.48 -49.20 -14.09
CA LEU R 56 -7.89 -48.62 -12.81
C LEU R 56 -6.79 -48.51 -11.75
N PHE R 57 -5.85 -49.44 -11.76
CA PHE R 57 -4.70 -49.37 -10.85
C PHE R 57 -3.57 -48.71 -11.61
N PRO R 58 -3.18 -47.50 -11.20
CA PRO R 58 -2.18 -46.67 -11.89
C PRO R 58 -0.81 -47.34 -12.03
N ALA R 59 -0.41 -48.15 -11.05
CA ALA R 59 0.89 -48.82 -11.10
C ALA R 59 0.89 -50.06 -12.01
N LEU R 60 -0.29 -50.46 -12.47
CA LEU R 60 -0.45 -51.72 -13.19
C LEU R 60 -0.47 -51.50 -14.71
N ARG R 61 0.41 -52.22 -15.41
CA ARG R 61 0.45 -52.18 -16.87
C ARG R 61 0.06 -53.55 -17.42
N PRO R 62 -0.55 -53.59 -18.62
CA PRO R 62 -1.01 -54.88 -19.14
C PRO R 62 0.15 -55.85 -19.37
N GLY R 63 -0.05 -57.10 -19.00
CA GLY R 63 1.00 -58.10 -19.12
C GLY R 63 1.84 -58.22 -17.88
N GLY R 64 1.70 -57.26 -16.97
CA GLY R 64 2.59 -57.17 -15.81
C GLY R 64 2.02 -57.59 -14.46
N PHE R 65 0.86 -58.23 -14.46
CA PHE R 65 0.27 -58.69 -13.21
C PHE R 65 -0.53 -59.97 -13.42
N GLN R 66 -0.74 -60.72 -12.34
CA GLN R 66 -1.60 -61.90 -12.39
C GLN R 66 -2.84 -61.71 -11.52
N ALA R 67 -4.00 -62.03 -12.09
CA ALA R 67 -5.26 -61.99 -11.36
C ALA R 67 -5.63 -63.36 -10.77
N HIS R 68 -6.35 -63.35 -9.66
CA HIS R 68 -6.78 -64.56 -8.97
C HIS R 68 -8.17 -64.37 -8.44
N TYR R 69 -8.83 -65.47 -8.13
CA TYR R 69 -10.06 -65.39 -7.37
C TYR R 69 -9.87 -66.28 -6.17
N ARG R 70 -10.75 -66.15 -5.20
CA ARG R 70 -10.69 -66.97 -4.02
C ARG R 70 -11.72 -68.07 -4.14
N ALA R 71 -11.24 -69.32 -4.24
CA ALA R 71 -12.13 -70.48 -4.28
C ALA R 71 -12.75 -70.67 -2.91
N GLU R 72 -13.71 -71.59 -2.80
CA GLU R 72 -14.43 -71.78 -1.54
C GLU R 72 -13.59 -72.54 -0.51
N ARG R 73 -12.45 -73.09 -0.95
CA ARG R 73 -11.55 -73.75 -0.02
C ARG R 73 -10.82 -72.73 0.87
N GLY R 74 -10.22 -71.71 0.26
CA GLY R 74 -9.61 -70.64 1.02
C GLY R 74 -8.34 -70.09 0.41
N ASP R 75 -7.92 -70.68 -0.71
CA ASP R 75 -6.67 -70.28 -1.35
C ASP R 75 -6.91 -69.51 -2.65
N LEU R 76 -5.88 -68.80 -3.11
CA LEU R 76 -5.98 -68.00 -4.33
C LEU R 76 -5.74 -68.85 -5.56
N VAL R 77 -6.78 -69.05 -6.37
CA VAL R 77 -6.56 -69.74 -7.64
C VAL R 77 -6.64 -68.75 -8.81
N ALA R 78 -5.57 -68.74 -9.61
CA ALA R 78 -5.40 -67.78 -10.68
C ALA R 78 -6.42 -67.98 -11.80
N PHE R 79 -6.48 -66.99 -12.69
CA PHE R 79 -7.31 -67.12 -13.87
C PHE R 79 -6.81 -66.21 -14.98
N SER R 80 -6.97 -66.68 -16.22
CA SER R 80 -6.40 -66.00 -17.38
C SER R 80 -7.21 -66.32 -18.64
N SER R 81 -8.47 -66.70 -18.47
CA SER R 81 -9.32 -67.07 -19.59
C SER R 81 -10.81 -66.99 -19.25
N ASP R 82 -11.66 -66.88 -20.28
CA ASP R 82 -13.10 -66.92 -20.10
C ASP R 82 -13.47 -68.19 -19.34
N GLU R 83 -12.80 -69.28 -19.74
CA GLU R 83 -12.92 -70.58 -19.10
C GLU R 83 -12.63 -70.53 -17.60
N GLU R 84 -11.54 -69.85 -17.25
CA GLU R 84 -11.16 -69.75 -15.84
C GLU R 84 -11.89 -68.62 -15.10
N LEU R 85 -12.62 -67.78 -15.83
CA LEU R 85 -13.42 -66.70 -15.22
C LEU R 85 -14.78 -67.26 -14.75
N THR R 86 -15.43 -68.01 -15.65
CA THR R 86 -16.69 -68.65 -15.33
C THR R 86 -16.54 -69.56 -14.11
N MET R 87 -15.37 -70.20 -14.02
CA MET R 87 -15.00 -70.97 -12.85
C MET R 87 -15.08 -70.09 -11.60
N ALA R 88 -14.59 -68.85 -11.72
CA ALA R 88 -14.54 -67.92 -10.59
C ALA R 88 -15.94 -67.52 -10.12
N MET R 89 -16.85 -67.26 -11.06
CA MET R 89 -18.22 -66.91 -10.65
C MET R 89 -18.90 -67.95 -9.73
N SER R 90 -18.47 -69.20 -9.83
CA SER R 90 -19.11 -70.30 -9.12
C SER R 90 -18.79 -70.27 -7.64
N TYR R 91 -17.69 -69.60 -7.31
CA TYR R 91 -17.24 -69.50 -5.92
C TYR R 91 -17.51 -68.10 -5.36
N VAL R 92 -18.28 -67.30 -6.11
CA VAL R 92 -18.61 -65.95 -5.69
C VAL R 92 -20.11 -65.84 -5.34
N LYS R 93 -20.39 -65.59 -4.06
CA LYS R 93 -21.76 -65.70 -3.54
C LYS R 93 -22.29 -64.44 -2.82
N ASP R 94 -21.37 -63.56 -2.44
CA ASP R 94 -21.68 -62.25 -1.85
C ASP R 94 -22.52 -61.30 -2.74
N ASP R 95 -22.71 -61.68 -4.01
CA ASP R 95 -23.09 -60.76 -5.10
C ASP R 95 -21.92 -59.81 -5.38
N ILE R 96 -20.78 -60.10 -4.74
CA ILE R 96 -19.52 -59.38 -4.91
C ILE R 96 -18.43 -60.30 -5.44
N PHE R 97 -17.97 -60.04 -6.66
CA PHE R 97 -16.89 -60.80 -7.25
C PHE R 97 -15.52 -60.27 -6.81
N ARG R 98 -14.84 -61.03 -5.95
CA ARG R 98 -13.56 -60.60 -5.39
C ARG R 98 -12.34 -61.08 -6.22
N ILE R 99 -11.53 -60.13 -6.67
CA ILE R 99 -10.37 -60.44 -7.52
C ILE R 99 -9.09 -59.97 -6.84
N TYR R 100 -8.10 -60.84 -6.77
CA TYR R 100 -6.90 -60.56 -6.01
C TYR R 100 -5.69 -60.50 -6.92
N ILE R 101 -4.88 -59.45 -6.79
CA ILE R 101 -3.91 -59.13 -7.84
C ILE R 101 -2.45 -59.09 -7.39
N LYS R 102 -1.62 -59.91 -8.03
CA LYS R 102 -0.19 -59.94 -7.72
C LYS R 102 0.64 -59.29 -8.81
N GLU R 103 1.45 -58.31 -8.41
CA GLU R 103 2.32 -57.60 -9.34
C GLU R 103 3.45 -58.48 -9.83
N LYS R 104 4.11 -58.02 -10.89
CA LYS R 104 5.25 -58.71 -11.48
C LYS R 104 6.32 -57.69 -11.83
N PRO S 2 -18.57 40.48 -28.76
CA PRO S 2 -17.61 41.42 -29.36
C PRO S 2 -16.47 41.72 -28.40
N HIS S 3 -16.02 42.97 -28.32
CA HIS S 3 -14.90 43.34 -27.44
C HIS S 3 -15.44 43.83 -26.11
N MET S 4 -14.55 44.06 -25.16
CA MET S 4 -14.98 44.52 -23.84
C MET S 4 -13.94 45.49 -23.31
N ARG S 5 -14.20 46.10 -22.16
CA ARG S 5 -13.22 46.97 -21.51
C ARG S 5 -11.89 46.25 -21.25
N VAL S 6 -10.79 46.94 -21.50
CA VAL S 6 -9.49 46.46 -21.09
C VAL S 6 -8.98 47.30 -19.92
N ARG S 7 -8.46 46.64 -18.90
CA ARG S 7 -7.67 47.33 -17.90
C ARG S 7 -6.18 47.05 -18.12
N LEU S 8 -5.44 48.11 -18.44
CA LEU S 8 -3.99 48.07 -18.58
C LEU S 8 -3.31 48.28 -17.23
N LYS S 9 -2.51 47.29 -16.85
CA LYS S 9 -1.66 47.39 -15.68
C LYS S 9 -0.21 47.40 -16.11
N ALA S 10 0.39 48.59 -16.09
CA ALA S 10 1.72 48.79 -16.61
C ALA S 10 2.73 48.75 -15.47
N HIS S 11 3.47 47.66 -15.40
CA HIS S 11 4.41 47.47 -14.31
C HIS S 11 5.70 48.18 -14.71
N TYR S 12 5.94 49.36 -14.15
CA TYR S 12 7.05 50.19 -14.60
C TYR S 12 7.64 51.08 -13.51
N GLY S 13 8.97 51.10 -13.44
CA GLY S 13 9.69 51.92 -12.48
C GLY S 13 9.33 51.59 -11.03
N GLY S 14 9.15 50.30 -10.76
CA GLY S 14 8.69 49.85 -9.45
C GLY S 14 7.20 50.10 -9.27
N ASP S 15 6.76 51.29 -9.66
CA ASP S 15 5.35 51.67 -9.65
C ASP S 15 4.53 50.79 -10.59
N ILE S 16 3.22 50.77 -10.33
CA ILE S 16 2.27 50.09 -11.19
C ILE S 16 1.26 51.14 -11.60
N LEU S 17 1.14 51.37 -12.91
CA LEU S 17 0.24 52.41 -13.37
C LEU S 17 -0.98 51.76 -14.04
N ILE S 18 -2.17 52.27 -13.79
CA ILE S 18 -3.38 51.62 -14.30
C ILE S 18 -4.29 52.54 -15.13
N THR S 19 -4.84 52.03 -16.23
CA THR S 19 -5.98 52.70 -16.86
C THR S 19 -6.92 51.73 -17.53
N SER S 20 -8.13 52.19 -17.85
CA SER S 20 -9.11 51.37 -18.53
C SER S 20 -9.40 51.94 -19.92
N VAL S 21 -9.49 51.05 -20.91
CA VAL S 21 -9.78 51.46 -22.27
C VAL S 21 -11.08 50.85 -22.77
N ASP S 22 -11.94 51.69 -23.35
CA ASP S 22 -13.23 51.24 -23.86
C ASP S 22 -13.23 51.22 -25.39
N THR S 24 -15.12 48.68 -30.55
CA THR S 24 -14.01 47.75 -30.67
C THR S 24 -12.70 48.37 -30.18
N THR S 25 -11.81 47.53 -29.68
CA THR S 25 -10.51 47.98 -29.18
C THR S 25 -9.37 47.36 -29.98
N THR S 26 -8.43 48.18 -30.41
CA THR S 26 -7.29 47.71 -31.20
C THR S 26 -6.01 47.60 -30.38
N PHE S 27 -5.11 46.72 -30.83
CA PHE S 27 -3.84 46.52 -30.19
C PHE S 27 -3.00 47.82 -30.14
N GLN S 28 -3.07 48.62 -31.20
CA GLN S 28 -2.36 49.91 -31.21
C GLN S 28 -2.96 50.95 -30.26
N ASP S 29 -4.30 51.00 -30.15
CA ASP S 29 -4.97 51.79 -29.09
C ASP S 29 -4.27 51.48 -27.76
N LEU S 30 -4.21 50.18 -27.45
CA LEU S 30 -3.64 49.69 -26.20
C LEU S 30 -2.24 50.17 -25.99
N CYS S 31 -1.39 50.01 -27.00
CA CYS S 31 0.02 50.39 -26.86
C CYS S 31 0.18 51.90 -26.67
N GLU S 32 -0.63 52.67 -27.38
CA GLU S 32 -0.55 54.12 -27.28
C GLU S 32 -0.95 54.53 -25.88
N GLU S 33 -2.01 53.93 -25.36
CA GLU S 33 -2.49 54.21 -24.02
C GLU S 33 -1.40 53.91 -22.97
N VAL S 34 -0.71 52.79 -23.13
CA VAL S 34 0.40 52.47 -22.21
C VAL S 34 1.50 53.52 -22.27
N ARG S 35 1.88 53.88 -23.49
CA ARG S 35 2.96 54.82 -23.67
C ARG S 35 2.60 56.22 -23.18
N ASP S 36 1.34 56.60 -23.31
CA ASP S 36 0.91 57.90 -22.87
C ASP S 36 0.89 57.93 -21.35
N MET S 37 0.40 56.85 -20.74
CA MET S 37 0.33 56.78 -19.28
C MET S 37 1.71 56.69 -18.61
N CYS S 38 2.65 56.00 -19.23
CA CYS S 38 3.99 55.85 -18.63
C CYS S 38 4.93 56.94 -19.09
N GLY S 39 4.44 57.81 -19.98
CA GLY S 39 5.26 58.88 -20.54
C GLY S 39 6.46 58.34 -21.30
N LEU S 40 6.24 57.33 -22.14
CA LEU S 40 7.32 56.69 -22.92
C LEU S 40 7.38 57.19 -24.36
N HIS S 41 8.55 57.05 -24.97
CA HIS S 41 8.68 57.35 -26.39
C HIS S 41 7.76 56.46 -27.26
N GLN S 42 7.27 57.02 -28.36
CA GLN S 42 6.42 56.32 -29.35
C GLN S 42 6.90 54.90 -29.73
N GLN S 43 8.21 54.73 -29.90
CA GLN S 43 8.77 53.45 -30.36
C GLN S 43 9.22 52.55 -29.19
N HIS S 44 8.81 52.91 -27.98
CA HIS S 44 9.25 52.16 -26.80
C HIS S 44 8.65 50.75 -26.81
N PRO S 45 9.50 49.75 -27.02
CA PRO S 45 9.03 48.37 -27.13
C PRO S 45 8.25 47.91 -25.89
N LEU S 46 7.10 47.29 -26.11
CA LEU S 46 6.30 46.76 -25.01
C LEU S 46 6.09 45.26 -25.16
N THR S 47 5.95 44.58 -24.01
CA THR S 47 5.40 43.23 -23.96
C THR S 47 4.05 43.23 -23.21
N LEU S 48 3.01 42.75 -23.90
CA LEU S 48 1.67 42.68 -23.33
C LEU S 48 1.32 41.23 -23.03
N LYS S 49 0.81 40.95 -21.83
CA LYS S 49 0.40 39.59 -21.45
C LYS S 49 -0.97 39.55 -20.81
N TRP S 50 -1.73 38.52 -21.13
CA TRP S 50 -3.05 38.35 -20.59
C TRP S 50 -3.17 36.92 -20.09
N VAL S 51 -3.78 36.72 -18.93
CA VAL S 51 -3.83 35.40 -18.32
C VAL S 51 -5.04 34.63 -18.80
N ASP S 52 -4.82 33.47 -19.43
CA ASP S 52 -5.93 32.65 -19.93
C ASP S 52 -6.62 31.84 -18.82
N SER S 53 -7.78 31.28 -19.15
CA SER S 53 -8.60 30.55 -18.17
C SER S 53 -7.89 29.34 -17.52
N GLU S 54 -6.69 29.02 -18.00
CA GLU S 54 -5.86 27.97 -17.40
C GLU S 54 -4.66 28.55 -16.64
N GLY S 55 -4.69 29.85 -16.40
CA GLY S 55 -3.67 30.49 -15.57
C GLY S 55 -2.31 30.77 -16.21
N ASP S 56 -2.19 30.57 -17.52
CA ASP S 56 -0.96 30.92 -18.24
C ASP S 56 -0.95 32.36 -18.81
N PRO S 57 0.09 33.14 -18.48
CA PRO S 57 0.25 34.45 -19.10
C PRO S 57 0.61 34.29 -20.57
N CYS S 58 -0.26 34.81 -21.42
CA CYS S 58 -0.12 34.66 -22.87
C CYS S 58 0.31 35.99 -23.45
N THR S 59 1.20 35.95 -24.43
CA THR S 59 1.71 37.19 -25.00
C THR S 59 0.82 37.65 -26.15
N VAL S 60 0.45 38.92 -26.13
CA VAL S 60 -0.29 39.49 -27.25
C VAL S 60 0.47 40.64 -27.91
N SER S 61 0.75 40.44 -29.19
CA SER S 61 1.52 41.39 -29.98
C SER S 61 0.86 41.74 -31.30
N SER S 62 -0.46 41.63 -31.39
CA SER S 62 -1.14 41.84 -32.65
C SER S 62 -2.61 41.85 -32.40
N GLN S 63 -3.36 42.32 -33.39
CA GLN S 63 -4.79 42.45 -33.25
C GLN S 63 -5.38 41.06 -33.23
N MET S 64 -4.73 40.14 -33.95
CA MET S 64 -5.21 38.77 -34.01
C MET S 64 -5.26 38.12 -32.62
N GLU S 65 -4.16 38.23 -31.90
CA GLU S 65 -4.09 37.73 -30.53
C GLU S 65 -5.03 38.45 -29.55
N LEU S 66 -5.19 39.77 -29.74
CA LEU S 66 -6.15 40.53 -28.93
C LEU S 66 -7.58 40.07 -29.15
N GLU S 67 -7.94 39.80 -30.39
CA GLU S 67 -9.28 39.40 -30.77
C GLU S 67 -9.59 38.02 -30.24
N GLU S 68 -8.57 37.16 -30.28
CA GLU S 68 -8.69 35.83 -29.70
C GLU S 68 -8.86 35.92 -28.20
N ALA S 69 -8.15 36.86 -27.58
CA ALA S 69 -8.28 37.02 -26.13
C ALA S 69 -9.69 37.50 -25.77
N PHE S 70 -10.19 38.47 -26.54
CA PHE S 70 -11.54 38.99 -26.33
C PHE S 70 -12.56 37.87 -26.44
N ARG S 71 -12.43 37.08 -27.52
CA ARG S 71 -13.31 35.96 -27.81
C ARG S 71 -13.26 34.90 -26.72
N LEU S 72 -12.08 34.67 -26.15
CA LEU S 72 -11.92 33.71 -25.05
C LEU S 72 -12.31 34.31 -23.70
N ALA S 73 -12.59 35.62 -23.68
CA ALA S 73 -13.05 36.27 -22.45
C ALA S 73 -14.57 36.50 -22.42
N CYS S 74 -15.17 36.60 -23.61
CA CYS S 74 -16.62 36.66 -23.74
C CYS S 74 -17.17 35.29 -23.45
N GLN S 75 -16.29 34.30 -23.62
CA GLN S 75 -16.62 32.90 -23.47
C GLN S 75 -16.65 32.52 -22.00
N GLY S 76 -15.86 33.23 -21.21
CA GLY S 76 -15.83 33.03 -19.78
C GLY S 76 -16.64 34.11 -19.09
N ARG S 77 -17.35 34.88 -19.92
CA ARG S 77 -18.16 36.02 -19.47
C ARG S 77 -17.48 36.81 -18.34
N ASP S 78 -16.40 37.50 -18.69
CA ASP S 78 -15.73 38.38 -17.73
C ASP S 78 -16.11 39.82 -18.05
N GLU S 79 -16.22 40.63 -17.00
CA GLU S 79 -16.58 42.02 -17.16
C GLU S 79 -15.52 42.76 -17.95
N VAL S 80 -14.27 42.32 -17.77
CA VAL S 80 -13.13 43.11 -18.19
C VAL S 80 -11.93 42.23 -18.53
N LEU S 81 -11.18 42.62 -19.55
CA LEU S 81 -9.97 41.92 -19.94
C LEU S 81 -8.79 42.62 -19.30
N ILE S 82 -8.00 41.88 -18.55
CA ILE S 82 -6.89 42.45 -17.83
C ILE S 82 -5.58 42.16 -18.55
N ILE S 83 -4.85 43.22 -18.87
CA ILE S 83 -3.58 43.06 -19.58
C ILE S 83 -2.43 43.69 -18.82
N HIS S 84 -1.40 42.89 -18.60
CA HIS S 84 -0.20 43.38 -17.94
C HIS S 84 0.83 43.81 -18.96
N VAL S 85 1.44 44.96 -18.73
CA VAL S 85 2.38 45.51 -19.67
C VAL S 85 3.77 45.71 -19.06
N PHE S 86 4.77 45.28 -19.81
CA PHE S 86 6.15 45.46 -19.40
C PHE S 86 6.87 46.23 -20.46
N PRO S 87 7.04 47.54 -20.23
CA PRO S 87 7.92 48.30 -21.13
C PRO S 87 9.31 47.75 -20.92
N SER S 88 10.05 47.56 -22.00
CA SER S 88 11.39 47.02 -21.90
C SER S 88 12.31 48.03 -21.22
N ILE S 89 13.33 47.52 -20.54
CA ILE S 89 14.27 48.36 -19.80
C ILE S 89 15.57 48.49 -20.58
N PRO S 90 16.06 49.72 -20.77
CA PRO S 90 17.37 49.90 -21.40
C PRO S 90 18.52 49.48 -20.48
N SER T 5 -14.45 26.69 -36.00
CA SER T 5 -13.06 27.14 -35.95
C SER T 5 -12.27 26.32 -34.93
N LEU T 6 -10.95 26.47 -34.94
CA LEU T 6 -10.08 25.72 -34.05
C LEU T 6 -9.37 26.62 -33.02
N THR T 7 -9.45 26.24 -31.75
CA THR T 7 -8.82 26.99 -30.68
C THR T 7 -7.42 26.47 -30.43
N VAL T 8 -6.42 27.30 -30.73
CA VAL T 8 -5.02 26.88 -30.67
C VAL T 8 -4.24 27.60 -29.58
N LYS T 9 -3.54 26.81 -28.76
CA LYS T 9 -2.62 27.33 -27.77
C LYS T 9 -1.18 26.83 -28.04
N ALA T 10 -0.29 27.77 -28.38
CA ALA T 10 1.06 27.43 -28.84
C ALA T 10 2.14 27.79 -27.82
N TYR T 11 3.01 26.83 -27.54
CA TYR T 11 4.05 26.96 -26.51
C TYR T 11 5.43 26.99 -27.14
N LEU T 12 6.17 28.09 -26.98
CA LEU T 12 7.53 28.15 -27.52
C LEU T 12 8.55 27.65 -26.52
N LEU T 13 9.19 26.52 -26.84
CA LEU T 13 10.16 25.90 -25.95
C LEU T 13 11.58 26.40 -26.18
N ASP T 17 13.10 22.67 -23.29
CA ASP T 17 12.35 22.14 -22.16
C ASP T 17 11.04 22.90 -21.86
N ALA T 18 11.13 24.00 -21.12
CA ALA T 18 9.94 24.72 -20.64
C ALA T 18 9.44 25.87 -21.55
N ALA T 19 8.45 26.61 -21.04
CA ALA T 19 7.72 27.59 -21.85
C ALA T 19 8.31 29.00 -21.84
N ARG T 20 9.06 29.34 -22.89
CA ARG T 20 9.62 30.68 -23.06
C ARG T 20 8.53 31.74 -23.24
N GLU T 21 7.64 31.53 -24.21
CA GLU T 21 6.43 32.36 -24.32
C GLU T 21 5.28 31.53 -24.90
N ILE T 22 4.05 31.94 -24.63
CA ILE T 22 2.87 31.21 -25.08
C ILE T 22 1.94 32.16 -25.81
N ARG T 23 1.36 31.71 -26.92
CA ARG T 23 0.43 32.54 -27.69
C ARG T 23 -0.84 31.78 -28.09
N ARG T 24 -1.99 32.45 -27.99
CA ARG T 24 -3.25 31.84 -28.38
C ARG T 24 -3.87 32.44 -29.63
N PHE T 25 -4.51 31.61 -30.45
CA PHE T 25 -5.12 32.06 -31.70
C PHE T 25 -6.08 31.03 -32.33
N SER T 26 -6.93 31.47 -33.26
CA SER T 26 -7.85 30.59 -33.98
C SER T 26 -7.30 30.25 -35.36
N PHE T 27 -7.77 29.15 -35.94
CA PHE T 27 -7.28 28.68 -37.25
C PHE T 27 -8.29 27.80 -38.00
N CYS T 28 -8.62 28.20 -39.23
CA CYS T 28 -9.56 27.45 -40.06
C CYS T 28 -8.86 26.72 -41.21
N PRO T 43 -1.43 26.70 -50.26
CA PRO T 43 -2.42 27.08 -49.24
C PRO T 43 -2.79 25.92 -48.33
N GLY T 44 -1.94 24.89 -48.28
CA GLY T 44 -2.18 23.72 -47.43
C GLY T 44 -2.45 24.11 -45.98
N PRO T 45 -3.21 23.27 -45.27
CA PRO T 45 -3.59 23.57 -43.88
C PRO T 45 -2.37 23.65 -42.96
N CYS T 46 -1.50 22.64 -43.02
CA CYS T 46 -0.31 22.61 -42.18
C CYS T 46 0.77 23.55 -42.73
N GLU T 47 0.59 23.99 -43.98
CA GLU T 47 1.43 25.03 -44.53
C GLU T 47 1.08 26.30 -43.76
N ARG T 48 -0.23 26.52 -43.66
CA ARG T 48 -0.77 27.75 -43.12
C ARG T 48 -0.68 27.84 -41.60
N LEU T 49 -0.80 26.73 -40.91
CA LEU T 49 -0.81 26.77 -39.45
C LEU T 49 0.58 27.13 -39.00
N LEU T 50 1.54 26.47 -39.60
CA LEU T 50 2.95 26.69 -39.27
C LEU T 50 3.33 28.08 -39.73
N SER T 51 2.71 28.55 -40.82
CA SER T 51 2.91 29.92 -41.29
C SER T 51 2.42 30.95 -40.27
N ARG T 52 1.25 30.69 -39.71
CA ARG T 52 0.67 31.53 -38.67
C ARG T 52 1.60 31.57 -37.48
N VAL T 53 2.10 30.41 -37.09
CA VAL T 53 3.03 30.31 -35.97
C VAL T 53 4.25 31.18 -36.24
N ALA T 54 4.76 31.10 -37.47
CA ALA T 54 5.91 31.89 -37.88
C ALA T 54 5.60 33.39 -37.77
N ALA T 55 4.39 33.77 -38.16
CA ALA T 55 4.03 35.17 -38.17
C ALA T 55 3.79 35.74 -36.76
N LEU T 56 3.40 34.89 -35.81
CA LEU T 56 3.00 35.36 -34.48
C LEU T 56 4.12 35.47 -33.47
N PHE T 57 5.12 34.59 -33.57
CA PHE T 57 6.30 34.70 -32.71
C PHE T 57 7.39 35.47 -33.44
N PRO T 58 7.72 36.67 -32.94
CA PRO T 58 8.79 37.51 -33.49
C PRO T 58 10.12 36.73 -33.59
N ALA T 59 10.33 35.82 -32.65
CA ALA T 59 11.55 35.04 -32.58
C ALA T 59 11.64 34.00 -33.71
N LEU T 60 10.50 33.63 -34.27
CA LEU T 60 10.46 32.58 -35.27
C LEU T 60 10.53 33.12 -36.71
N ARG T 61 11.22 32.36 -37.56
CA ARG T 61 11.30 32.64 -38.97
C ARG T 61 10.71 31.45 -39.72
N PRO T 62 10.05 31.70 -40.86
CA PRO T 62 9.38 30.63 -41.61
C PRO T 62 10.30 29.43 -41.93
N GLY T 63 9.79 28.23 -41.69
CA GLY T 63 10.57 27.01 -41.88
C GLY T 63 11.89 26.98 -41.13
N GLY T 64 11.91 27.44 -39.88
CA GLY T 64 13.13 27.50 -39.11
C GLY T 64 12.96 26.93 -37.71
N PHE T 65 11.84 26.26 -37.50
CA PHE T 65 11.52 25.68 -36.21
C PHE T 65 10.80 24.37 -36.49
N GLN T 66 10.51 23.62 -35.43
CA GLN T 66 9.69 22.44 -35.57
C GLN T 66 8.57 22.40 -34.54
N ALA T 67 7.40 22.02 -35.04
CA ALA T 67 6.19 21.89 -34.23
C ALA T 67 6.01 20.46 -33.75
N HIS T 68 5.41 20.32 -32.58
CA HIS T 68 5.18 19.05 -31.94
C HIS T 68 3.83 19.14 -31.27
N TYR T 69 3.02 18.10 -31.32
CA TYR T 69 1.85 18.05 -30.48
C TYR T 69 2.12 17.12 -29.31
N ARG T 70 1.14 17.00 -28.41
CA ARG T 70 1.29 16.21 -27.20
C ARG T 70 0.64 14.85 -27.40
N ALA T 71 1.42 13.79 -27.21
CA ALA T 71 0.96 12.42 -27.46
C ALA T 71 0.30 11.78 -26.25
N GLU T 72 -0.10 10.52 -26.41
CA GLU T 72 -0.73 9.76 -25.33
C GLU T 72 0.27 9.38 -24.23
N ARG T 73 1.57 9.43 -24.54
CA ARG T 73 2.60 9.05 -23.57
C ARG T 73 3.19 10.24 -22.80
N GLY T 74 2.67 11.43 -23.06
CA GLY T 74 3.14 12.64 -22.39
C GLY T 74 4.30 13.31 -23.09
N ASP T 75 4.90 12.60 -24.04
CA ASP T 75 6.01 13.13 -24.83
C ASP T 75 5.50 13.83 -26.09
N LEU T 76 6.40 14.52 -26.79
CA LEU T 76 6.01 15.35 -27.93
C LEU T 76 6.27 14.69 -29.28
N VAL T 77 5.25 14.64 -30.13
CA VAL T 77 5.42 14.09 -31.48
C VAL T 77 5.22 15.14 -32.58
N ALA T 78 6.22 15.27 -33.45
CA ALA T 78 6.21 16.30 -34.49
C ALA T 78 5.10 16.14 -35.53
N PHE T 79 4.87 17.19 -36.32
CA PHE T 79 3.88 17.16 -37.40
C PHE T 79 4.17 18.20 -38.49
N SER T 80 4.32 17.73 -39.72
CA SER T 80 4.77 18.58 -40.84
C SER T 80 3.90 18.46 -42.09
N SER T 81 2.97 17.51 -42.09
CA SER T 81 2.03 17.31 -43.20
C SER T 81 0.60 17.43 -42.70
N ASP T 82 -0.35 17.54 -43.62
CA ASP T 82 -1.77 17.68 -43.26
C ASP T 82 -2.26 16.45 -42.49
N GLU T 83 -1.79 15.28 -42.92
CA GLU T 83 -2.06 14.00 -42.26
C GLU T 83 -1.74 14.09 -40.77
N GLU T 84 -0.55 14.57 -40.45
CA GLU T 84 -0.10 14.66 -39.07
C GLU T 84 -0.90 15.67 -38.26
N LEU T 85 -1.46 16.67 -38.94
CA LEU T 85 -2.40 17.60 -38.33
C LEU T 85 -3.68 16.91 -37.88
N THR T 86 -4.31 16.18 -38.81
CA THR T 86 -5.53 15.45 -38.47
C THR T 86 -5.22 14.40 -37.41
N MET T 87 -3.97 13.94 -37.39
CA MET T 87 -3.46 13.05 -36.35
C MET T 87 -3.50 13.75 -34.99
N ALA T 88 -2.92 14.94 -34.91
CA ALA T 88 -2.89 15.71 -33.67
C ALA T 88 -4.28 16.11 -33.19
N MET T 89 -5.21 16.32 -34.12
CA MET T 89 -6.55 16.81 -33.77
C MET T 89 -7.42 15.81 -32.99
N SER T 90 -7.18 14.52 -33.22
CA SER T 90 -7.92 13.48 -32.53
C SER T 90 -7.30 13.13 -31.18
N TYR T 91 -6.21 13.82 -30.82
CA TYR T 91 -5.55 13.58 -29.54
C TYR T 91 -5.93 14.56 -28.43
N VAL T 92 -6.94 15.39 -28.69
CA VAL T 92 -7.47 16.29 -27.66
C VAL T 92 -9.00 16.38 -27.73
N LYS T 93 -9.66 16.25 -26.58
CA LYS T 93 -11.12 16.28 -26.57
C LYS T 93 -11.69 17.54 -25.93
N ASP T 94 -11.04 18.02 -24.89
CA ASP T 94 -11.30 19.36 -24.41
C ASP T 94 -10.86 20.13 -25.62
N ASP T 95 -11.60 21.16 -25.98
CA ASP T 95 -11.38 21.78 -27.28
C ASP T 95 -10.23 22.77 -27.24
N ILE T 96 -9.00 22.26 -27.19
CA ILE T 96 -7.87 23.17 -27.26
C ILE T 96 -6.67 22.44 -27.88
N PHE T 97 -6.52 22.57 -29.19
CA PHE T 97 -5.35 22.03 -29.87
C PHE T 97 -4.09 22.73 -29.35
N ARG T 98 -3.19 21.94 -28.76
CA ARG T 98 -1.97 22.47 -28.13
C ARG T 98 -0.71 22.19 -28.96
N ILE T 99 -0.09 23.25 -29.47
CA ILE T 99 1.16 23.10 -30.22
C ILE T 99 2.35 23.41 -29.32
N TYR T 100 3.51 22.83 -29.65
CA TYR T 100 4.74 22.93 -28.87
C TYR T 100 5.91 23.09 -29.83
N ILE T 101 6.67 24.17 -29.67
CA ILE T 101 7.62 24.58 -30.70
C ILE T 101 9.08 24.63 -30.23
N LYS T 102 9.98 24.17 -31.08
CA LYS T 102 11.40 24.18 -30.77
C LYS T 102 12.15 24.84 -31.93
N GLU T 103 13.22 25.57 -31.61
CA GLU T 103 14.04 26.19 -32.65
C GLU T 103 14.95 25.18 -33.33
N LYS T 104 15.52 25.57 -34.47
CA LYS T 104 16.41 24.68 -35.22
C LYS T 104 17.83 25.22 -35.29
N PRO U 2 10.66 11.63 -48.92
CA PRO U 2 11.30 11.13 -50.14
C PRO U 2 12.60 11.90 -50.45
N HIS U 3 12.72 12.37 -51.69
CA HIS U 3 13.89 13.13 -52.15
C HIS U 3 13.50 14.45 -52.78
N MET U 4 14.41 15.41 -52.80
CA MET U 4 14.10 16.77 -53.24
C MET U 4 15.08 17.25 -54.28
N ARG U 5 14.81 18.43 -54.83
CA ARG U 5 15.74 19.06 -55.76
C ARG U 5 17.11 19.19 -55.12
N VAL U 6 18.15 18.93 -55.90
CA VAL U 6 19.53 19.09 -55.45
C VAL U 6 20.21 20.19 -56.24
N ARG U 7 20.44 21.31 -55.55
CA ARG U 7 21.28 22.38 -56.07
C ARG U 7 22.77 21.98 -56.02
N LEU U 8 23.31 21.67 -57.19
CA LEU U 8 24.71 21.31 -57.34
C LEU U 8 25.57 22.55 -57.58
N LYS U 9 26.49 22.82 -56.66
CA LYS U 9 27.47 23.87 -56.86
C LYS U 9 28.88 23.32 -57.00
N ALA U 10 29.43 23.46 -58.20
CA ALA U 10 30.76 22.93 -58.52
C ALA U 10 31.77 24.06 -58.56
N HIS U 11 32.86 23.89 -57.84
CA HIS U 11 33.92 24.90 -57.85
C HIS U 11 35.11 24.36 -58.58
N TYR U 12 35.41 24.96 -59.72
CA TYR U 12 36.40 24.40 -60.59
C TYR U 12 36.89 25.41 -61.62
N GLY U 13 38.19 25.39 -61.88
CA GLY U 13 38.80 26.30 -62.84
C GLY U 13 38.59 27.76 -62.49
N GLY U 14 38.45 28.05 -61.19
CA GLY U 14 38.22 29.39 -60.72
C GLY U 14 36.80 29.87 -60.94
N ASP U 15 35.94 28.96 -61.36
CA ASP U 15 34.52 29.25 -61.53
C ASP U 15 33.63 28.52 -60.52
N ILE U 16 32.41 29.02 -60.38
CA ILE U 16 31.33 28.32 -59.72
C ILE U 16 30.35 28.00 -60.83
N LEU U 17 30.10 26.71 -61.06
CA LEU U 17 29.06 26.27 -61.99
C LEU U 17 27.90 25.72 -61.19
N ILE U 18 26.67 26.02 -61.59
CA ILE U 18 25.51 25.61 -60.81
C ILE U 18 24.50 24.87 -61.67
N THR U 19 24.04 23.69 -61.24
CA THR U 19 22.86 23.09 -61.89
C THR U 19 21.86 22.53 -60.89
N SER U 20 20.64 22.31 -61.34
CA SER U 20 19.59 21.76 -60.50
C SER U 20 19.20 20.36 -60.96
N VAL U 21 19.25 19.40 -60.05
CA VAL U 21 18.90 18.02 -60.37
C VAL U 21 17.70 17.56 -59.56
N ASP U 22 16.71 16.99 -60.25
CA ASP U 22 15.50 16.53 -59.59
C ASP U 22 15.41 15.01 -59.58
N THR U 24 13.59 9.45 -57.70
CA THR U 24 14.68 9.36 -56.74
C THR U 24 15.99 9.86 -57.35
N THR U 25 16.89 10.33 -56.50
CA THR U 25 18.19 10.82 -56.94
C THR U 25 19.32 9.99 -56.36
N THR U 26 20.25 9.58 -57.22
CA THR U 26 21.37 8.75 -56.79
C THR U 26 22.69 9.53 -56.74
N PHE U 27 23.64 9.00 -56.00
CA PHE U 27 24.95 9.61 -55.86
C PHE U 27 25.62 9.67 -57.23
N GLN U 28 25.45 8.60 -57.99
CA GLN U 28 25.97 8.50 -59.36
C GLN U 28 25.37 9.55 -60.30
N ASP U 29 24.06 9.79 -60.18
CA ASP U 29 23.40 10.85 -60.96
C ASP U 29 24.08 12.22 -60.75
N LEU U 30 24.20 12.62 -59.48
CA LEU U 30 24.90 13.85 -59.09
C LEU U 30 26.32 13.90 -59.69
N CYS U 31 27.05 12.79 -59.54
CA CYS U 31 28.44 12.74 -60.05
C CYS U 31 28.55 12.97 -61.55
N GLU U 32 27.72 12.26 -62.32
CA GLU U 32 27.71 12.40 -63.76
C GLU U 32 27.33 13.82 -64.13
N GLU U 33 26.39 14.39 -63.39
CA GLU U 33 25.94 15.75 -63.63
C GLU U 33 27.09 16.74 -63.48
N VAL U 34 27.85 16.62 -62.40
CA VAL U 34 28.99 17.50 -62.23
C VAL U 34 30.03 17.31 -63.34
N ARG U 35 30.34 16.07 -63.69
CA ARG U 35 31.34 15.83 -64.73
C ARG U 35 30.93 16.39 -66.10
N ASP U 36 29.70 16.10 -66.49
CA ASP U 36 29.11 16.61 -67.70
C ASP U 36 29.19 18.14 -67.69
N MET U 37 28.65 18.75 -66.64
CA MET U 37 28.63 20.20 -66.50
C MET U 37 30.01 20.83 -66.64
N CYS U 38 30.97 20.38 -65.82
CA CYS U 38 32.32 20.95 -65.86
C CYS U 38 33.19 20.35 -66.94
N GLY U 39 32.61 19.56 -67.84
CA GLY U 39 33.35 18.87 -68.87
C GLY U 39 34.51 18.01 -68.37
N LEU U 40 34.29 17.26 -67.29
CA LEU U 40 35.33 16.41 -66.73
C LEU U 40 35.40 15.02 -67.39
N HIS U 41 36.55 14.36 -67.24
CA HIS U 41 36.71 12.97 -67.62
C HIS U 41 35.83 12.14 -66.69
N GLN U 42 35.31 11.03 -67.23
CA GLN U 42 34.36 10.16 -66.54
C GLN U 42 34.84 9.64 -65.18
N GLN U 43 36.15 9.55 -64.99
CA GLN U 43 36.71 9.02 -63.75
C GLN U 43 37.31 10.12 -62.86
N HIS U 44 37.03 11.36 -63.19
CA HIS U 44 37.54 12.47 -62.39
C HIS U 44 37.01 12.39 -60.94
N PRO U 45 37.90 12.11 -59.97
CA PRO U 45 37.50 12.02 -58.57
C PRO U 45 36.89 13.34 -58.11
N LEU U 46 35.75 13.26 -57.45
CA LEU U 46 35.06 14.43 -56.91
C LEU U 46 34.96 14.34 -55.40
N THR U 47 34.85 15.49 -54.74
CA THR U 47 34.49 15.52 -53.32
C THR U 47 33.15 16.25 -53.18
N LEU U 48 32.21 15.60 -52.51
CA LEU U 48 30.87 16.16 -52.30
C LEU U 48 30.69 16.53 -50.82
N LYS U 49 30.21 17.74 -50.58
CA LYS U 49 30.04 18.25 -49.24
C LYS U 49 28.70 18.96 -49.11
N TRP U 50 27.90 18.56 -48.13
CA TRP U 50 26.66 19.27 -47.84
C TRP U 50 26.66 19.79 -46.39
N VAL U 51 26.05 20.94 -46.18
CA VAL U 51 26.11 21.56 -44.87
C VAL U 51 24.93 21.12 -44.00
N ASP U 52 25.20 20.58 -42.82
CA ASP U 52 24.10 20.10 -41.96
C ASP U 52 23.43 21.21 -41.14
N SER U 53 22.45 20.81 -40.33
CA SER U 53 21.74 21.72 -39.41
C SER U 53 22.67 22.62 -38.60
N GLU U 54 23.81 22.06 -38.22
CA GLU U 54 24.69 22.69 -37.25
C GLU U 54 25.84 23.47 -37.89
N GLY U 55 25.78 23.64 -39.21
CA GLY U 55 26.78 24.41 -39.91
C GLY U 55 28.09 23.67 -40.18
N ASP U 56 28.04 22.34 -40.09
CA ASP U 56 29.21 21.52 -40.46
C ASP U 56 29.16 21.00 -41.89
N PRO U 57 30.22 21.27 -42.68
CA PRO U 57 30.37 20.65 -44.00
C PRO U 57 30.63 19.16 -43.89
N CYS U 58 29.60 18.35 -44.19
CA CYS U 58 29.66 16.89 -44.17
C CYS U 58 29.92 16.29 -45.54
N THR U 59 30.85 15.34 -45.60
CA THR U 59 31.20 14.72 -46.87
C THR U 59 30.26 13.56 -47.22
N VAL U 60 29.81 13.51 -48.47
CA VAL U 60 29.02 12.38 -48.92
C VAL U 60 29.64 11.69 -50.12
N SER U 61 29.71 10.36 -50.03
CA SER U 61 30.48 9.55 -50.99
C SER U 61 29.74 8.28 -51.34
N SER U 62 28.42 8.30 -51.28
CA SER U 62 27.66 7.08 -51.45
C SER U 62 26.18 7.37 -51.45
N GLN U 63 25.39 6.38 -51.83
CA GLN U 63 23.95 6.55 -51.88
C GLN U 63 23.43 6.66 -50.48
N MET U 64 24.08 5.99 -49.55
CA MET U 64 23.59 5.92 -48.17
C MET U 64 23.65 7.29 -47.54
N GLU U 65 24.83 7.89 -47.58
CA GLU U 65 25.03 9.25 -47.11
C GLU U 65 24.06 10.22 -47.76
N LEU U 66 23.95 10.17 -49.08
CA LEU U 66 23.04 11.04 -49.80
C LEU U 66 21.59 10.86 -49.29
N GLU U 67 21.24 9.63 -48.97
CA GLU U 67 19.90 9.34 -48.47
C GLU U 67 19.71 9.93 -47.08
N GLU U 68 20.78 9.92 -46.29
CA GLU U 68 20.75 10.53 -44.97
C GLU U 68 20.58 12.04 -45.08
N ALA U 69 21.31 12.67 -46.00
CA ALA U 69 21.14 14.09 -46.24
C ALA U 69 19.71 14.40 -46.67
N PHE U 70 19.15 13.62 -47.60
CA PHE U 70 17.75 13.76 -47.97
C PHE U 70 16.81 13.71 -46.77
N ARG U 71 16.88 12.63 -45.99
CA ARG U 71 16.08 12.47 -44.78
C ARG U 71 16.18 13.68 -43.85
N LEU U 72 17.41 14.06 -43.50
CA LEU U 72 17.63 15.21 -42.63
C LEU U 72 17.10 16.52 -43.19
N ALA U 73 17.22 16.72 -44.50
CA ALA U 73 16.73 17.92 -45.13
C ALA U 73 15.19 17.93 -45.18
N CYS U 74 14.57 16.75 -45.16
CA CYS U 74 13.12 16.69 -45.04
C CYS U 74 12.66 17.06 -43.63
N GLN U 75 13.41 16.62 -42.61
CA GLN U 75 13.12 17.07 -41.25
C GLN U 75 13.01 18.59 -41.14
N GLY U 76 13.97 19.30 -41.72
CA GLY U 76 13.97 20.76 -41.66
C GLY U 76 13.07 21.42 -42.68
N ARG U 77 12.47 20.59 -43.54
CA ARG U 77 11.69 21.06 -44.69
C ARG U 77 12.42 22.17 -45.42
N ASP U 78 13.48 21.80 -46.11
CA ASP U 78 14.12 22.73 -47.00
C ASP U 78 13.52 22.48 -48.37
N GLU U 79 13.45 23.51 -49.20
CA GLU U 79 12.91 23.33 -50.54
C GLU U 79 13.92 22.53 -51.38
N VAL U 80 15.19 22.61 -50.99
CA VAL U 80 16.28 22.18 -51.85
C VAL U 80 17.50 21.76 -51.03
N LEU U 81 18.10 20.63 -51.37
CA LEU U 81 19.35 20.20 -50.72
C LEU U 81 20.51 20.80 -51.48
N ILE U 82 21.40 21.48 -50.78
CA ILE U 82 22.53 22.06 -51.48
C ILE U 82 23.78 21.23 -51.29
N ILE U 83 24.43 20.91 -52.41
CA ILE U 83 25.64 20.10 -52.38
C ILE U 83 26.75 20.79 -53.14
N HIS U 84 27.88 20.94 -52.46
CA HIS U 84 29.04 21.63 -52.98
C HIS U 84 30.05 20.60 -53.44
N VAL U 85 30.57 20.79 -54.64
CA VAL U 85 31.37 19.76 -55.24
C VAL U 85 32.69 20.33 -55.71
N PHE U 86 33.76 19.64 -55.34
CA PHE U 86 35.09 20.02 -55.76
C PHE U 86 35.72 18.87 -56.55
N PRO U 87 35.89 19.06 -57.87
CA PRO U 87 36.70 18.11 -58.65
C PRO U 87 38.15 18.27 -58.23
N SER U 88 38.88 17.16 -58.12
CA SER U 88 40.26 17.23 -57.63
C SER U 88 41.22 17.93 -58.59
N ILE U 89 42.28 18.52 -58.02
CA ILE U 89 43.28 19.21 -58.82
C ILE U 89 44.49 18.31 -59.05
N PRO U 90 44.91 18.17 -60.31
CA PRO U 90 46.17 17.47 -60.64
C PRO U 90 47.39 18.33 -60.29
N LEU V 6 18.33 7.19 -34.37
CA LEU V 6 19.59 6.53 -34.68
C LEU V 6 20.44 7.43 -35.55
N THR V 7 20.24 8.73 -35.42
CA THR V 7 20.92 9.70 -36.26
C THR V 7 22.39 9.83 -35.82
N VAL V 8 23.29 9.24 -36.61
CA VAL V 8 24.71 9.22 -36.30
C VAL V 8 25.52 10.27 -37.04
N LYS V 9 26.37 10.95 -36.29
CA LYS V 9 27.26 11.96 -36.86
C LYS V 9 28.72 11.65 -36.46
N ALA V 10 29.54 11.32 -37.47
CA ALA V 10 30.93 10.87 -37.26
C ALA V 10 32.01 11.88 -37.65
N TYR V 11 32.93 12.10 -36.71
CA TYR V 11 34.02 13.05 -36.85
C TYR V 11 35.34 12.29 -37.02
N LEU V 12 36.28 12.87 -37.75
CA LEU V 12 37.61 12.27 -37.91
C LEU V 12 38.63 13.29 -37.44
N LEU V 13 39.51 12.90 -36.53
CA LEU V 13 40.38 13.86 -35.86
C LEU V 13 41.84 13.70 -36.26
N ASP V 17 42.84 15.77 -33.60
CA ASP V 17 42.16 16.40 -32.46
C ASP V 17 40.96 17.22 -32.93
N ALA V 18 41.16 18.08 -33.93
CA ALA V 18 40.06 18.82 -34.56
C ALA V 18 39.66 18.18 -35.89
N ALA V 19 38.36 18.12 -36.15
CA ALA V 19 37.79 17.35 -37.26
C ALA V 19 38.42 17.56 -38.65
N ARG V 20 38.72 16.45 -39.32
CA ARG V 20 39.26 16.50 -40.68
C ARG V 20 38.18 16.20 -41.74
N GLU V 21 37.33 15.21 -41.47
CA GLU V 21 36.12 15.05 -42.27
C GLU V 21 34.96 14.54 -41.40
N ILE V 22 33.76 15.03 -41.68
CA ILE V 22 32.57 14.63 -40.95
C ILE V 22 31.62 13.96 -41.91
N ARG V 23 31.12 12.78 -41.54
CA ARG V 23 30.12 12.10 -42.35
C ARG V 23 28.91 11.74 -41.50
N ARG V 24 27.73 11.66 -42.13
CA ARG V 24 26.49 11.40 -41.39
C ARG V 24 25.64 10.27 -41.98
N PHE V 25 25.06 9.45 -41.10
CA PHE V 25 24.30 8.28 -41.54
C PHE V 25 23.41 7.76 -40.42
N SER V 26 22.71 6.66 -40.64
CA SER V 26 21.86 6.12 -39.58
C SER V 26 21.65 4.60 -39.62
N PHE V 27 21.52 4.02 -38.42
CA PHE V 27 21.06 2.65 -38.27
C PHE V 27 19.76 2.59 -37.47
N PRO V 43 25.67 -9.74 -37.10
CA PRO V 43 25.97 -10.03 -35.69
C PRO V 43 26.74 -8.91 -35.01
N GLY V 44 26.22 -8.41 -33.89
CA GLY V 44 26.88 -7.39 -33.10
C GLY V 44 26.54 -5.95 -33.47
N PRO V 45 25.89 -5.22 -32.54
CA PRO V 45 25.61 -3.80 -32.74
C PRO V 45 26.89 -3.00 -32.99
N CYS V 46 27.85 -3.06 -32.06
CA CYS V 46 29.09 -2.31 -32.24
C CYS V 46 29.92 -2.86 -33.39
N GLU V 47 29.81 -4.18 -33.61
CA GLU V 47 30.41 -4.82 -34.76
C GLU V 47 29.93 -4.10 -36.02
N ARG V 48 28.61 -4.15 -36.23
CA ARG V 48 27.96 -3.48 -37.36
C ARG V 48 28.36 -2.02 -37.50
N LEU V 49 28.11 -1.23 -36.46
CA LEU V 49 28.45 0.19 -36.48
C LEU V 49 29.90 0.46 -36.89
N LEU V 50 30.86 -0.23 -36.28
CA LEU V 50 32.26 -0.03 -36.62
C LEU V 50 32.54 -0.38 -38.10
N SER V 51 31.94 -1.46 -38.58
CA SER V 51 31.99 -1.79 -39.99
C SER V 51 31.54 -0.59 -40.84
N ARG V 52 30.36 -0.06 -40.51
CA ARG V 52 29.80 1.10 -41.19
C ARG V 52 30.82 2.23 -41.25
N VAL V 53 31.40 2.57 -40.09
CA VAL V 53 32.39 3.64 -40.05
C VAL V 53 33.54 3.38 -41.03
N ALA V 54 34.04 2.14 -41.07
CA ALA V 54 35.14 1.78 -41.97
C ALA V 54 34.76 1.89 -43.46
N ALA V 55 33.50 1.58 -43.76
CA ALA V 55 33.02 1.58 -45.13
C ALA V 55 32.58 2.96 -45.65
N LEU V 56 32.29 3.88 -44.73
CA LEU V 56 31.81 5.21 -45.13
C LEU V 56 32.94 6.21 -45.26
N PHE V 57 33.96 6.05 -44.41
CA PHE V 57 35.17 6.82 -44.58
C PHE V 57 36.09 5.98 -45.45
N PRO V 58 36.54 6.56 -46.57
CA PRO V 58 37.43 5.82 -47.47
C PRO V 58 38.77 5.50 -46.80
N ALA V 59 39.42 6.52 -46.23
CA ALA V 59 40.79 6.38 -45.70
C ALA V 59 40.90 5.37 -44.55
N LEU V 60 39.79 5.14 -43.86
CA LEU V 60 39.79 4.25 -42.72
C LEU V 60 39.80 2.80 -43.16
N ARG V 61 40.54 1.97 -42.42
CA ARG V 61 40.53 0.52 -42.60
C ARG V 61 40.04 -0.09 -41.30
N PRO V 62 39.29 -1.21 -41.39
CA PRO V 62 38.76 -1.86 -40.19
C PRO V 62 39.88 -2.32 -39.25
N GLY V 63 39.80 -1.96 -37.98
CA GLY V 63 40.80 -2.34 -36.99
C GLY V 63 41.95 -1.36 -36.85
N GLY V 64 42.08 -0.46 -37.81
CA GLY V 64 43.14 0.53 -37.81
C GLY V 64 42.69 1.92 -37.40
N PHE V 65 41.51 1.99 -36.74
CA PHE V 65 40.98 3.25 -36.22
C PHE V 65 40.36 3.09 -34.84
N GLN V 66 40.41 4.16 -34.06
CA GLN V 66 39.78 4.15 -32.73
C GLN V 66 38.62 5.15 -32.63
N ALA V 67 37.48 4.64 -32.16
CA ALA V 67 36.30 5.49 -31.98
C ALA V 67 36.15 5.97 -30.54
N HIS V 68 35.44 7.07 -30.37
CA HIS V 68 35.29 7.74 -29.09
C HIS V 68 33.90 8.35 -29.01
N TYR V 69 33.35 8.38 -27.80
CA TYR V 69 32.11 9.13 -27.56
C TYR V 69 32.48 10.33 -26.69
N ARG V 70 31.60 11.32 -26.61
CA ARG V 70 31.90 12.53 -25.86
C ARG V 70 31.24 12.54 -24.48
N ALA V 71 32.06 12.46 -23.43
CA ALA V 71 31.55 12.50 -22.05
C ALA V 71 31.27 13.94 -21.64
N GLU V 72 30.07 14.15 -21.10
CA GLU V 72 29.57 15.47 -20.69
C GLU V 72 30.54 16.22 -19.78
N ARG V 73 31.37 15.45 -19.07
CA ARG V 73 32.38 16.01 -18.19
C ARG V 73 33.28 16.99 -18.93
N GLY V 74 33.36 16.83 -20.24
CA GLY V 74 34.05 17.79 -21.11
C GLY V 74 35.00 17.11 -22.07
N ASP V 75 35.05 15.78 -22.01
CA ASP V 75 36.08 15.04 -22.73
C ASP V 75 35.55 13.86 -23.54
N LEU V 76 36.41 13.34 -24.42
CA LEU V 76 36.09 12.18 -25.23
C LEU V 76 36.73 10.93 -24.63
N VAL V 77 36.04 9.80 -24.75
CA VAL V 77 36.57 8.55 -24.22
C VAL V 77 36.30 7.41 -25.17
N ALA V 78 37.27 6.49 -25.30
CA ALA V 78 37.21 5.42 -26.27
C ALA V 78 36.15 4.38 -25.94
N PHE V 79 35.79 3.57 -26.93
CA PHE V 79 34.88 2.46 -26.74
C PHE V 79 35.12 1.36 -27.78
N SER V 80 34.63 0.16 -27.51
CA SER V 80 34.83 -0.99 -28.41
C SER V 80 33.72 -2.05 -28.40
N SER V 81 33.24 -2.43 -27.21
CA SER V 81 32.28 -3.53 -27.09
C SER V 81 30.84 -3.04 -27.18
N ASP V 82 29.90 -3.97 -27.31
CA ASP V 82 28.47 -3.67 -27.30
C ASP V 82 28.14 -2.96 -26.00
N GLU V 83 28.89 -3.31 -24.96
CA GLU V 83 28.74 -2.71 -23.64
C GLU V 83 29.07 -1.23 -23.69
N GLU V 84 30.30 -0.91 -24.10
CA GLU V 84 30.76 0.48 -24.14
C GLU V 84 30.06 1.29 -25.22
N LEU V 85 29.39 0.61 -26.14
CA LEU V 85 28.65 1.24 -27.22
C LEU V 85 27.27 1.64 -26.70
N THR V 86 26.63 0.71 -25.99
CA THR V 86 25.36 0.97 -25.33
C THR V 86 25.52 1.99 -24.20
N MET V 87 26.73 2.02 -23.63
CA MET V 87 27.11 2.94 -22.56
C MET V 87 27.55 4.27 -23.14
N ALA V 88 28.02 4.26 -24.39
CA ALA V 88 28.37 5.50 -25.08
C ALA V 88 27.13 6.37 -25.21
N MET V 89 26.03 5.73 -25.59
CA MET V 89 24.75 6.41 -25.73
C MET V 89 24.27 7.04 -24.42
N SER V 90 24.92 6.68 -23.31
CA SER V 90 24.51 7.18 -22.00
C SER V 90 25.03 8.58 -21.74
N TYR V 91 25.19 9.36 -22.80
CA TYR V 91 25.67 10.72 -22.68
C TYR V 91 25.06 11.60 -23.76
N VAL V 92 23.99 11.11 -24.39
CA VAL V 92 23.48 11.76 -25.59
C VAL V 92 21.96 12.08 -25.52
N LYS V 93 21.60 13.05 -24.68
CA LYS V 93 20.19 13.45 -24.49
C LYS V 93 19.64 14.16 -25.73
N ASP V 94 20.41 15.12 -26.22
CA ASP V 94 20.32 15.56 -27.60
C ASP V 94 20.36 14.27 -28.38
N ASP V 95 19.31 14.00 -29.17
CA ASP V 95 19.19 12.70 -29.83
C ASP V 95 19.94 12.62 -31.17
N ILE V 96 21.16 13.12 -31.18
CA ILE V 96 22.04 12.97 -32.34
C ILE V 96 23.41 12.48 -31.85
N PHE V 97 23.57 11.15 -31.85
CA PHE V 97 24.76 10.51 -31.30
C PHE V 97 26.03 10.83 -32.09
N ARG V 98 27.06 11.22 -31.35
CA ARG V 98 28.29 11.75 -31.93
C ARG V 98 29.45 10.81 -31.72
N ILE V 99 30.18 10.52 -32.80
CA ILE V 99 31.34 9.65 -32.73
C ILE V 99 32.59 10.41 -33.18
N TYR V 100 33.74 10.08 -32.59
CA TYR V 100 35.00 10.78 -32.90
C TYR V 100 36.10 9.76 -33.19
N ILE V 101 36.90 9.99 -34.22
CA ILE V 101 37.79 8.93 -34.72
C ILE V 101 39.28 9.29 -34.85
N LYS V 102 40.13 8.44 -34.27
CA LYS V 102 41.58 8.53 -34.44
C LYS V 102 42.10 7.30 -35.19
N GLU V 103 43.11 7.50 -36.03
CA GLU V 103 43.70 6.38 -36.78
C GLU V 103 44.88 5.77 -36.03
N PRO W 2 -29.96 -26.75 -2.96
CA PRO W 2 -28.90 -26.62 -3.97
C PRO W 2 -29.44 -26.82 -5.40
N HIS W 3 -29.07 -27.92 -6.05
CA HIS W 3 -29.54 -28.18 -7.42
C HIS W 3 -30.48 -29.37 -7.49
N MET W 4 -31.53 -29.25 -8.29
CA MET W 4 -32.45 -30.38 -8.48
C MET W 4 -32.48 -30.79 -9.95
N ARG W 5 -33.24 -31.85 -10.23
CA ARG W 5 -33.49 -32.29 -11.61
C ARG W 5 -34.04 -31.16 -12.49
N VAL W 6 -33.56 -31.10 -13.72
CA VAL W 6 -34.10 -30.16 -14.68
C VAL W 6 -34.89 -30.89 -15.74
N ARG W 7 -36.15 -30.53 -15.92
CA ARG W 7 -36.87 -31.02 -17.08
C ARG W 7 -36.69 -30.02 -18.25
N LEU W 8 -36.02 -30.50 -19.28
CA LEU W 8 -35.71 -29.74 -20.49
C LEU W 8 -36.79 -29.95 -21.52
N LYS W 9 -37.47 -28.88 -21.87
CA LYS W 9 -38.53 -28.90 -22.87
C LYS W 9 -38.12 -28.06 -24.06
N ALA W 10 -37.62 -28.71 -25.10
CA ALA W 10 -37.16 -28.04 -26.29
C ALA W 10 -38.25 -27.97 -27.33
N HIS W 11 -38.60 -26.76 -27.73
CA HIS W 11 -39.61 -26.53 -28.73
C HIS W 11 -38.96 -26.29 -30.06
N TYR W 12 -39.08 -27.24 -30.98
CA TYR W 12 -38.32 -27.13 -32.22
C TYR W 12 -38.96 -27.94 -33.32
N GLY W 13 -39.07 -27.32 -34.50
CA GLY W 13 -39.70 -27.90 -35.68
C GLY W 13 -41.05 -28.54 -35.43
N GLY W 14 -41.89 -27.83 -34.69
CA GLY W 14 -43.21 -28.35 -34.37
C GLY W 14 -43.22 -29.49 -33.36
N ASP W 15 -42.05 -29.92 -32.90
CA ASP W 15 -42.00 -30.95 -31.87
C ASP W 15 -41.80 -30.32 -30.48
N ILE W 16 -42.15 -31.09 -29.47
CA ILE W 16 -41.79 -30.74 -28.10
C ILE W 16 -40.98 -31.90 -27.52
N LEU W 17 -39.65 -31.78 -27.61
CA LEU W 17 -38.73 -32.82 -27.18
C LEU W 17 -38.39 -32.63 -25.72
N ILE W 18 -38.39 -33.72 -24.95
CA ILE W 18 -38.24 -33.62 -23.51
C ILE W 18 -37.19 -34.57 -22.96
N THR W 19 -36.33 -34.07 -22.07
CA THR W 19 -35.46 -34.95 -21.27
C THR W 19 -35.17 -34.35 -19.92
N SER W 20 -34.72 -35.20 -19.00
CA SER W 20 -34.40 -34.75 -17.65
C SER W 20 -32.91 -34.84 -17.38
N VAL W 21 -32.37 -33.82 -16.73
CA VAL W 21 -30.95 -33.79 -16.38
C VAL W 21 -30.78 -33.73 -14.87
N ASP W 22 -29.92 -34.60 -14.35
CA ASP W 22 -29.67 -34.66 -12.91
C ASP W 22 -28.32 -34.03 -12.56
N THR W 24 -24.44 -31.20 -9.13
CA THR W 24 -24.46 -29.84 -9.67
C THR W 24 -24.72 -29.85 -11.17
N THR W 25 -25.57 -28.93 -11.62
CA THR W 25 -25.90 -28.83 -13.04
C THR W 25 -25.47 -27.48 -13.60
N THR W 26 -24.77 -27.50 -14.73
CA THR W 26 -24.27 -26.28 -15.35
C THR W 26 -25.12 -25.85 -16.53
N PHE W 27 -25.03 -24.57 -16.88
CA PHE W 27 -25.77 -24.02 -17.99
C PHE W 27 -25.27 -24.65 -19.29
N GLN W 28 -23.97 -24.89 -19.33
CA GLN W 28 -23.33 -25.52 -20.48
C GLN W 28 -23.84 -26.96 -20.71
N ASP W 29 -24.01 -27.73 -19.62
CA ASP W 29 -24.60 -29.07 -19.66
C ASP W 29 -25.98 -29.08 -20.31
N LEU W 30 -26.81 -28.12 -19.92
CA LEU W 30 -28.15 -27.97 -20.46
C LEU W 30 -28.10 -27.69 -21.96
N CYS W 31 -27.26 -26.74 -22.39
CA CYS W 31 -27.22 -26.41 -23.82
C CYS W 31 -26.74 -27.62 -24.64
N GLU W 32 -25.78 -28.35 -24.09
CA GLU W 32 -25.24 -29.52 -24.77
C GLU W 32 -26.33 -30.57 -24.89
N GLU W 33 -27.03 -30.79 -23.77
CA GLU W 33 -28.11 -31.77 -23.72
C GLU W 33 -29.21 -31.45 -24.74
N VAL W 34 -29.50 -30.16 -24.89
CA VAL W 34 -30.48 -29.67 -25.87
C VAL W 34 -30.05 -29.86 -27.34
N ARG W 35 -28.81 -29.50 -27.68
CA ARG W 35 -28.34 -29.70 -29.05
C ARG W 35 -28.23 -31.19 -29.43
N ASP W 36 -27.81 -32.00 -28.48
CA ASP W 36 -27.79 -33.43 -28.65
C ASP W 36 -29.19 -33.99 -28.90
N MET W 37 -30.15 -33.59 -28.06
CA MET W 37 -31.51 -34.06 -28.20
C MET W 37 -32.18 -33.60 -29.52
N CYS W 38 -31.92 -32.37 -29.96
CA CYS W 38 -32.59 -31.86 -31.17
C CYS W 38 -31.75 -32.09 -32.41
N GLY W 39 -30.57 -32.66 -32.22
CA GLY W 39 -29.66 -32.93 -33.32
C GLY W 39 -29.16 -31.66 -33.98
N LEU W 40 -28.73 -30.69 -33.18
CA LEU W 40 -28.30 -29.40 -33.70
C LEU W 40 -26.78 -29.30 -33.75
N HIS W 41 -26.31 -28.46 -34.66
CA HIS W 41 -24.92 -28.01 -34.73
C HIS W 41 -24.49 -27.45 -33.37
N GLN W 42 -23.24 -27.73 -33.00
CA GLN W 42 -22.70 -27.33 -31.70
C GLN W 42 -22.82 -25.82 -31.41
N GLN W 43 -22.99 -24.99 -32.43
CA GLN W 43 -23.03 -23.54 -32.23
C GLN W 43 -24.39 -22.99 -32.49
N HIS W 44 -25.39 -23.85 -32.56
CA HIS W 44 -26.76 -23.41 -32.85
C HIS W 44 -27.26 -22.58 -31.68
N PRO W 45 -27.57 -21.30 -31.93
CA PRO W 45 -28.05 -20.34 -30.91
C PRO W 45 -29.35 -20.77 -30.23
N LEU W 46 -29.29 -20.87 -28.91
CA LEU W 46 -30.43 -21.26 -28.13
C LEU W 46 -30.95 -20.13 -27.27
N THR W 47 -32.24 -20.17 -26.97
CA THR W 47 -32.82 -19.31 -25.95
C THR W 47 -33.52 -20.17 -24.90
N LEU W 48 -33.13 -19.97 -23.65
CA LEU W 48 -33.63 -20.79 -22.55
C LEU W 48 -34.41 -19.96 -21.52
N LYS W 49 -35.62 -20.39 -21.20
CA LYS W 49 -36.47 -19.67 -20.25
C LYS W 49 -37.01 -20.58 -19.17
N TRP W 50 -37.14 -20.05 -17.96
CA TRP W 50 -37.87 -20.77 -16.94
C TRP W 50 -38.99 -19.85 -16.51
N VAL W 51 -40.17 -20.41 -16.23
CA VAL W 51 -41.29 -19.55 -15.89
C VAL W 51 -41.37 -19.52 -14.39
N ASP W 52 -41.41 -18.32 -13.83
CA ASP W 52 -41.34 -18.18 -12.37
C ASP W 52 -42.70 -18.25 -11.67
N SER W 53 -42.68 -17.92 -10.39
CA SER W 53 -43.88 -17.93 -9.56
C SER W 53 -45.00 -17.07 -10.12
N GLU W 54 -44.65 -16.08 -10.93
CA GLU W 54 -45.63 -15.10 -11.38
C GLU W 54 -45.98 -15.28 -12.84
N GLY W 55 -45.54 -16.41 -13.40
CA GLY W 55 -45.86 -16.78 -14.76
C GLY W 55 -45.09 -15.98 -15.79
N ASP W 56 -44.00 -15.37 -15.36
CA ASP W 56 -43.13 -14.67 -16.28
C ASP W 56 -41.99 -15.56 -16.77
N PRO W 57 -41.77 -15.57 -18.09
CA PRO W 57 -40.61 -16.27 -18.64
C PRO W 57 -39.33 -15.49 -18.41
N CYS W 58 -38.41 -16.12 -17.70
CA CYS W 58 -37.11 -15.55 -17.40
C CYS W 58 -36.05 -16.23 -18.23
N THR W 59 -35.30 -15.43 -18.96
CA THR W 59 -34.29 -15.95 -19.82
C THR W 59 -33.05 -16.26 -19.01
N VAL W 60 -32.48 -17.43 -19.19
CA VAL W 60 -31.23 -17.77 -18.56
C VAL W 60 -30.16 -18.03 -19.62
N SER W 61 -29.07 -17.29 -19.53
CA SER W 61 -28.02 -17.28 -20.53
C SER W 61 -26.69 -17.45 -19.83
N SER W 62 -26.73 -17.93 -18.59
CA SER W 62 -25.53 -17.99 -17.80
C SER W 62 -25.77 -18.87 -16.59
N GLN W 63 -24.69 -19.31 -15.97
CA GLN W 63 -24.77 -20.13 -14.77
C GLN W 63 -25.40 -19.37 -13.57
N MET W 64 -25.22 -18.05 -13.52
CA MET W 64 -25.75 -17.24 -12.43
C MET W 64 -27.29 -17.23 -12.40
N GLU W 65 -27.88 -17.05 -13.59
CA GLU W 65 -29.32 -16.98 -13.70
C GLU W 65 -29.91 -18.35 -13.44
N LEU W 66 -29.21 -19.39 -13.90
CA LEU W 66 -29.63 -20.76 -13.66
C LEU W 66 -29.63 -21.03 -12.18
N GLU W 67 -28.61 -20.49 -11.51
CA GLU W 67 -28.48 -20.71 -10.09
C GLU W 67 -29.62 -20.00 -9.36
N GLU W 68 -30.00 -18.82 -9.86
CA GLU W 68 -31.11 -18.10 -9.25
C GLU W 68 -32.42 -18.90 -9.41
N ALA W 69 -32.59 -19.51 -10.58
CA ALA W 69 -33.70 -20.42 -10.84
C ALA W 69 -33.73 -21.59 -9.87
N PHE W 70 -32.58 -22.21 -9.62
CA PHE W 70 -32.49 -23.34 -8.71
C PHE W 70 -32.88 -22.91 -7.31
N ARG W 71 -32.30 -21.81 -6.86
CA ARG W 71 -32.57 -21.24 -5.55
C ARG W 71 -34.07 -21.02 -5.35
N LEU W 72 -34.70 -20.34 -6.29
CA LEU W 72 -36.11 -20.02 -6.18
C LEU W 72 -37.01 -21.25 -6.27
N ALA W 73 -36.59 -22.21 -7.09
CA ALA W 73 -37.37 -23.42 -7.28
C ALA W 73 -37.37 -24.20 -5.98
N CYS W 74 -36.20 -24.25 -5.34
CA CYS W 74 -35.98 -24.95 -4.08
C CYS W 74 -36.72 -24.28 -2.92
N GLN W 75 -36.66 -22.95 -2.85
CA GLN W 75 -37.43 -22.20 -1.88
C GLN W 75 -38.94 -22.47 -2.06
N GLY W 76 -39.38 -22.56 -3.31
CA GLY W 76 -40.77 -22.92 -3.58
C GLY W 76 -41.09 -24.40 -3.38
N ARG W 77 -40.08 -25.18 -3.00
CA ARG W 77 -40.21 -26.62 -2.80
C ARG W 77 -40.70 -27.38 -4.05
N ASP W 78 -40.17 -27.02 -5.21
CA ASP W 78 -40.42 -27.78 -6.43
C ASP W 78 -39.48 -28.96 -6.41
N GLU W 79 -39.81 -30.04 -7.12
CA GLU W 79 -38.90 -31.17 -7.14
C GLU W 79 -38.21 -31.29 -8.49
N VAL W 80 -38.73 -30.57 -9.47
CA VAL W 80 -38.10 -30.48 -10.77
C VAL W 80 -38.07 -28.99 -11.15
N LEU W 81 -37.14 -28.59 -12.00
CA LEU W 81 -37.11 -27.24 -12.56
C LEU W 81 -37.38 -27.38 -14.05
N ILE W 82 -38.36 -26.68 -14.56
CA ILE W 82 -38.69 -26.83 -15.97
C ILE W 82 -37.99 -25.75 -16.78
N ILE W 83 -37.21 -26.16 -17.78
CA ILE W 83 -36.59 -25.17 -18.67
C ILE W 83 -37.09 -25.30 -20.11
N HIS W 84 -37.67 -24.24 -20.64
CA HIS W 84 -38.16 -24.21 -22.02
C HIS W 84 -37.08 -23.69 -22.94
N VAL W 85 -36.80 -24.43 -24.00
CA VAL W 85 -35.73 -24.08 -24.92
C VAL W 85 -36.26 -23.86 -26.32
N PHE W 86 -35.78 -22.79 -26.94
CA PHE W 86 -36.18 -22.36 -28.26
C PHE W 86 -34.92 -22.18 -29.08
N PRO W 87 -34.61 -23.17 -29.90
CA PRO W 87 -33.48 -22.94 -30.77
C PRO W 87 -33.91 -21.89 -31.78
N SER W 88 -32.99 -21.04 -32.22
CA SER W 88 -33.29 -20.03 -33.21
C SER W 88 -33.63 -20.65 -34.57
N ILE W 89 -34.55 -20.03 -35.29
CA ILE W 89 -34.93 -20.54 -36.60
C ILE W 89 -34.11 -19.87 -37.70
N PRO W 90 -33.38 -20.68 -38.48
CA PRO W 90 -32.60 -20.19 -39.63
C PRO W 90 -33.49 -19.75 -40.79
N MET X 4 -30.28 -9.90 3.68
CA MET X 4 -29.05 -9.28 3.20
C MET X 4 -29.06 -9.22 1.66
N SER X 5 -29.05 -10.41 1.06
CA SER X 5 -29.08 -10.55 -0.39
C SER X 5 -30.45 -10.13 -0.92
N LEU X 6 -30.41 -9.35 -1.98
CA LEU X 6 -31.57 -8.87 -2.68
C LEU X 6 -31.99 -9.84 -3.79
N THR X 7 -33.29 -10.03 -3.92
CA THR X 7 -33.86 -10.91 -4.92
C THR X 7 -34.38 -10.05 -6.08
N VAL X 8 -33.66 -10.12 -7.18
CA VAL X 8 -33.81 -9.15 -8.25
C VAL X 8 -34.53 -9.72 -9.47
N LYS X 9 -35.53 -8.98 -9.92
CA LYS X 9 -36.23 -9.31 -11.14
C LYS X 9 -36.16 -8.10 -12.02
N ALA X 10 -35.46 -8.25 -13.15
CA ALA X 10 -35.12 -7.12 -14.02
C ALA X 10 -35.85 -7.21 -15.34
N TYR X 11 -36.54 -6.14 -15.67
CA TYR X 11 -37.36 -6.06 -16.89
C TYR X 11 -36.63 -5.18 -17.90
N LEU X 12 -36.46 -5.67 -19.12
CA LEU X 12 -35.94 -4.84 -20.18
C LEU X 12 -37.16 -4.33 -20.94
N LEU X 13 -37.23 -3.04 -21.21
CA LEU X 13 -38.51 -2.45 -21.65
C LEU X 13 -38.66 -2.17 -23.15
N GLY X 14 -39.90 -2.27 -23.64
CA GLY X 14 -40.26 -1.76 -24.96
C GLY X 14 -41.75 -1.48 -25.21
N LYS X 15 -42.06 -0.84 -26.34
CA LYS X 15 -43.46 -0.64 -26.69
C LYS X 15 -44.14 0.24 -25.63
N GLU X 16 -43.45 1.27 -25.17
CA GLU X 16 -43.90 2.01 -23.97
C GLU X 16 -43.90 1.04 -22.81
N ASP X 17 -42.69 0.60 -22.44
CA ASP X 17 -42.41 -0.04 -21.16
C ASP X 17 -42.95 -1.47 -20.96
N ALA X 18 -43.52 -2.06 -22.00
CA ALA X 18 -43.86 -3.48 -21.90
C ALA X 18 -42.56 -4.30 -21.98
N ALA X 19 -42.49 -5.38 -21.22
CA ALA X 19 -41.26 -6.15 -21.11
C ALA X 19 -40.89 -6.94 -22.37
N ARG X 20 -39.69 -6.67 -22.86
CA ARG X 20 -39.06 -7.42 -23.95
C ARG X 20 -38.53 -8.75 -23.42
N GLU X 21 -37.82 -8.70 -22.29
CA GLU X 21 -37.27 -9.88 -21.64
C GLU X 21 -37.05 -9.63 -20.16
N ILE X 22 -37.16 -10.68 -19.38
CA ILE X 22 -37.02 -10.57 -17.95
C ILE X 22 -35.89 -11.48 -17.53
N ARG X 23 -35.02 -11.00 -16.65
CA ARG X 23 -33.94 -11.82 -16.11
C ARG X 23 -33.88 -11.68 -14.60
N ARG X 24 -33.75 -12.82 -13.93
CA ARG X 24 -33.82 -12.84 -12.49
C ARG X 24 -32.49 -13.32 -11.91
N PHE X 25 -32.03 -12.61 -10.89
CA PHE X 25 -30.77 -12.95 -10.22
C PHE X 25 -30.77 -12.45 -8.79
N SER X 26 -29.95 -13.03 -7.93
CA SER X 26 -29.79 -12.48 -6.58
C SER X 26 -28.51 -11.61 -6.53
N PHE X 27 -28.36 -10.82 -5.45
CA PHE X 27 -27.28 -9.85 -5.35
C PHE X 27 -27.02 -9.39 -3.91
N CYS X 28 -25.79 -9.34 -3.44
CA CYS X 28 -25.57 -8.84 -2.08
C CYS X 28 -25.26 -7.32 -1.96
N CYS X 29 -26.28 -6.57 -1.49
CA CYS X 29 -26.19 -5.10 -1.24
C CYS X 29 -25.27 -4.92 -0.06
N PRO X 43 -16.90 -0.23 -7.28
CA PRO X 43 -16.81 -1.17 -6.15
C PRO X 43 -17.97 -1.03 -5.15
N GLY X 44 -18.75 0.05 -5.25
CA GLY X 44 -19.93 0.22 -4.42
C GLY X 44 -21.15 -0.58 -4.88
N PRO X 45 -22.15 -0.73 -3.97
CA PRO X 45 -23.39 -1.49 -4.19
C PRO X 45 -24.10 -1.18 -5.52
N CYS X 46 -24.43 0.10 -5.75
CA CYS X 46 -25.17 0.46 -6.96
C CYS X 46 -24.41 0.18 -8.25
N GLU X 47 -23.15 0.61 -8.29
CA GLU X 47 -22.29 0.35 -9.45
C GLU X 47 -22.17 -1.17 -9.71
N ARG X 48 -21.85 -1.93 -8.65
CA ARG X 48 -21.80 -3.39 -8.72
C ARG X 48 -23.05 -3.95 -9.37
N LEU X 49 -24.21 -3.42 -8.95
CA LEU X 49 -25.49 -3.89 -9.44
C LEU X 49 -25.70 -3.56 -10.92
N LEU X 50 -25.46 -2.30 -11.29
CA LEU X 50 -25.59 -1.90 -12.68
C LEU X 50 -24.66 -2.72 -13.58
N SER X 51 -23.50 -3.09 -13.03
CA SER X 51 -22.55 -3.94 -13.75
C SER X 51 -23.13 -5.33 -13.99
N ARG X 52 -23.58 -5.98 -12.91
CA ARG X 52 -24.31 -7.23 -12.99
C ARG X 52 -25.38 -7.20 -14.07
N VAL X 53 -26.12 -6.08 -14.13
CA VAL X 53 -27.21 -5.90 -15.09
C VAL X 53 -26.70 -5.76 -16.52
N ALA X 54 -25.51 -5.16 -16.66
CA ALA X 54 -24.85 -4.96 -17.96
C ALA X 54 -24.39 -6.30 -18.51
N ALA X 55 -23.85 -7.10 -17.63
CA ALA X 55 -23.32 -8.39 -18.02
C ALA X 55 -24.43 -9.42 -18.30
N LEU X 56 -25.54 -9.36 -17.55
CA LEU X 56 -26.58 -10.41 -17.68
C LEU X 56 -27.40 -10.28 -18.92
N PHE X 57 -27.61 -9.03 -19.35
CA PHE X 57 -28.35 -8.75 -20.57
C PHE X 57 -27.39 -8.58 -21.73
N PRO X 58 -27.41 -9.53 -22.68
CA PRO X 58 -26.52 -9.54 -23.85
C PRO X 58 -26.60 -8.25 -24.68
N ALA X 59 -27.80 -7.69 -24.82
CA ALA X 59 -28.01 -6.50 -25.66
C ALA X 59 -27.54 -5.19 -25.02
N LEU X 60 -27.33 -5.22 -23.71
CA LEU X 60 -26.93 -4.02 -22.98
C LEU X 60 -25.41 -3.86 -22.90
N ARG X 61 -24.95 -2.64 -23.16
CA ARG X 61 -23.55 -2.27 -22.96
C ARG X 61 -23.51 -1.33 -21.76
N PRO X 62 -22.45 -1.40 -20.93
CA PRO X 62 -22.35 -0.50 -19.77
C PRO X 62 -22.41 0.96 -20.22
N GLY X 63 -23.24 1.78 -19.56
CA GLY X 63 -23.46 3.15 -19.94
C GLY X 63 -24.51 3.36 -21.02
N GLY X 64 -25.02 2.26 -21.59
CA GLY X 64 -25.98 2.38 -22.68
C GLY X 64 -27.43 2.30 -22.23
N PHE X 65 -27.63 2.21 -20.92
CA PHE X 65 -28.97 1.99 -20.36
C PHE X 65 -29.21 2.77 -19.06
N GLN X 66 -30.49 3.02 -18.78
CA GLN X 66 -30.91 3.62 -17.52
C GLN X 66 -31.77 2.62 -16.74
N ALA X 67 -31.53 2.50 -15.44
CA ALA X 67 -32.22 1.56 -14.56
C ALA X 67 -33.20 2.24 -13.60
N HIS X 68 -34.41 1.69 -13.50
CA HIS X 68 -35.48 2.31 -12.75
C HIS X 68 -36.02 1.39 -11.69
N TYR X 69 -36.65 2.00 -10.70
CA TYR X 69 -37.58 1.25 -9.89
C TYR X 69 -38.95 1.86 -10.11
N ARG X 70 -39.96 1.26 -9.50
CA ARG X 70 -41.32 1.72 -9.67
C ARG X 70 -41.80 2.30 -8.38
N ALA X 71 -42.17 3.57 -8.43
CA ALA X 71 -42.62 4.29 -7.27
C ALA X 71 -44.11 4.02 -7.10
N GLU X 72 -44.63 4.31 -5.91
CA GLU X 72 -46.06 4.44 -5.67
C GLU X 72 -46.75 5.11 -6.87
N ARG X 73 -47.92 4.59 -7.24
CA ARG X 73 -48.67 4.93 -8.47
C ARG X 73 -48.05 4.29 -9.72
N GLY X 74 -47.09 3.40 -9.48
CA GLY X 74 -46.34 2.77 -10.55
C GLY X 74 -45.61 3.77 -11.45
N ASP X 75 -44.69 4.55 -10.89
CA ASP X 75 -43.94 5.49 -11.72
C ASP X 75 -42.51 5.01 -11.97
N LEU X 76 -41.96 5.33 -13.13
CA LEU X 76 -40.59 4.88 -13.42
C LEU X 76 -39.53 5.88 -13.02
N VAL X 77 -38.95 5.68 -11.83
CA VAL X 77 -37.87 6.57 -11.38
C VAL X 77 -36.45 5.97 -11.45
N ALA X 78 -35.61 6.66 -12.21
CA ALA X 78 -34.23 6.26 -12.43
C ALA X 78 -33.39 6.39 -11.15
N PHE X 79 -32.47 5.46 -10.97
CA PHE X 79 -31.54 5.51 -9.85
C PHE X 79 -30.15 5.09 -10.34
N SER X 80 -29.13 5.79 -9.86
CA SER X 80 -27.76 5.54 -10.30
C SER X 80 -26.73 5.89 -9.22
N SER X 81 -27.18 5.95 -7.98
CA SER X 81 -26.27 6.10 -6.85
C SER X 81 -26.73 5.20 -5.72
N ASP X 82 -25.82 4.93 -4.77
CA ASP X 82 -26.14 4.13 -3.58
C ASP X 82 -27.40 4.61 -2.85
N GLU X 83 -27.45 5.90 -2.54
CA GLU X 83 -28.57 6.51 -1.83
C GLU X 83 -29.91 6.28 -2.56
N GLU X 84 -29.92 6.51 -3.86
CA GLU X 84 -31.11 6.30 -4.68
C GLU X 84 -31.51 4.83 -4.74
N LEU X 85 -30.52 3.95 -4.69
CA LEU X 85 -30.75 2.51 -4.65
C LEU X 85 -31.48 2.13 -3.35
N THR X 86 -31.02 2.66 -2.22
CA THR X 86 -31.71 2.36 -0.95
C THR X 86 -33.12 2.94 -0.93
N MET X 87 -33.27 4.13 -1.54
CA MET X 87 -34.60 4.70 -1.76
C MET X 87 -35.50 3.71 -2.51
N ALA X 88 -35.00 3.22 -3.64
CA ALA X 88 -35.66 2.20 -4.44
C ALA X 88 -36.11 1.02 -3.59
N MET X 89 -35.16 0.46 -2.85
CA MET X 89 -35.42 -0.71 -2.02
C MET X 89 -36.56 -0.52 -1.00
N SER X 90 -36.66 0.67 -0.41
CA SER X 90 -37.75 0.92 0.54
C SER X 90 -39.12 0.82 -0.15
N TYR X 91 -39.14 0.90 -1.48
CA TYR X 91 -40.37 0.84 -2.24
C TYR X 91 -40.90 -0.56 -2.54
N VAL X 92 -40.19 -1.60 -2.12
CA VAL X 92 -40.74 -2.92 -2.38
C VAL X 92 -40.64 -3.87 -1.19
N LYS X 93 -41.80 -4.14 -0.59
CA LYS X 93 -41.87 -5.07 0.54
C LYS X 93 -42.48 -6.41 0.11
N ASP X 94 -43.21 -6.38 -1.00
CA ASP X 94 -43.34 -7.55 -1.86
C ASP X 94 -41.89 -8.03 -1.97
N ASP X 95 -41.61 -9.26 -1.61
CA ASP X 95 -40.22 -9.64 -1.46
C ASP X 95 -39.61 -9.92 -2.82
N ILE X 96 -39.44 -8.85 -3.59
CA ILE X 96 -38.68 -8.90 -4.81
C ILE X 96 -38.37 -7.50 -5.35
N PHE X 97 -37.10 -7.12 -5.39
CA PHE X 97 -36.71 -5.84 -6.00
C PHE X 97 -36.86 -5.87 -7.52
N ARG X 98 -37.82 -5.10 -8.04
CA ARG X 98 -38.04 -5.09 -9.48
C ARG X 98 -37.37 -3.88 -10.10
N ILE X 99 -36.58 -4.13 -11.14
CA ILE X 99 -35.84 -3.10 -11.84
C ILE X 99 -36.33 -3.03 -13.26
N TYR X 100 -36.54 -1.84 -13.79
CA TYR X 100 -37.08 -1.72 -15.14
C TYR X 100 -36.07 -0.94 -15.95
N ILE X 101 -35.65 -1.51 -17.06
CA ILE X 101 -34.50 -0.99 -17.77
C ILE X 101 -34.89 -0.43 -19.12
N LYS X 102 -34.31 0.71 -19.48
CA LYS X 102 -34.43 1.20 -20.85
C LYS X 102 -33.07 1.47 -21.49
N GLU X 103 -32.98 1.23 -22.80
CA GLU X 103 -31.76 1.51 -23.54
C GLU X 103 -31.57 3.01 -23.73
N LYS X 104 -30.51 3.38 -24.43
CA LYS X 104 -30.30 4.76 -24.83
C LYS X 104 -30.03 4.85 -26.34
C1 EDO Y . 60.10 32.39 -3.07
O1 EDO Y . 60.40 32.54 -1.67
C2 EDO Y . 60.55 30.97 -3.38
O2 EDO Y . 59.50 30.11 -2.86
C1 EDO Z . -3.82 6.09 36.61
O1 EDO Z . -5.02 6.62 37.19
C2 EDO Z . -3.18 5.11 37.57
O2 EDO Z . -1.75 5.19 37.48
C1 EDO AA . -37.74 28.60 2.44
O1 EDO AA . -37.90 29.21 1.16
C2 EDO AA . -38.98 28.86 3.28
O2 EDO AA . -40.15 28.47 2.56
C1 EDO BA . -39.91 -2.69 -7.29
O1 EDO BA . -39.50 -2.35 -5.96
C2 EDO BA . -39.72 -1.49 -8.20
O2 EDO BA . -39.07 -0.43 -7.48
#